data_9NHH
#
_entry.id   9NHH
#
_cell.length_a   1.00
_cell.length_b   1.00
_cell.length_c   1.00
_cell.angle_alpha   90.00
_cell.angle_beta   90.00
_cell.angle_gamma   90.00
#
_symmetry.space_group_name_H-M   'P 1'
#
loop_
_entity.id
_entity.type
_entity.pdbx_description
1 polymer 'RQk-Base-A pAb heavy chain'
2 polymer 'RQk-Base-A pAb light chain'
3 polymer 'AMC016v4.2 envelope glycoprotein gp120'
4 polymer 'AMC016v4.2 transmembrane protein gp41'
5 branched beta-D-mannopyranose-(1-4)-2-acetamido-2-deoxy-beta-D-glucopyranose-(1-4)-2-acetamido-2-deoxy-beta-D-glucopyranose
6 branched 2-acetamido-2-deoxy-beta-D-glucopyranose-(1-4)-2-acetamido-2-deoxy-beta-D-glucopyranose
7 branched alpha-D-mannopyranose-(1-3)-[alpha-D-mannopyranose-(1-6)]beta-D-mannopyranose-(1-4)-2-acetamido-2-deoxy-beta-D-glucopyranose-(1-4)-2-acetamido-2-deoxy-beta-D-glucopyranose
8 non-polymer 2-acetamido-2-deoxy-beta-D-glucopyranose
#
loop_
_entity_poly.entity_id
_entity_poly.type
_entity_poly.pdbx_seq_one_letter_code
_entity_poly.pdbx_strand_id
1 'polypeptide(L)'
;(UNK)(UNK)(UNK)(UNK)(UNK)(UNK)(UNK)(UNK)(UNK)(UNK)(UNK)(UNK)(UNK)(UNK)(UNK)(UNK)
(UNK)(UNK)(UNK)(UNK)(UNK)C(UNK)(UNK)(UNK)(UNK)(UNK)(UNK)(UNK)(UNK)(UNK)(UNK)
(UNK)(UNK)W(UNK)(UNK)(UNK)(UNK)(UNK)(UNK)(UNK)(UNK)(UNK)(UNK)(UNK)(UNK)(UNK)
(UNK)(UNK)(UNK)(UNK)(UNK)(UNK)(UNK)(UNK)(UNK)(UNK)(UNK)(UNK)(UNK)(UNK)(UNK)(UNK)
(UNK)(UNK)(UNK)(UNK)(UNK)(UNK)(UNK)(UNK)(UNK)(UNK)(UNK)(UNK)(UNK)(UNK)(UNK)(UNK)
(UNK)(UNK)(UNK)(UNK)(UNK)(UNK)(UNK)(UNK)(UNK)(UNK)(UNK)(UNK)(UNK)(UNK)(UNK)(UNK)
C(UNK)(UNK)(UNK)(UNK)(UNK)(UNK)(UNK)(UNK)(UNK)(UNK)(UNK)(UNK)(UNK)(UNK)(UNK)
(UNK)(UNK)(UNK)(UNK)(UNK)(UNK)W(UNK)(UNK)(UNK)(UNK)(UNK)(UNK)(UNK)(UNK)(UNK)
(UNK)
;
H
2 'polypeptide(L)'
;(UNK)(UNK)(UNK)(UNK)(UNK)(UNK)(UNK)(UNK)(UNK)(UNK)(UNK)(UNK)(UNK)(UNK)(UNK)(UNK)
(UNK)(UNK)(UNK)(UNK)(UNK)C(UNK)(UNK)(UNK)(UNK)(UNK)(UNK)(UNK)(UNK)(UNK)(UNK)
(UNK)W(UNK)(UNK)(UNK)(UNK)(UNK)(UNK)(UNK)(UNK)(UNK)(UNK)(UNK)(UNK)(UNK)(UNK)
(UNK)(UNK)(UNK)(UNK)(UNK)(UNK)(UNK)(UNK)(UNK)(UNK)(UNK)(UNK)(UNK)(UNK)(UNK)(UNK)
(UNK)(UNK)(UNK)(UNK)(UNK)(UNK)(UNK)(UNK)(UNK)(UNK)(UNK)(UNK)(UNK)(UNK)(UNK)(UNK)
(UNK)(UNK)(UNK)(UNK)(UNK)(UNK)C(UNK)(UNK)(UNK)(UNK)(UNK)(UNK)(UNK)(UNK)F(UNK)
(UNK)(UNK)(UNK)(UNK)(UNK)(UNK)(UNK)
;
L
3 'polypeptide(L)'
;AEEELWVTVYYGVPVWKEATTTLFCASDAKAYDTEVHNVWATHCCVPTDPSPQEVVLENVTENFNMWKNNMVEQMHEDII
SLWDQSLKPCVKLTPLCVTLNCTDLGNATDAINRNTTDAPNSTLRTMEEKGEIKNCSFNITTSVRDKMQKEYATFYKLDI
VPIDNDNNSYRLINCNTSVITQACPKVSFEPIPIHYCAPAGFAILKCNNKTFNGTGPCTNVSTVQCTHGIRPVVSTQLLL
NGSLAEEEIVIRSENFTDNGKTIIVQLNESVEINCTRPNNNTRKSIHIGPGRAFYTTGQIIGNIRQAHCNISRAKWNNTL
HKIVKKLREQFRNKTIVFKQSSGGDPEIVMHSFNCGGEFFYCNSTQLFNSTWYGNESSDNPGVEGNITLPCRIKQIINLW
QEVGKAMYAPPIGGQIRCSSNITGLLLTRDGGNNNITTEIFRPGGGDMRDNWRSELYKYKVVKIEPLGVAPTKCKRRVVQ
;
A,E,F
4 'polypeptide(L)'
;AVGIGAVFLGFLGAAGSTMGAASMTLTVQARQLLSGIVQQQSNLLRAPECQQHLLKDTHWGIKQLQARVLAVEHYLKDQQ
LLGIWGCSGKLICTTAVPWNATWSNKTLDNIWNNMTWMEWEKEISNYTNLIYNLIEESQNQQEKNETENLTLC
;
B,C,D
#
# COMPACT_ATOMS: atom_id res chain seq x y z
N UNK A 1 -61.02 0.54 -12.10
CA UNK A 1 -61.69 -0.19 -10.98
C UNK A 1 -61.08 -1.57 -10.79
N UNK A 2 -60.28 -1.74 -9.73
CA UNK A 2 -59.59 -3.00 -9.46
C UNK A 2 -60.55 -4.00 -8.81
N UNK A 3 -61.59 -4.36 -9.56
CA UNK A 3 -62.58 -5.31 -9.08
C UNK A 3 -62.05 -6.75 -9.08
N UNK A 4 -62.53 -7.51 -8.11
CA UNK A 4 -62.31 -8.95 -8.05
C UNK A 4 -63.34 -9.63 -8.93
N UNK A 5 -62.97 -10.74 -9.57
CA UNK A 5 -63.91 -11.48 -10.43
C UNK A 5 -63.95 -12.97 -10.07
N UNK A 6 -64.79 -13.30 -9.11
CA UNK A 6 -64.91 -14.65 -8.56
C UNK A 6 -65.55 -15.62 -9.55
N UNK A 7 -65.17 -16.89 -9.44
CA UNK A 7 -65.74 -17.99 -10.20
C UNK A 7 -65.65 -19.23 -9.32
N UNK A 8 -66.51 -20.21 -9.62
CA UNK A 8 -66.49 -21.45 -8.85
C UNK A 8 -66.99 -22.62 -9.69
N UNK A 9 -66.56 -23.82 -9.28
CA UNK A 9 -67.04 -25.05 -9.89
C UNK A 9 -68.54 -25.28 -9.68
N UNK A 10 -69.12 -24.68 -8.63
CA UNK A 10 -70.52 -24.84 -8.25
C UNK A 10 -70.83 -26.30 -7.92
N UNK A 11 -71.62 -27.01 -8.73
CA UNK A 11 -71.96 -28.38 -8.41
C UNK A 11 -70.72 -29.24 -8.28
N UNK A 12 -70.69 -30.07 -7.23
CA UNK A 12 -69.57 -30.97 -6.99
C UNK A 12 -70.03 -32.19 -6.23
N UNK A 13 -69.26 -33.26 -6.36
CA UNK A 13 -69.47 -34.47 -5.59
C UNK A 13 -69.17 -34.19 -4.12
N UNK A 14 -69.90 -34.86 -3.23
CA UNK A 14 -69.63 -34.66 -1.81
C UNK A 14 -68.22 -35.14 -1.49
N UNK A 15 -67.55 -34.38 -0.62
CA UNK A 15 -66.19 -34.59 -0.15
C UNK A 15 -65.16 -34.28 -1.22
N UNK A 16 -65.57 -33.62 -2.32
CA UNK A 16 -64.70 -33.14 -3.37
C UNK A 16 -63.98 -31.88 -2.90
N UNK A 17 -62.90 -31.52 -3.59
CA UNK A 17 -62.26 -30.25 -3.29
C UNK A 17 -63.17 -29.11 -3.73
N UNK A 18 -63.24 -28.05 -2.91
CA UNK A 18 -64.05 -26.86 -3.21
C UNK A 18 -63.32 -25.95 -4.17
N UNK A 19 -63.15 -26.43 -5.41
CA UNK A 19 -62.40 -25.65 -6.38
C UNK A 19 -63.07 -24.31 -6.64
N UNK A 20 -62.26 -23.26 -6.65
CA UNK A 20 -62.74 -21.91 -6.89
C UNK A 20 -61.58 -21.09 -7.44
N UNK A 21 -61.93 -19.96 -8.05
CA UNK A 21 -60.95 -19.06 -8.63
C UNK A 21 -61.48 -17.64 -8.50
N CYS A 22 -60.57 -16.68 -8.55
CA CYS A 22 -60.97 -15.28 -8.48
C CYS A 22 -59.95 -14.45 -9.25
N UNK A 23 -60.32 -13.96 -10.42
CA UNK A 23 -59.39 -13.23 -11.24
C UNK A 23 -59.14 -11.84 -10.65
N UNK A 24 -57.91 -11.36 -10.83
CA UNK A 24 -57.51 -10.00 -10.45
C UNK A 24 -57.85 -9.04 -11.59
N UNK A 25 -59.15 -8.83 -11.79
CA UNK A 25 -59.59 -7.99 -12.90
C UNK A 25 -59.09 -6.56 -12.71
N UNK A 26 -58.48 -6.02 -13.76
CA UNK A 26 -57.90 -4.67 -13.77
C UNK A 26 -56.97 -4.45 -12.59
N UNK A 27 -56.24 -5.50 -12.21
CA UNK A 27 -55.30 -5.44 -11.10
C UNK A 27 -54.24 -6.51 -11.31
N UNK A 28 -53.07 -6.28 -10.71
CA UNK A 28 -52.04 -7.30 -10.68
C UNK A 28 -52.31 -8.28 -9.53
N UNK A 29 -52.05 -9.57 -9.79
CA UNK A 29 -52.10 -10.53 -8.70
C UNK A 29 -50.97 -10.31 -7.72
N UNK A 30 -49.80 -9.89 -8.22
CA UNK A 30 -48.65 -9.57 -7.39
C UNK A 30 -48.69 -8.07 -7.08
N UNK A 31 -49.20 -7.73 -5.90
CA UNK A 31 -49.44 -6.35 -5.51
C UNK A 31 -49.36 -6.26 -4.01
N UNK A 32 -49.22 -5.04 -3.49
CA UNK A 32 -49.21 -4.83 -2.04
C UNK A 32 -50.65 -4.82 -1.55
N UNK A 33 -51.23 -6.02 -1.56
CA UNK A 33 -52.62 -6.24 -1.15
C UNK A 33 -52.72 -7.68 -0.67
N UNK A 34 -53.68 -7.94 0.23
CA UNK A 34 -53.96 -9.29 0.68
C UNK A 34 -55.25 -9.76 0.03
N TRP A 35 -55.19 -10.90 -0.66
CA TRP A 35 -56.34 -11.45 -1.36
C TRP A 35 -56.96 -12.50 -0.45
N UNK A 36 -58.29 -12.52 -0.35
CA UNK A 36 -58.89 -13.50 0.55
C UNK A 36 -60.22 -14.02 0.05
N UNK A 37 -60.51 -15.24 0.48
CA UNK A 37 -61.75 -15.96 0.26
C UNK A 37 -62.54 -15.93 1.55
N UNK A 38 -63.87 -15.86 1.41
CA UNK A 38 -64.78 -15.84 2.55
C UNK A 38 -66.06 -16.50 2.09
N UNK A 39 -66.90 -16.91 3.04
CA UNK A 39 -68.14 -17.54 2.62
C UNK A 39 -69.29 -17.26 3.59
N UNK A 40 -70.50 -17.32 3.03
CA UNK A 40 -71.75 -17.14 3.74
C UNK A 40 -72.42 -18.49 3.91
N UNK A 41 -72.57 -18.94 5.17
CA UNK A 41 -73.07 -20.26 5.51
C UNK A 41 -74.60 -20.28 5.39
N UNK A 42 -75.07 -20.22 4.15
CA UNK A 42 -76.49 -20.15 3.83
C UNK A 42 -77.15 -18.95 4.50
N UNK A 43 -76.42 -17.83 4.54
CA UNK A 43 -76.82 -16.57 5.15
C UNK A 43 -77.05 -16.65 6.65
N UNK A 44 -76.66 -17.75 7.31
CA UNK A 44 -76.81 -17.80 8.75
C UNK A 44 -75.75 -16.93 9.42
N UNK A 45 -74.55 -16.91 8.85
CA UNK A 45 -73.43 -16.14 9.37
C UNK A 45 -72.41 -15.97 8.24
N UNK A 46 -71.62 -14.91 8.33
CA UNK A 46 -70.47 -14.72 7.45
C UNK A 46 -69.22 -15.17 8.19
N UNK A 47 -68.27 -15.72 7.45
CA UNK A 47 -66.99 -16.08 8.04
C UNK A 47 -65.88 -15.97 7.00
N UNK A 48 -64.68 -15.64 7.48
CA UNK A 48 -63.51 -15.67 6.62
C UNK A 48 -63.10 -17.11 6.41
N UNK A 49 -62.57 -17.42 5.23
CA UNK A 49 -62.10 -18.75 4.91
C UNK A 49 -60.59 -18.81 4.73
N UNK A 50 -60.00 -17.89 3.98
CA UNK A 50 -58.57 -18.01 3.72
C UNK A 50 -58.04 -16.68 3.20
N UNK A 51 -56.73 -16.50 3.31
CA UNK A 51 -56.11 -15.32 2.72
C UNK A 51 -54.69 -15.65 2.30
N UNK A 52 -54.20 -14.89 1.31
CA UNK A 52 -52.84 -14.98 0.84
C UNK A 52 -52.31 -13.57 0.59
N UNK A 53 -51.11 -13.31 1.08
CA UNK A 53 -50.45 -12.01 0.96
C UNK A 53 -49.58 -12.02 -0.29
N UNK A 54 -50.04 -11.30 -1.31
CA UNK A 54 -49.36 -11.19 -2.59
C UNK A 54 -48.00 -10.51 -2.46
N UNK A 55 -47.88 -9.59 -1.49
CA UNK A 55 -46.62 -8.89 -1.26
C UNK A 55 -45.49 -9.82 -0.90
N UNK A 56 -45.78 -10.94 -0.23
CA UNK A 56 -44.72 -11.84 0.21
C UNK A 56 -45.09 -13.31 0.07
N UNK A 57 -46.15 -13.63 -0.68
CA UNK A 57 -46.59 -15.01 -0.89
C UNK A 57 -46.83 -15.72 0.43
N UNK A 58 -47.41 -15.02 1.39
CA UNK A 58 -47.72 -15.59 2.70
C UNK A 58 -49.16 -16.06 2.67
N UNK A 59 -49.52 -16.95 3.60
CA UNK A 59 -50.91 -17.40 3.61
C UNK A 59 -51.36 -17.74 5.03
N UNK A 60 -52.68 -17.69 5.21
CA UNK A 60 -53.31 -18.02 6.47
C UNK A 60 -54.71 -18.53 6.17
N UNK A 61 -55.30 -19.26 7.13
CA UNK A 61 -56.66 -19.76 6.94
C UNK A 61 -57.39 -19.85 8.27
N UNK A 62 -58.71 -19.80 8.19
CA UNK A 62 -59.58 -19.90 9.34
C UNK A 62 -59.51 -21.28 9.97
N UNK A 63 -59.58 -21.32 11.30
CA UNK A 63 -59.58 -22.57 12.03
C UNK A 63 -60.76 -23.47 11.66
N UNK A 64 -61.85 -22.90 11.14
CA UNK A 64 -63.00 -23.71 10.76
C UNK A 64 -62.63 -24.74 9.69
N UNK A 65 -61.72 -24.39 8.78
CA UNK A 65 -61.27 -25.33 7.75
C UNK A 65 -60.06 -26.11 8.20
N UNK A 66 -59.17 -25.46 8.96
CA UNK A 66 -57.94 -26.06 9.48
C UNK A 66 -57.12 -26.79 8.41
N UNK A 67 -56.90 -28.10 8.56
CA UNK A 67 -56.07 -28.86 7.63
C UNK A 67 -56.62 -28.86 6.21
N UNK A 68 -57.92 -28.65 6.02
CA UNK A 68 -58.49 -28.70 4.68
C UNK A 68 -58.23 -27.43 3.87
N UNK A 69 -57.83 -26.33 4.52
CA UNK A 69 -57.72 -25.06 3.84
C UNK A 69 -56.65 -25.10 2.74
N UNK A 70 -56.91 -24.38 1.66
CA UNK A 70 -55.95 -24.26 0.57
C UNK A 70 -56.11 -22.90 -0.09
N UNK A 71 -54.99 -22.30 -0.49
CA UNK A 71 -55.03 -21.05 -1.24
C UNK A 71 -53.76 -20.94 -2.08
N UNK A 72 -53.91 -20.30 -3.24
CA UNK A 72 -52.80 -20.10 -4.16
C UNK A 72 -53.11 -18.90 -5.04
N UNK A 73 -52.08 -18.35 -5.67
CA UNK A 73 -52.27 -17.29 -6.65
C UNK A 73 -51.10 -17.30 -7.60
N UNK A 74 -51.30 -16.74 -8.80
CA UNK A 74 -50.19 -16.60 -9.73
C UNK A 74 -50.29 -15.34 -10.57
N UNK A 75 -49.13 -14.68 -10.68
CA UNK A 75 -48.99 -13.47 -11.51
C UNK A 75 -49.17 -13.79 -12.99
N UNK A 76 -48.67 -14.94 -13.44
CA UNK A 76 -48.80 -15.29 -14.86
C UNK A 76 -50.27 -15.45 -15.21
N UNK A 77 -51.04 -16.01 -14.29
CA UNK A 77 -52.46 -16.19 -14.48
C UNK A 77 -53.20 -14.92 -14.10
N UNK A 78 -52.58 -14.06 -13.28
CA UNK A 78 -53.20 -12.88 -12.73
C UNK A 78 -54.47 -13.26 -11.98
N UNK A 79 -54.38 -14.31 -11.17
CA UNK A 79 -55.58 -14.76 -10.47
C UNK A 79 -55.22 -15.54 -9.21
N UNK A 80 -56.17 -15.57 -8.29
CA UNK A 80 -56.13 -16.36 -7.07
C UNK A 80 -57.02 -17.58 -7.25
N UNK A 81 -56.73 -18.62 -6.48
CA UNK A 81 -57.52 -19.85 -6.54
C UNK A 81 -57.48 -20.54 -5.19
N UNK A 82 -58.45 -21.42 -4.98
CA UNK A 82 -58.52 -22.21 -3.75
C UNK A 82 -59.22 -23.52 -4.05
N UNK A 83 -58.96 -24.52 -3.20
CA UNK A 83 -59.64 -25.80 -3.34
C UNK A 83 -59.65 -26.59 -2.05
N UNK A 84 -60.41 -26.11 -1.05
CA UNK A 84 -60.39 -26.75 0.27
C UNK A 84 -60.81 -28.20 0.18
N UNK A 85 -60.10 -29.06 0.91
CA UNK A 85 -60.40 -30.49 0.91
C UNK A 85 -61.67 -30.81 1.67
N UNK A 86 -62.26 -31.96 1.34
CA UNK A 86 -63.42 -32.52 2.05
C UNK A 86 -64.59 -31.53 2.11
N UNK A 87 -64.96 -30.98 0.96
CA UNK A 87 -66.07 -30.03 0.90
C UNK A 87 -67.39 -30.80 1.00
N UNK A 88 -67.73 -31.17 2.23
CA UNK A 88 -68.95 -31.90 2.51
C UNK A 88 -70.15 -30.97 2.32
N UNK A 89 -71.37 -31.52 2.47
CA UNK A 89 -72.57 -30.73 2.23
C UNK A 89 -72.60 -29.46 3.08
N UNK A 90 -72.00 -29.51 4.27
CA UNK A 90 -71.95 -28.33 5.13
C UNK A 90 -71.16 -27.18 4.50
N UNK A 91 -70.31 -27.48 3.51
CA UNK A 91 -69.47 -26.51 2.83
C UNK A 91 -70.18 -25.81 1.67
N UNK A 92 -71.44 -26.15 1.38
CA UNK A 92 -72.15 -25.56 0.24
C UNK A 92 -72.67 -24.16 0.60
N UNK A 93 -71.71 -23.29 0.86
CA UNK A 93 -71.89 -21.90 1.26
C UNK A 93 -71.67 -21.00 0.06
N UNK A 94 -72.22 -19.79 0.10
CA UNK A 94 -71.88 -18.85 -0.97
C UNK A 94 -70.42 -18.48 -0.80
N UNK A 95 -69.69 -18.38 -1.91
CA UNK A 95 -68.26 -18.05 -1.87
C UNK A 95 -67.98 -16.62 -2.33
N UNK A 96 -67.45 -15.81 -1.42
CA UNK A 96 -67.09 -14.42 -1.64
C UNK A 96 -65.58 -14.35 -1.86
N CYS A 97 -65.15 -13.25 -2.50
CA CYS A 97 -63.76 -12.98 -2.78
C CYS A 97 -63.53 -11.48 -2.63
N UNK A 98 -62.45 -11.09 -1.94
CA UNK A 98 -62.15 -9.67 -1.84
C UNK A 98 -60.67 -9.45 -1.61
N UNK A 99 -60.21 -8.26 -2.00
CA UNK A 99 -58.85 -7.79 -1.78
C UNK A 99 -58.85 -6.68 -0.75
N UNK A 100 -57.95 -6.77 0.22
CA UNK A 100 -57.75 -5.76 1.25
C UNK A 100 -56.41 -5.09 0.98
N UNK A 101 -56.46 -3.83 0.55
CA UNK A 101 -55.25 -3.13 0.17
C UNK A 101 -54.33 -2.94 1.35
N UNK A 102 -53.03 -3.04 1.12
CA UNK A 102 -52.04 -2.76 2.14
C UNK A 102 -51.74 -1.27 2.11
N UNK A 103 -51.39 -0.71 3.27
CA UNK A 103 -51.05 0.70 3.37
C UNK A 103 -49.81 0.89 4.23
N UNK A 104 -49.00 1.88 3.86
CA UNK A 104 -47.78 2.22 4.59
C UNK A 104 -48.11 3.12 5.78
N UNK A 105 -48.89 2.57 6.71
CA UNK A 105 -49.28 3.25 7.92
C UNK A 105 -48.17 3.13 8.97
N UNK A 106 -48.20 4.01 9.96
CA UNK A 106 -47.22 3.95 11.05
C UNK A 106 -47.63 2.85 12.03
N UNK A 107 -47.52 1.62 11.53
CA UNK A 107 -47.90 0.40 12.23
C UNK A 107 -46.70 -0.37 12.77
N UNK A 108 -45.47 0.12 12.55
CA UNK A 108 -44.25 -0.60 12.91
C UNK A 108 -44.22 -1.94 12.18
N UNK A 109 -44.65 -1.90 10.92
CA UNK A 109 -44.71 -3.03 10.00
C UNK A 109 -44.50 -2.45 8.61
N UNK A 110 -44.06 -3.29 7.67
CA UNK A 110 -43.88 -2.82 6.31
C UNK A 110 -45.17 -2.23 5.75
N UNK A 111 -46.29 -2.89 6.04
CA UNK A 111 -47.59 -2.35 5.65
C UNK A 111 -48.64 -2.95 6.57
N UNK A 112 -49.70 -2.19 6.82
CA UNK A 112 -50.80 -2.66 7.65
C UNK A 112 -51.94 -3.14 6.79
N UNK A 113 -52.73 -4.07 7.32
CA UNK A 113 -53.93 -4.51 6.63
C UNK A 113 -55.02 -3.44 6.72
N UNK A 114 -55.83 -3.38 5.66
CA UNK A 114 -57.00 -2.52 5.58
C UNK A 114 -58.25 -3.38 5.56
N UNK A 115 -59.40 -2.75 5.74
CA UNK A 115 -60.64 -3.48 5.56
C UNK A 115 -60.79 -3.82 4.08
N UNK A 116 -61.39 -4.97 3.80
CA UNK A 116 -61.62 -5.35 2.41
C UNK A 116 -62.52 -4.34 1.73
N UNK A 117 -62.09 -3.84 0.58
CA UNK A 117 -62.81 -2.82 -0.17
C UNK A 117 -63.27 -3.27 -1.54
N UNK A 118 -62.43 -4.02 -2.26
CA UNK A 118 -62.75 -4.48 -3.61
C UNK A 118 -63.34 -5.89 -3.49
N TRP A 119 -64.65 -5.99 -3.66
CA TRP A 119 -65.38 -7.24 -3.51
C TRP A 119 -65.86 -7.75 -4.87
N UNK A 120 -65.82 -9.06 -5.03
CA UNK A 120 -66.31 -9.73 -6.22
C UNK A 120 -67.83 -9.89 -6.16
N UNK A 121 -68.45 -10.03 -7.34
CA UNK A 121 -69.88 -10.32 -7.40
C UNK A 121 -70.20 -11.65 -6.71
N UNK A 122 -69.21 -12.53 -6.60
CA UNK A 122 -69.26 -13.85 -5.96
C UNK A 122 -69.97 -14.91 -6.77
N UNK A 123 -69.83 -16.15 -6.30
CA UNK A 123 -70.40 -17.36 -6.89
C UNK A 123 -70.70 -18.28 -5.72
N UNK A 124 -71.71 -19.14 -5.88
CA UNK A 124 -72.09 -20.05 -4.81
C UNK A 124 -71.64 -21.48 -5.11
N UNK A 125 -71.31 -22.18 -4.03
CA UNK A 125 -70.99 -23.60 -4.05
C UNK A 125 -72.26 -24.44 -3.95
N UNK A 126 -72.21 -25.65 -4.51
CA UNK A 126 -73.29 -26.61 -4.42
C UNK A 126 -72.65 -27.98 -4.20
N UNK A 127 -71.99 -28.12 -3.04
CA UNK A 127 -71.19 -29.29 -2.72
C UNK A 127 -72.03 -30.46 -2.20
N UNK A 128 -73.34 -30.29 -2.05
CA UNK A 128 -74.18 -31.37 -1.56
C UNK A 128 -74.44 -32.39 -2.66
N UNK A 129 -74.57 -33.64 -2.25
CA UNK A 129 -74.88 -34.74 -3.18
C UNK A 129 -75.64 -35.85 -2.47
N UNK B 1 -61.68 -11.65 19.32
CA UNK B 1 -62.30 -11.47 17.98
C UNK B 1 -63.73 -12.00 17.91
N UNK B 2 -64.19 -12.68 18.96
CA UNK B 2 -65.54 -13.27 18.97
C UNK B 2 -66.57 -12.19 19.28
N UNK B 3 -66.72 -11.27 18.34
CA UNK B 3 -67.67 -10.17 18.46
C UNK B 3 -69.09 -10.65 18.18
N UNK B 4 -70.06 -9.92 18.72
CA UNK B 4 -71.46 -10.22 18.45
C UNK B 4 -72.28 -8.94 18.49
N UNK B 5 -73.37 -8.93 17.73
CA UNK B 5 -74.26 -7.79 17.64
C UNK B 5 -74.97 -7.49 18.95
N UNK B 6 -75.13 -6.19 19.22
CA UNK B 6 -75.92 -5.68 20.34
C UNK B 6 -77.29 -5.21 19.85
N UNK B 7 -77.32 -4.61 18.66
CA UNK B 7 -78.53 -4.10 18.03
C UNK B 7 -79.25 -5.25 17.34
N UNK B 8 -80.16 -5.90 18.07
CA UNK B 8 -80.87 -7.07 17.55
C UNK B 8 -81.61 -6.75 16.25
N UNK B 9 -82.12 -5.54 16.11
CA UNK B 9 -82.79 -5.11 14.88
C UNK B 9 -82.68 -3.60 14.81
N UNK B 10 -82.72 -3.07 13.58
CA UNK B 10 -82.68 -1.63 13.38
C UNK B 10 -83.46 -1.20 12.14
N UNK B 11 -84.71 -1.66 12.00
CA UNK B 11 -85.50 -1.33 10.82
C UNK B 11 -86.14 0.04 11.06
N UNK B 12 -85.27 1.04 11.10
CA UNK B 12 -85.63 2.42 11.38
C UNK B 12 -86.48 3.07 10.29
N UNK B 13 -87.31 4.00 10.73
CA UNK B 13 -88.13 4.79 9.82
C UNK B 13 -87.24 5.81 9.10
N UNK B 14 -87.68 6.22 7.90
CA UNK B 14 -86.91 7.16 7.10
C UNK B 14 -86.58 8.44 7.86
N UNK B 15 -85.33 8.88 7.70
CA UNK B 15 -84.79 10.09 8.35
C UNK B 15 -84.78 10.01 9.87
N UNK B 16 -84.88 8.80 10.44
CA UNK B 16 -84.82 8.61 11.89
C UNK B 16 -84.08 7.29 12.17
N UNK B 17 -82.82 7.22 11.72
CA UNK B 17 -82.06 5.99 11.79
C UNK B 17 -81.76 5.55 13.21
N UNK B 18 -81.75 4.23 13.40
CA UNK B 18 -81.33 3.59 14.62
C UNK B 18 -79.87 3.19 14.43
N UNK B 19 -79.08 3.24 15.50
CA UNK B 19 -77.69 2.86 15.39
C UNK B 19 -77.50 1.34 15.34
N UNK B 20 -76.51 0.93 14.55
CA UNK B 20 -76.01 -0.43 14.59
C UNK B 20 -75.04 -0.51 15.75
N UNK B 21 -74.99 -1.67 16.41
CA UNK B 21 -74.05 -1.83 17.51
C UNK B 21 -73.66 -3.29 17.69
N CYS B 22 -72.45 -3.49 18.17
CA CYS B 22 -71.90 -4.80 18.47
C CYS B 22 -70.81 -4.59 19.51
N UNK B 23 -70.35 -5.69 20.11
CA UNK B 23 -69.25 -5.62 21.05
C UNK B 23 -68.24 -6.71 20.78
N UNK B 24 -66.97 -6.37 20.97
CA UNK B 24 -65.84 -7.27 20.77
C UNK B 24 -65.64 -8.19 21.96
N UNK B 25 -64.96 -9.31 21.72
CA UNK B 25 -64.58 -10.19 22.81
C UNK B 25 -63.63 -9.50 23.76
N UNK B 26 -62.78 -8.61 23.24
CA UNK B 26 -61.82 -7.87 24.05
C UNK B 26 -61.57 -6.53 23.38
N UNK B 27 -61.17 -5.55 24.18
CA UNK B 27 -60.84 -4.24 23.63
C UNK B 27 -59.56 -4.27 22.80
N UNK B 28 -59.55 -3.44 21.76
CA UNK B 28 -58.39 -3.29 20.89
C UNK B 28 -58.37 -1.88 20.34
N UNK B 29 -57.20 -1.44 19.88
CA UNK B 29 -57.06 -0.14 19.25
C UNK B 29 -57.52 -0.26 17.81
N UNK B 30 -58.71 0.27 17.51
CA UNK B 30 -59.35 0.06 16.21
C UNK B 30 -59.45 -1.44 15.97
N UNK B 31 -58.81 -1.97 14.91
CA UNK B 31 -58.86 -3.41 14.62
C UNK B 31 -60.29 -3.93 14.47
N UNK B 32 -61.14 -3.13 13.83
CA UNK B 32 -62.52 -3.53 13.59
C UNK B 32 -63.08 -2.67 12.47
N UNK B 33 -64.04 -3.23 11.72
CA UNK B 33 -64.63 -2.48 10.62
C UNK B 33 -66.07 -2.92 10.38
N TRP B 34 -66.84 -2.03 9.74
CA TRP B 34 -68.23 -2.29 9.38
C TRP B 34 -68.40 -2.47 7.87
N UNK B 35 -69.37 -3.32 7.50
CA UNK B 35 -69.71 -3.55 6.10
C UNK B 35 -71.22 -3.65 5.94
N UNK B 36 -71.69 -3.24 4.76
CA UNK B 36 -73.11 -3.25 4.39
C UNK B 36 -73.43 -4.48 3.55
N UNK B 37 -73.99 -5.51 4.19
CA UNK B 37 -74.33 -6.76 3.53
C UNK B 37 -75.70 -6.62 2.87
N UNK B 38 -75.72 -5.86 1.78
CA UNK B 38 -76.96 -5.61 1.06
C UNK B 38 -77.45 -6.90 0.40
N UNK B 39 -78.78 -7.00 0.24
CA UNK B 39 -79.35 -8.18 -0.40
C UNK B 39 -78.86 -8.28 -1.84
N UNK B 40 -78.56 -9.52 -2.26
CA UNK B 40 -78.12 -9.81 -3.63
C UNK B 40 -76.93 -8.95 -4.04
N UNK B 41 -76.00 -8.76 -3.10
CA UNK B 41 -74.83 -7.95 -3.37
C UNK B 41 -73.71 -8.35 -2.42
N UNK B 42 -72.48 -8.02 -2.82
CA UNK B 42 -71.33 -8.24 -1.95
C UNK B 42 -71.42 -7.32 -0.74
N UNK B 43 -70.94 -7.82 0.40
CA UNK B 43 -70.93 -7.05 1.64
C UNK B 43 -69.78 -6.05 1.65
N UNK B 44 -69.92 -5.02 0.83
CA UNK B 44 -68.88 -4.00 0.69
C UNK B 44 -68.69 -3.26 2.02
N UNK B 45 -67.44 -2.89 2.28
CA UNK B 45 -67.10 -2.17 3.50
C UNK B 45 -67.85 -0.85 3.61
N UNK B 46 -68.32 -0.54 4.82
CA UNK B 46 -69.00 0.69 5.15
C UNK B 46 -68.13 1.63 5.96
N UNK B 47 -67.30 1.09 6.85
CA UNK B 47 -66.42 1.88 7.71
C UNK B 47 -65.14 1.09 7.87
N UNK B 48 -64.05 1.59 7.25
CA UNK B 48 -62.80 0.85 7.18
C UNK B 48 -62.16 0.59 8.55
N UNK B 49 -62.25 1.53 9.49
CA UNK B 49 -61.58 1.31 10.77
C UNK B 49 -62.14 2.19 11.87
N UNK B 50 -62.51 1.57 13.01
CA UNK B 50 -63.03 2.28 14.17
C UNK B 50 -64.19 3.19 13.80
N UNK B 51 -65.07 2.68 12.94
CA UNK B 51 -66.24 3.39 12.42
C UNK B 51 -65.87 4.59 11.55
N UNK B 52 -64.60 4.75 11.18
CA UNK B 52 -64.23 5.79 10.24
C UNK B 52 -64.78 5.39 8.87
N UNK B 53 -65.30 6.38 8.14
CA UNK B 53 -65.93 6.08 6.86
C UNK B 53 -64.98 5.39 5.89
N UNK B 54 -65.52 4.46 5.13
CA UNK B 54 -64.80 3.76 4.08
C UNK B 54 -64.62 4.68 2.87
N UNK B 55 -63.60 4.40 2.07
CA UNK B 55 -63.44 5.16 0.84
C UNK B 55 -64.68 4.97 -0.02
N UNK B 56 -65.20 6.08 -0.54
CA UNK B 56 -66.40 6.08 -1.38
C UNK B 56 -67.58 5.41 -0.65
N UNK B 57 -67.62 5.54 0.68
CA UNK B 57 -68.71 4.97 1.45
C UNK B 57 -70.06 5.55 1.06
N UNK B 58 -70.09 6.83 0.69
CA UNK B 58 -71.32 7.52 0.31
C UNK B 58 -72.36 7.43 1.42
N UNK B 59 -71.90 7.64 2.65
CA UNK B 59 -72.76 7.58 3.83
C UNK B 59 -72.19 8.47 4.92
N UNK B 60 -73.08 8.96 5.78
CA UNK B 60 -72.70 9.78 6.92
C UNK B 60 -72.37 8.97 8.17
N UNK B 61 -72.47 7.65 8.12
CA UNK B 61 -72.30 6.83 9.33
C UNK B 61 -70.92 6.99 9.94
N UNK B 62 -70.89 7.15 11.27
CA UNK B 62 -69.65 7.29 12.01
C UNK B 62 -69.93 6.93 13.47
N UNK B 63 -68.85 6.70 14.21
CA UNK B 63 -68.94 6.47 15.66
C UNK B 63 -67.55 6.62 16.25
N UNK B 64 -67.51 6.76 17.58
CA UNK B 64 -66.22 6.74 18.27
C UNK B 64 -65.63 5.34 18.33
N UNK B 65 -66.49 4.31 18.44
CA UNK B 65 -66.05 2.91 18.52
C UNK B 65 -64.97 2.71 19.59
N UNK B 66 -65.19 3.30 20.76
CA UNK B 66 -64.20 3.21 21.81
C UNK B 66 -64.13 1.79 22.38
N UNK B 67 -62.90 1.38 22.70
CA UNK B 67 -62.59 0.09 23.35
C UNK B 67 -63.26 -1.07 22.61
N UNK B 68 -64.04 -1.91 23.30
CA UNK B 68 -64.70 -3.05 22.69
C UNK B 68 -66.14 -2.77 22.24
N UNK B 69 -66.63 -1.56 22.42
CA UNK B 69 -68.02 -1.20 22.11
C UNK B 69 -68.08 -0.49 20.76
N UNK B 70 -68.48 -1.22 19.72
CA UNK B 70 -68.50 -0.70 18.37
C UNK B 70 -69.93 -0.37 17.96
N UNK B 71 -70.07 0.67 17.15
CA UNK B 71 -71.38 1.09 16.67
C UNK B 71 -71.19 1.92 15.41
N UNK B 72 -72.29 2.11 14.68
CA UNK B 72 -72.29 3.05 13.56
C UNK B 72 -73.71 3.52 13.26
N UNK B 73 -73.87 4.84 13.09
CA UNK B 73 -75.17 5.40 12.72
C UNK B 73 -74.98 6.64 11.86
N UNK B 74 -75.80 6.74 10.81
CA UNK B 74 -75.79 7.89 9.91
C UNK B 74 -76.80 8.97 10.32
N UNK B 75 -77.63 8.70 11.33
CA UNK B 75 -78.70 9.58 11.81
C UNK B 75 -79.77 9.85 10.76
N UNK B 76 -79.80 9.09 9.66
CA UNK B 76 -80.85 9.23 8.66
C UNK B 76 -80.94 7.91 7.91
N UNK B 77 -82.14 7.34 7.81
CA UNK B 77 -82.35 6.11 7.06
C UNK B 77 -82.70 6.42 5.62
N UNK B 78 -82.38 5.47 4.74
CA UNK B 78 -82.65 5.60 3.31
C UNK B 78 -82.70 4.21 2.71
N UNK B 79 -83.20 4.13 1.47
CA UNK B 79 -83.22 2.85 0.77
C UNK B 79 -81.82 2.24 0.66
N UNK B 80 -80.79 3.09 0.60
CA UNK B 80 -79.41 2.61 0.53
C UNK B 80 -79.01 1.85 1.78
N UNK B 81 -79.74 2.02 2.89
CA UNK B 81 -79.47 1.38 4.16
C UNK B 81 -80.17 0.04 4.31
N UNK B 82 -80.87 -0.44 3.28
CA UNK B 82 -81.60 -1.70 3.34
C UNK B 82 -80.61 -2.85 3.12
N UNK B 83 -79.74 -3.00 4.12
CA UNK B 83 -78.65 -3.96 4.11
C UNK B 83 -78.41 -4.36 5.55
N UNK B 84 -77.81 -5.55 5.74
CA UNK B 84 -77.47 -5.98 7.10
C UNK B 84 -76.11 -5.37 7.48
N UNK B 85 -76.11 -4.51 8.48
CA UNK B 85 -74.88 -3.84 8.90
C UNK B 85 -74.10 -4.77 9.83
N UNK B 86 -72.99 -5.30 9.33
CA UNK B 86 -72.18 -6.27 10.06
C UNK B 86 -70.87 -5.62 10.49
N CYS B 87 -70.37 -6.00 11.66
CA CYS B 87 -69.05 -5.58 12.10
C CYS B 87 -68.15 -6.81 12.12
N UNK B 88 -66.85 -6.59 11.95
CA UNK B 88 -65.91 -7.69 12.03
C UNK B 88 -64.57 -7.23 12.61
N UNK B 89 -63.88 -8.20 13.18
CA UNK B 89 -62.55 -8.02 13.76
C UNK B 89 -61.52 -7.81 12.65
N UNK B 90 -60.43 -7.13 12.99
CA UNK B 90 -59.26 -7.00 12.10
C UNK B 90 -57.99 -7.29 12.89
N UNK B 91 -58.02 -8.40 13.62
CA UNK B 91 -56.92 -8.90 14.42
C UNK B 91 -57.10 -10.40 14.53
N UNK B 92 -56.00 -11.12 14.74
CA UNK B 92 -56.00 -12.59 14.89
C UNK B 92 -56.80 -13.15 13.71
N UNK B 93 -57.72 -14.09 13.93
CA UNK B 93 -58.58 -14.53 12.84
C UNK B 93 -59.63 -13.45 12.60
N UNK B 94 -59.97 -13.23 11.32
CA UNK B 94 -60.96 -12.21 10.98
C UNK B 94 -62.38 -12.75 11.15
N UNK B 95 -62.72 -12.99 12.41
CA UNK B 95 -64.05 -13.48 12.75
C UNK B 95 -65.07 -12.38 12.50
N PHE B 96 -66.26 -12.77 12.05
CA PHE B 96 -67.35 -11.82 11.83
C PHE B 96 -68.38 -11.95 12.93
N UNK B 97 -68.97 -10.81 13.28
CA UNK B 97 -70.06 -10.73 14.22
C UNK B 97 -71.38 -11.00 13.49
N UNK B 98 -72.40 -11.38 14.26
CA UNK B 98 -73.74 -11.40 13.71
C UNK B 98 -74.07 -10.00 13.22
N UNK B 99 -74.78 -9.91 12.10
CA UNK B 99 -75.11 -8.59 11.59
C UNK B 99 -76.27 -7.99 12.36
N UNK B 100 -76.34 -6.66 12.32
CA UNK B 100 -77.46 -5.95 12.93
C UNK B 100 -78.77 -6.16 12.19
N UNK B 101 -78.71 -6.61 10.93
CA UNK B 101 -79.89 -6.86 10.10
C UNK B 101 -80.85 -5.66 10.12
N UNK B 102 -80.26 -4.47 9.96
CA UNK B 102 -81.06 -3.23 10.04
C UNK B 102 -82.15 -3.22 8.98
N UNK B 103 -81.81 -3.59 7.74
CA UNK B 103 -82.74 -3.67 6.62
C UNK B 103 -83.61 -2.40 6.53
N UNK B 104 -82.95 -1.25 6.59
CA UNK B 104 -83.63 0.04 6.59
C UNK B 104 -83.49 0.72 5.24
N GLU C 3 -20.30 -47.19 1.16
CA GLU C 3 -20.67 -46.52 2.41
C GLU C 3 -21.05 -45.08 2.13
N GLU C 4 -21.84 -44.49 3.03
CA GLU C 4 -22.28 -43.10 2.92
C GLU C 4 -21.32 -42.25 3.74
N LEU C 5 -20.37 -41.60 3.05
CA LEU C 5 -19.34 -40.80 3.69
C LEU C 5 -19.54 -39.34 3.35
N TRP C 6 -19.16 -38.47 4.29
CA TRP C 6 -19.32 -37.03 4.19
C TRP C 6 -17.97 -36.34 4.27
N VAL C 7 -17.87 -35.18 3.62
CA VAL C 7 -16.64 -34.38 3.63
C VAL C 7 -16.55 -33.62 4.95
N THR C 8 -15.42 -33.78 5.66
CA THR C 8 -15.18 -33.03 6.89
C THR C 8 -13.90 -32.22 6.75
N VAL C 9 -13.99 -30.97 7.20
CA VAL C 9 -12.90 -30.01 7.15
C VAL C 9 -12.10 -30.08 8.44
N TYR C 10 -10.79 -30.22 8.33
CA TYR C 10 -9.86 -30.27 9.44
C TYR C 10 -8.87 -29.13 9.27
N TYR C 11 -8.76 -28.27 10.27
CA TYR C 11 -7.86 -27.12 10.23
C TYR C 11 -6.74 -27.34 11.24
N GLY C 12 -5.51 -27.25 10.77
CA GLY C 12 -4.33 -27.50 11.58
C GLY C 12 -3.66 -28.82 11.28
N VAL C 13 -3.84 -29.37 10.09
CA VAL C 13 -3.21 -30.65 9.74
C VAL C 13 -1.72 -30.46 9.56
N PRO C 14 -0.86 -31.41 10.00
CA PRO C 14 0.60 -31.24 9.87
C PRO C 14 1.09 -31.49 8.44
N VAL C 15 0.69 -30.59 7.54
CA VAL C 15 0.99 -30.71 6.12
C VAL C 15 1.69 -29.45 5.65
N TRP C 16 2.66 -29.62 4.76
CA TRP C 16 3.42 -28.53 4.18
C TRP C 16 3.75 -28.86 2.74
N LYS C 17 4.13 -27.82 2.00
CA LYS C 17 4.60 -27.97 0.63
C LYS C 17 5.82 -27.09 0.43
N GLU C 18 6.66 -27.45 -0.54
CA GLU C 18 7.83 -26.63 -0.82
C GLU C 18 7.39 -25.23 -1.25
N ALA C 19 8.07 -24.22 -0.74
CA ALA C 19 7.73 -22.84 -1.09
C ALA C 19 8.96 -21.97 -0.95
N THR C 20 8.96 -20.85 -1.69
CA THR C 20 9.99 -19.84 -1.59
C THR C 20 9.32 -18.58 -1.06
N THR C 21 9.82 -18.07 0.06
CA THR C 21 9.31 -16.83 0.64
C THR C 21 10.47 -15.97 1.09
N THR C 22 10.15 -14.76 1.53
CA THR C 22 11.15 -13.84 2.06
C THR C 22 11.39 -14.17 3.52
N LEU C 23 12.64 -14.41 3.89
CA LEU C 23 13.02 -14.68 5.26
C LEU C 23 13.51 -13.40 5.89
N PHE C 24 13.33 -13.26 7.21
CA PHE C 24 13.82 -12.07 7.90
C PHE C 24 15.06 -12.46 8.71
N CYS C 25 15.90 -11.48 8.98
CA CYS C 25 17.17 -11.71 9.66
C CYS C 25 17.09 -11.27 11.12
N ALA C 26 17.56 -12.14 12.01
CA ALA C 26 17.61 -11.88 13.44
C ALA C 26 19.02 -12.12 13.95
N SER C 27 19.38 -11.43 15.02
CA SER C 27 20.70 -11.59 15.61
C SER C 27 20.63 -11.25 17.10
N ASP C 28 21.62 -11.72 17.84
CA ASP C 28 21.72 -11.43 19.27
C ASP C 28 22.45 -10.11 19.44
N ASN C 38 27.78 -1.23 12.72
CA ASN C 38 27.88 -2.52 12.04
C ASN C 38 26.66 -2.72 11.16
N VAL C 39 26.91 -3.11 9.90
CA VAL C 39 25.82 -3.28 8.95
C VAL C 39 24.96 -4.49 9.30
N TRP C 40 25.56 -5.53 9.87
CA TRP C 40 24.79 -6.73 10.17
C TRP C 40 23.95 -6.54 11.43
N ALA C 41 24.49 -5.84 12.43
CA ALA C 41 23.72 -5.61 13.65
C ALA C 41 22.55 -4.69 13.34
N THR C 42 22.76 -3.72 12.46
CA THR C 42 21.69 -2.79 12.09
C THR C 42 20.64 -3.47 11.24
N HIS C 43 21.05 -4.27 10.25
CA HIS C 43 20.08 -4.95 9.39
C HIS C 43 19.33 -6.02 10.16
N CYS C 44 20.06 -6.87 10.88
CA CYS C 44 19.46 -7.99 11.59
C CYS C 44 19.05 -7.54 13.00
N CYS C 45 18.15 -6.55 13.00
CA CYS C 45 17.71 -5.87 14.21
C CYS C 45 16.72 -6.69 15.02
N VAL C 46 16.12 -7.71 14.43
CA VAL C 46 15.12 -8.50 15.15
C VAL C 46 15.85 -9.37 16.19
N PRO C 47 15.43 -9.39 17.46
CA PRO C 47 16.11 -10.25 18.42
C PRO C 47 15.79 -11.71 18.14
N THR C 48 16.70 -12.57 18.58
CA THR C 48 16.52 -14.01 18.44
C THR C 48 15.79 -14.59 19.64
N ASP C 49 15.33 -15.82 19.46
CA ASP C 49 14.70 -16.57 20.52
C ASP C 49 15.75 -16.92 21.57
N PRO C 50 15.60 -16.52 22.84
CA PRO C 50 16.64 -16.84 23.84
C PRO C 50 16.82 -18.32 24.06
N SER C 51 15.84 -19.14 23.67
CA SER C 51 15.92 -20.59 23.81
C SER C 51 15.19 -21.21 22.64
N PRO C 52 15.82 -21.21 21.45
CA PRO C 52 15.11 -21.63 20.22
C PRO C 52 14.60 -23.05 20.35
N GLN C 53 13.41 -23.28 19.78
CA GLN C 53 12.80 -24.60 19.81
C GLN C 53 13.06 -25.35 18.51
N GLU C 54 13.07 -26.67 18.61
CA GLU C 54 13.23 -27.57 17.49
C GLU C 54 12.36 -28.78 17.78
N VAL C 55 11.57 -29.23 16.80
CA VAL C 55 10.71 -30.39 16.97
C VAL C 55 11.15 -31.46 15.99
N VAL C 56 11.50 -32.63 16.52
CA VAL C 56 11.94 -33.74 15.67
C VAL C 56 10.68 -34.41 15.12
N LEU C 57 10.64 -34.62 13.80
CA LEU C 57 9.49 -35.21 13.14
C LEU C 57 9.80 -36.69 12.92
N GLU C 58 9.13 -37.56 13.66
CA GLU C 58 9.41 -38.98 13.52
C GLU C 58 8.70 -39.52 12.28
N ASN C 59 9.32 -40.52 11.66
CA ASN C 59 8.76 -41.19 10.49
C ASN C 59 8.45 -40.21 9.36
N VAL C 60 9.32 -39.21 9.18
CA VAL C 60 9.19 -38.23 8.11
C VAL C 60 10.45 -38.27 7.26
N THR C 61 10.27 -38.48 5.95
CA THR C 61 11.36 -38.47 4.98
C THR C 61 11.14 -37.25 4.10
N GLU C 62 12.17 -36.42 3.95
CA GLU C 62 12.06 -35.18 3.20
C GLU C 62 13.24 -35.05 2.26
N ASN C 63 12.98 -34.69 1.01
CA ASN C 63 14.05 -34.51 0.03
C ASN C 63 14.65 -33.13 0.18
N PHE C 64 15.98 -33.07 0.21
CA PHE C 64 16.74 -31.82 0.27
C PHE C 64 17.60 -31.72 -0.97
N ASN C 65 17.95 -30.49 -1.35
CA ASN C 65 18.88 -30.27 -2.46
C ASN C 65 19.62 -28.97 -2.17
N MET C 66 20.85 -29.08 -1.67
CA MET C 66 21.58 -27.88 -1.26
C MET C 66 21.96 -26.98 -2.44
N TRP C 67 21.89 -27.48 -3.68
CA TRP C 67 22.27 -26.68 -4.84
C TRP C 67 21.07 -26.02 -5.51
N LYS C 68 19.87 -26.22 -4.96
CA LYS C 68 18.63 -25.61 -5.46
C LYS C 68 17.92 -24.90 -4.31
N ASN C 69 18.67 -24.57 -3.26
CA ASN C 69 18.15 -23.97 -2.03
C ASN C 69 18.06 -22.46 -2.19
N ASN C 70 16.83 -21.93 -2.21
CA ASN C 70 16.63 -20.51 -2.43
C ASN C 70 17.04 -19.68 -1.22
N MET C 71 17.38 -20.32 -0.10
CA MET C 71 17.86 -19.57 1.05
C MET C 71 19.23 -19.03 0.76
N VAL C 72 19.98 -19.73 -0.09
CA VAL C 72 21.32 -19.31 -0.44
C VAL C 72 21.23 -18.10 -1.35
N GLU C 73 20.28 -18.15 -2.30
CA GLU C 73 20.10 -17.04 -3.23
C GLU C 73 19.65 -15.79 -2.48
N GLN C 74 18.79 -15.97 -1.47
CA GLN C 74 18.36 -14.82 -0.69
C GLN C 74 19.52 -14.28 0.15
N MET C 75 20.34 -15.16 0.72
CA MET C 75 21.47 -14.68 1.51
C MET C 75 22.42 -13.88 0.62
N HIS C 76 22.66 -14.38 -0.59
CA HIS C 76 23.54 -13.70 -1.52
C HIS C 76 23.01 -12.31 -1.84
N GLU C 77 21.71 -12.23 -2.16
CA GLU C 77 21.13 -10.94 -2.50
C GLU C 77 21.19 -10.00 -1.30
N ASP C 78 21.01 -10.52 -0.09
CA ASP C 78 21.09 -9.65 1.09
C ASP C 78 22.51 -9.13 1.30
N ILE C 79 23.53 -9.93 0.99
CA ILE C 79 24.90 -9.43 1.12
C ILE C 79 25.14 -8.31 0.12
N ILE C 80 24.70 -8.52 -1.13
CA ILE C 80 24.95 -7.51 -2.16
C ILE C 80 24.21 -6.23 -1.81
N SER C 81 22.96 -6.37 -1.37
CA SER C 81 22.14 -5.22 -1.03
C SER C 81 22.73 -4.43 0.11
N LEU C 82 23.17 -5.10 1.18
CA LEU C 82 23.73 -4.34 2.30
C LEU C 82 25.04 -3.68 1.93
N TRP C 83 25.90 -4.33 1.15
CA TRP C 83 27.15 -3.66 0.80
C TRP C 83 26.89 -2.45 -0.09
N ASP C 84 25.92 -2.57 -1.00
CA ASP C 84 25.62 -1.44 -1.87
C ASP C 84 25.01 -0.30 -1.06
N GLN C 85 24.06 -0.61 -0.17
CA GLN C 85 23.43 0.45 0.59
C GLN C 85 24.46 1.10 1.51
N SER C 86 25.37 0.30 2.07
CA SER C 86 26.35 0.81 3.00
C SER C 86 27.40 1.67 2.32
N LEU C 87 27.53 1.61 0.98
CA LEU C 87 28.51 2.44 0.29
C LEU C 87 27.90 3.66 -0.39
N LYS C 88 26.57 3.86 -0.32
CA LYS C 88 26.00 5.02 -0.99
C LYS C 88 26.33 6.33 -0.27
N PRO C 89 26.12 6.48 1.05
CA PRO C 89 26.44 7.76 1.72
C PRO C 89 27.90 7.88 2.13
N CYS C 90 28.81 7.77 1.14
CA CYS C 90 30.23 7.76 1.44
C CYS C 90 30.97 8.54 0.35
N VAL C 91 32.25 8.77 0.59
CA VAL C 91 33.09 9.60 -0.27
C VAL C 91 33.50 8.84 -1.53
N LYS C 92 33.29 9.47 -2.69
CA LYS C 92 33.71 8.93 -3.97
C LYS C 92 35.14 9.39 -4.19
N LEU C 93 35.94 8.54 -4.84
CA LEU C 93 37.34 8.86 -5.10
C LEU C 93 37.63 9.28 -6.54
N THR C 94 36.60 9.65 -7.31
CA THR C 94 36.81 10.15 -8.67
C THR C 94 37.91 11.22 -8.75
N PRO C 95 37.96 12.22 -7.87
CA PRO C 95 39.02 13.24 -7.96
C PRO C 95 40.45 12.71 -7.92
N LEU C 96 40.67 11.47 -7.46
CA LEU C 96 42.01 10.91 -7.36
C LEU C 96 42.48 10.19 -8.63
N CYS C 97 41.67 10.12 -9.68
CA CYS C 97 42.07 9.41 -10.89
C CYS C 97 42.96 10.31 -11.74
N VAL C 98 44.17 10.55 -11.20
CA VAL C 98 45.17 11.41 -11.80
C VAL C 98 46.48 10.65 -11.86
N THR C 99 47.41 11.14 -12.68
CA THR C 99 48.73 10.53 -12.76
C THR C 99 49.43 10.74 -11.42
N LEU C 100 49.99 9.66 -10.87
CA LEU C 100 50.70 9.70 -9.61
C LEU C 100 52.20 9.64 -9.81
N ASN C 101 52.94 10.40 -9.00
CA ASN C 101 54.41 10.34 -8.97
C ASN C 101 54.78 9.49 -7.76
N CYS C 102 55.10 8.21 -7.99
CA CYS C 102 55.26 7.23 -6.92
C CYS C 102 56.72 6.82 -6.74
N THR C 103 57.20 6.89 -5.49
CA THR C 103 58.54 6.46 -5.12
C THR C 103 58.48 5.34 -4.09
N ASP C 104 59.29 4.30 -4.29
CA ASP C 104 59.30 3.14 -3.41
C ASP C 104 59.73 3.50 -1.99
N LEU C 105 59.00 3.00 -1.00
CA LEU C 105 59.37 3.20 0.40
C LEU C 105 60.35 2.16 0.90
N GLY C 106 60.30 0.94 0.36
CA GLY C 106 61.16 -0.13 0.83
C GLY C 106 62.56 -0.06 0.27
N GLU C 129 59.79 -8.00 -1.45
CA GLU C 129 59.21 -6.67 -1.30
C GLU C 129 59.59 -5.82 -2.52
N LYS C 130 60.69 -5.08 -2.44
CA LYS C 130 61.23 -4.29 -3.56
C LYS C 130 60.18 -3.38 -4.20
N GLY C 131 59.56 -2.54 -3.39
CA GLY C 131 58.56 -1.61 -3.88
C GLY C 131 57.11 -2.03 -3.73
N GLU C 132 56.80 -2.88 -2.76
CA GLU C 132 55.41 -3.28 -2.56
C GLU C 132 54.53 -2.12 -2.13
N ILE C 133 55.07 -1.21 -1.31
CA ILE C 133 54.33 -0.05 -0.82
C ILE C 133 55.02 1.18 -1.38
N LYS C 134 54.26 2.05 -2.04
CA LYS C 134 54.79 3.25 -2.68
C LYS C 134 54.20 4.51 -2.05
N ASN C 135 55.03 5.57 -2.04
CA ASN C 135 54.64 6.91 -1.60
C ASN C 135 54.35 7.72 -2.87
N CYS C 136 53.08 7.97 -3.13
CA CYS C 136 52.62 8.60 -4.36
C CYS C 136 52.17 10.02 -4.09
N SER C 137 52.67 10.97 -4.89
CA SER C 137 52.26 12.37 -4.80
C SER C 137 51.44 12.73 -6.02
N PHE C 138 50.51 13.67 -5.85
CA PHE C 138 49.66 14.07 -6.97
C PHE C 138 49.11 15.48 -6.78
N ASN C 139 48.76 16.10 -7.92
CA ASN C 139 48.15 17.42 -7.99
C ASN C 139 46.64 17.26 -8.10
N ILE C 140 45.92 17.58 -7.02
CA ILE C 140 44.48 17.40 -6.94
C ILE C 140 43.78 18.71 -6.60
N THR C 141 42.70 18.98 -7.32
CA THR C 141 41.89 20.16 -7.04
C THR C 141 41.10 19.88 -5.76
N THR C 142 41.13 20.82 -4.83
CA THR C 142 40.51 20.65 -3.52
C THR C 142 39.13 21.30 -3.52
N SER C 143 38.57 21.50 -2.32
CA SER C 143 37.21 22.02 -2.19
C SER C 143 37.05 23.41 -2.78
N VAL C 144 38.13 24.20 -2.82
CA VAL C 144 38.10 25.50 -3.49
C VAL C 144 38.44 25.24 -4.95
N ARG C 145 37.56 25.67 -5.85
CA ARG C 145 37.71 25.34 -7.26
C ARG C 145 38.86 26.07 -7.94
N ASP C 146 39.36 27.16 -7.34
CA ASP C 146 40.47 27.91 -7.92
C ASP C 146 41.86 27.40 -7.52
N LYS C 147 41.95 26.44 -6.59
CA LYS C 147 43.23 26.02 -6.05
C LYS C 147 43.41 24.52 -6.17
N MET C 148 44.65 24.11 -6.45
CA MET C 148 45.06 22.72 -6.49
C MET C 148 46.18 22.53 -5.47
N GLN C 149 46.14 21.40 -4.77
CA GLN C 149 47.16 21.07 -3.78
C GLN C 149 47.98 19.88 -4.26
N LYS C 150 49.23 19.80 -3.79
CA LYS C 150 50.08 18.65 -4.01
C LYS C 150 50.00 17.78 -2.75
N GLU C 151 49.32 16.65 -2.87
CA GLU C 151 49.05 15.77 -1.75
C GLU C 151 49.90 14.52 -1.88
N TYR C 152 50.12 13.84 -0.75
CA TYR C 152 50.85 12.58 -0.70
C TYR C 152 49.98 11.51 -0.07
N ALA C 153 50.06 10.30 -0.61
CA ALA C 153 49.30 9.16 -0.11
C ALA C 153 50.14 7.91 -0.33
N THR C 154 49.84 6.87 0.44
CA THR C 154 50.57 5.61 0.36
C THR C 154 49.67 4.54 -0.24
N PHE C 155 50.16 3.86 -1.27
CA PHE C 155 49.39 2.82 -1.96
C PHE C 155 50.20 1.53 -2.08
N TYR C 156 49.48 0.41 -2.16
CA TYR C 156 50.09 -0.89 -2.37
C TYR C 156 50.25 -1.14 -3.87
N LYS C 157 51.28 -1.91 -4.22
CA LYS C 157 51.54 -2.23 -5.63
C LYS C 157 50.31 -2.77 -6.36
N LEU C 158 49.48 -3.58 -5.67
CA LEU C 158 48.34 -4.17 -6.37
C LEU C 158 47.29 -3.14 -6.77
N ASP C 159 47.30 -1.96 -6.15
CA ASP C 159 46.33 -0.92 -6.44
C ASP C 159 46.83 0.10 -7.46
N ILE C 160 48.09 0.00 -7.89
CA ILE C 160 48.74 1.00 -8.73
C ILE C 160 49.20 0.32 -10.01
N VAL C 161 48.86 0.90 -11.15
CA VAL C 161 49.22 0.39 -12.47
C VAL C 161 50.10 1.41 -13.19
N PRO C 162 51.27 1.03 -13.73
CA PRO C 162 52.07 1.98 -14.53
C PRO C 162 51.36 2.28 -15.84
N ILE C 163 51.46 3.53 -16.31
CA ILE C 163 50.80 3.94 -17.54
C ILE C 163 51.77 4.53 -18.56
N ASP C 164 53.08 4.42 -18.33
CA ASP C 164 54.05 5.07 -19.20
C ASP C 164 55.37 4.31 -19.08
N ASN C 165 56.37 4.79 -19.81
CA ASN C 165 57.72 4.26 -19.72
C ASN C 165 58.53 5.03 -18.67
N ASP C 166 57.90 5.98 -18.00
CA ASP C 166 58.47 6.74 -16.89
C ASP C 166 58.18 5.89 -15.68
N ASN C 167 59.24 5.37 -15.03
CA ASN C 167 59.07 4.40 -13.97
C ASN C 167 58.32 4.95 -12.75
N ASN C 168 58.18 6.27 -12.62
CA ASN C 168 57.48 6.87 -11.50
C ASN C 168 56.05 7.32 -11.80
N SER C 169 55.53 7.10 -13.01
CA SER C 169 54.20 7.59 -13.40
C SER C 169 53.19 6.46 -13.38
N TYR C 170 52.23 6.53 -12.43
CA TYR C 170 51.25 5.47 -12.22
C TYR C 170 49.86 6.06 -11.99
N ARG C 171 48.83 5.24 -12.23
CA ARG C 171 47.45 5.55 -11.85
C ARG C 171 46.83 4.42 -11.03
N LEU C 172 45.68 4.72 -10.43
CA LEU C 172 44.95 3.69 -9.69
C LEU C 172 44.50 2.60 -10.65
N ILE C 173 44.59 1.35 -10.17
CA ILE C 173 44.42 0.15 -10.99
C ILE C 173 43.18 0.17 -11.88
N ASN C 174 42.04 0.67 -11.40
CA ASN C 174 40.83 0.70 -12.22
C ASN C 174 40.07 2.03 -12.20
N CYS C 175 40.74 3.15 -11.94
CA CYS C 175 39.95 4.38 -11.82
C CYS C 175 39.41 4.87 -13.16
N ASN C 176 39.99 4.45 -14.28
CA ASN C 176 39.50 4.89 -15.58
C ASN C 176 38.38 4.02 -16.14
N THR C 177 38.07 2.89 -15.49
CA THR C 177 37.05 1.96 -15.93
C THR C 177 35.92 1.78 -14.93
N SER C 178 36.10 2.23 -13.69
CA SER C 178 35.12 2.03 -12.63
C SER C 178 35.12 3.24 -11.72
N VAL C 179 34.06 3.33 -10.91
CA VAL C 179 33.93 4.38 -9.89
C VAL C 179 34.34 3.76 -8.58
N ILE C 180 35.37 4.33 -7.95
CA ILE C 180 35.92 3.81 -6.70
C ILE C 180 35.29 4.62 -5.58
N THR C 181 34.57 3.94 -4.69
CA THR C 181 33.88 4.58 -3.57
C THR C 181 34.62 4.22 -2.29
N GLN C 182 34.93 5.23 -1.48
CA GLN C 182 35.60 4.99 -0.21
C GLN C 182 34.58 4.47 0.79
N ALA C 183 34.93 3.40 1.50
CA ALA C 183 34.05 2.91 2.55
C ALA C 183 34.04 3.93 3.68
N CYS C 184 32.87 4.13 4.28
CA CYS C 184 32.80 5.03 5.42
C CYS C 184 33.54 4.45 6.62
N PRO C 185 34.48 5.19 7.24
CA PRO C 185 35.18 4.65 8.42
C PRO C 185 34.27 4.31 9.59
N LYS C 186 33.05 4.84 9.63
CA LYS C 186 32.12 4.60 10.73
C LYS C 186 31.25 3.36 10.53
N VAL C 187 31.35 2.68 9.39
CA VAL C 187 30.52 1.53 9.07
C VAL C 187 31.43 0.32 9.08
N SER C 188 31.11 -0.64 9.97
CA SER C 188 31.87 -1.88 10.10
C SER C 188 31.17 -3.01 9.34
N PHE C 189 31.96 -3.81 8.64
CA PHE C 189 31.48 -4.96 7.89
C PHE C 189 31.89 -6.29 8.53
N GLU C 190 32.37 -6.28 9.77
CA GLU C 190 32.82 -7.51 10.43
C GLU C 190 31.71 -8.55 10.46
N PRO C 191 31.92 -9.76 9.94
CA PRO C 191 30.87 -10.78 10.02
C PRO C 191 30.49 -11.11 11.46
N ILE C 192 29.20 -11.27 11.70
CA ILE C 192 28.67 -11.68 13.00
C ILE C 192 27.71 -12.83 12.73
N PRO C 193 27.44 -13.68 13.72
CA PRO C 193 26.42 -14.70 13.49
C PRO C 193 25.07 -14.06 13.26
N ILE C 194 24.37 -14.56 12.23
CA ILE C 194 23.01 -14.14 11.94
C ILE C 194 22.14 -15.38 11.78
N HIS C 195 20.84 -15.19 11.95
CA HIS C 195 19.87 -16.26 11.82
C HIS C 195 18.82 -15.85 10.82
N TYR C 196 18.49 -16.73 9.89
CA TYR C 196 17.40 -16.50 8.94
C TYR C 196 16.18 -17.19 9.49
N CYS C 197 15.08 -16.44 9.60
CA CYS C 197 13.86 -16.90 10.23
C CYS C 197 12.71 -16.81 9.24
N ALA C 198 11.86 -17.82 9.26
CA ALA C 198 10.70 -17.86 8.40
C ALA C 198 9.57 -16.99 8.98
N PRO C 199 8.77 -16.34 8.13
CA PRO C 199 7.61 -15.61 8.65
C PRO C 199 6.53 -16.59 9.08
N ALA C 200 5.58 -16.09 9.88
CA ALA C 200 4.49 -16.94 10.34
C ALA C 200 3.77 -17.55 9.14
N GLY C 201 3.43 -18.83 9.27
CA GLY C 201 2.78 -19.59 8.23
C GLY C 201 3.75 -20.46 7.46
N PHE C 202 5.06 -20.26 7.66
CA PHE C 202 6.14 -20.99 7.03
C PHE C 202 7.01 -21.59 8.12
N ALA C 203 7.79 -22.60 7.75
CA ALA C 203 8.70 -23.23 8.70
C ALA C 203 9.93 -23.69 7.93
N ILE C 204 11.04 -23.90 8.65
CA ILE C 204 12.28 -24.37 8.05
C ILE C 204 12.52 -25.79 8.52
N LEU C 205 12.72 -26.71 7.57
CA LEU C 205 13.01 -28.09 7.91
C LEU C 205 14.52 -28.25 7.87
N LYS C 206 15.05 -28.97 8.87
CA LYS C 206 16.47 -29.24 9.02
C LYS C 206 16.73 -30.74 8.94
N CYS C 207 17.77 -31.12 8.21
CA CYS C 207 18.23 -32.49 8.10
C CYS C 207 19.25 -32.76 9.21
N ASN C 208 18.96 -33.76 10.05
CA ASN C 208 19.80 -34.11 11.19
C ASN C 208 20.69 -35.33 10.93
N ASN C 209 20.87 -35.71 9.66
CA ASN C 209 21.79 -36.79 9.32
C ASN C 209 23.18 -36.16 9.20
N LYS C 210 24.04 -36.50 10.15
CA LYS C 210 25.36 -35.90 10.28
C LYS C 210 26.27 -36.15 9.09
N THR C 211 25.96 -37.14 8.25
CA THR C 211 26.77 -37.47 7.07
C THR C 211 25.98 -37.25 5.78
N PHE C 212 24.90 -36.47 5.84
CA PHE C 212 24.08 -36.19 4.67
C PHE C 212 24.92 -35.52 3.60
N ASN C 213 24.76 -35.98 2.35
CA ASN C 213 25.59 -35.49 1.25
C ASN C 213 25.02 -34.27 0.54
N GLY C 214 24.00 -33.64 1.09
CA GLY C 214 23.44 -32.42 0.54
C GLY C 214 22.34 -32.58 -0.48
N THR C 215 22.01 -33.81 -0.88
CA THR C 215 20.97 -34.02 -1.88
C THR C 215 20.27 -35.34 -1.61
N GLY C 216 18.99 -35.38 -1.96
CA GLY C 216 18.19 -36.58 -1.85
C GLY C 216 17.46 -36.68 -0.53
N PRO C 217 16.86 -37.83 -0.26
CA PRO C 217 16.03 -37.98 0.94
C PRO C 217 16.84 -37.94 2.23
N CYS C 218 16.23 -37.37 3.26
CA CYS C 218 16.76 -37.32 4.62
C CYS C 218 15.67 -37.92 5.50
N THR C 219 16.06 -38.88 6.34
CA THR C 219 15.12 -39.62 7.17
C THR C 219 15.12 -39.17 8.64
N ASN C 220 15.87 -38.13 8.99
CA ASN C 220 15.88 -37.58 10.34
C ASN C 220 15.71 -36.08 10.13
N VAL C 221 14.48 -35.62 10.21
CA VAL C 221 14.08 -34.26 9.87
C VAL C 221 13.45 -33.61 11.10
N SER C 222 13.81 -32.36 11.34
CA SER C 222 13.23 -31.59 12.43
C SER C 222 12.77 -30.24 11.89
N THR C 223 11.86 -29.61 12.61
CA THR C 223 11.30 -28.32 12.23
C THR C 223 11.84 -27.25 13.18
N VAL C 224 12.35 -26.17 12.60
CA VAL C 224 12.86 -25.01 13.30
C VAL C 224 12.21 -23.77 12.70
N GLN C 225 12.24 -22.68 13.45
CA GLN C 225 11.76 -21.40 12.94
C GLN C 225 12.90 -20.57 12.39
N CYS C 226 14.10 -20.71 12.95
CA CYS C 226 15.29 -19.96 12.58
C CYS C 226 16.46 -20.90 12.35
N THR C 227 17.37 -20.50 11.47
CA THR C 227 18.60 -21.25 11.23
C THR C 227 19.59 -21.00 12.37
N HIS C 228 20.67 -21.76 12.38
CA HIS C 228 21.71 -21.55 13.38
C HIS C 228 22.44 -20.24 13.07
N GLY C 229 23.37 -19.85 13.92
CA GLY C 229 24.06 -18.61 13.63
C GLY C 229 25.07 -18.84 12.54
N ILE C 230 24.91 -18.10 11.44
CA ILE C 230 25.75 -18.19 10.26
C ILE C 230 26.51 -16.88 10.14
N ARG C 231 27.84 -16.96 10.00
CA ARG C 231 28.62 -15.74 9.85
C ARG C 231 28.81 -15.44 8.36
N PRO C 232 28.44 -14.24 7.86
CA PRO C 232 28.62 -13.95 6.43
C PRO C 232 30.07 -13.62 6.10
N VAL C 233 30.93 -14.62 6.25
CA VAL C 233 32.36 -14.46 6.00
C VAL C 233 32.60 -14.56 4.51
N VAL C 234 33.41 -13.66 3.97
CA VAL C 234 33.75 -13.60 2.56
C VAL C 234 35.17 -14.11 2.35
N SER C 235 35.30 -15.15 1.52
CA SER C 235 36.59 -15.74 1.20
C SER C 235 36.48 -16.42 -0.15
N THR C 236 37.64 -16.72 -0.77
CA THR C 236 37.67 -17.36 -2.08
C THR C 236 38.10 -18.81 -2.13
N GLN C 237 38.83 -19.33 -1.14
CA GLN C 237 39.32 -20.72 -1.21
C GLN C 237 39.05 -21.51 0.05
N LEU C 238 39.37 -20.94 1.20
CA LEU C 238 39.15 -21.58 2.49
C LEU C 238 37.97 -20.93 3.17
N LEU C 239 37.12 -21.76 3.80
CA LEU C 239 35.95 -21.26 4.50
C LEU C 239 36.36 -21.03 5.94
N LEU C 240 36.16 -19.81 6.42
CA LEU C 240 36.60 -19.42 7.76
C LEU C 240 35.41 -19.18 8.67
N ASN C 241 35.61 -19.54 9.94
CA ASN C 241 34.64 -19.29 11.01
C ASN C 241 33.26 -19.86 10.68
N GLY C 242 33.24 -21.02 10.04
CA GLY C 242 31.99 -21.71 9.72
C GLY C 242 31.68 -22.81 10.70
N SER C 243 30.75 -23.68 10.30
CA SER C 243 30.36 -24.81 11.14
C SER C 243 31.22 -26.01 10.80
N LEU C 244 31.53 -26.83 11.80
CA LEU C 244 32.25 -28.07 11.60
C LEU C 244 31.31 -29.27 11.51
N ALA C 245 31.77 -30.29 10.80
CA ALA C 245 31.05 -31.56 10.75
C ALA C 245 31.12 -32.20 12.13
N GLU C 246 30.09 -32.96 12.49
CA GLU C 246 30.07 -33.55 13.82
C GLU C 246 30.68 -34.94 13.92
N GLU C 247 30.69 -35.74 12.85
CA GLU C 247 31.23 -37.10 12.91
C GLU C 247 32.47 -37.32 12.03
N GLU C 248 32.53 -36.71 10.86
CA GLU C 248 33.62 -36.96 9.93
C GLU C 248 33.68 -35.82 8.94
N ILE C 249 34.73 -35.80 8.12
CA ILE C 249 34.81 -34.82 7.05
C ILE C 249 33.79 -35.24 6.00
N VAL C 250 32.95 -34.30 5.56
CA VAL C 250 31.93 -34.59 4.56
C VAL C 250 32.26 -33.80 3.31
N ILE C 251 32.36 -34.51 2.18
CA ILE C 251 32.69 -33.90 0.90
C ILE C 251 31.42 -33.95 0.07
N ARG C 252 30.96 -32.79 -0.40
CA ARG C 252 29.72 -32.68 -1.16
C ARG C 252 29.98 -32.09 -2.54
N SER C 253 29.27 -32.60 -3.54
CA SER C 253 29.37 -32.08 -4.88
C SER C 253 28.06 -32.37 -5.60
N GLU C 254 27.61 -31.43 -6.43
CA GLU C 254 26.37 -31.65 -7.17
C GLU C 254 26.51 -32.89 -8.05
N ASN C 255 27.67 -33.06 -8.68
CA ASN C 255 27.94 -34.22 -9.52
C ASN C 255 29.46 -34.37 -9.54
N PHE C 256 29.98 -35.39 -8.87
CA PHE C 256 31.42 -35.55 -8.74
C PHE C 256 32.11 -35.85 -10.07
N THR C 257 31.38 -36.24 -11.11
CA THR C 257 31.96 -36.62 -12.39
C THR C 257 31.89 -35.52 -13.45
N ASP C 258 31.24 -34.39 -13.18
CA ASP C 258 31.09 -33.37 -14.23
C ASP C 258 32.33 -32.49 -14.41
N ASN C 259 33.11 -32.26 -13.35
CA ASN C 259 34.29 -31.41 -13.35
C ASN C 259 33.96 -29.93 -13.59
N GLY C 260 32.68 -29.56 -13.59
CA GLY C 260 32.22 -28.19 -13.72
C GLY C 260 31.51 -27.72 -12.48
N LYS C 261 31.59 -28.50 -11.41
CA LYS C 261 30.89 -28.25 -10.16
C LYS C 261 31.91 -28.16 -9.02
N THR C 262 31.65 -27.26 -8.09
CA THR C 262 32.54 -27.07 -6.95
C THR C 262 32.34 -28.20 -5.94
N ILE C 263 33.46 -28.69 -5.40
CA ILE C 263 33.45 -29.68 -4.33
C ILE C 263 33.64 -28.93 -3.03
N ILE C 264 32.68 -29.06 -2.12
CA ILE C 264 32.71 -28.37 -0.84
C ILE C 264 33.09 -29.40 0.22
N VAL C 265 34.20 -29.17 0.90
CA VAL C 265 34.73 -30.08 1.92
C VAL C 265 34.45 -29.45 3.27
N GLN C 266 33.64 -30.12 4.09
CA GLN C 266 33.30 -29.65 5.42
C GLN C 266 34.12 -30.44 6.43
N LEU C 267 34.96 -29.73 7.19
CA LEU C 267 35.87 -30.37 8.12
C LEU C 267 35.16 -30.69 9.43
N ASN C 268 35.63 -31.74 10.11
CA ASN C 268 35.11 -32.10 11.42
C ASN C 268 35.97 -31.57 12.55
N GLU C 269 37.08 -30.90 12.23
CA GLU C 269 38.00 -30.30 13.18
C GLU C 269 38.58 -29.10 12.46
N SER C 270 38.60 -27.94 13.13
CA SER C 270 39.10 -26.75 12.46
C SER C 270 40.62 -26.66 12.52
N VAL C 271 41.17 -25.84 11.63
CA VAL C 271 42.60 -25.54 11.62
C VAL C 271 42.77 -24.05 11.89
N GLU C 272 43.61 -23.70 12.87
CA GLU C 272 43.78 -22.31 13.23
C GLU C 272 44.73 -21.62 12.26
N ILE C 273 44.31 -20.47 11.74
CA ILE C 273 45.10 -19.65 10.81
C ILE C 273 45.26 -18.27 11.44
N ASN C 274 46.50 -17.91 11.76
CA ASN C 274 46.80 -16.63 12.43
C ASN C 274 47.44 -15.67 11.43
N CYS C 275 46.69 -14.64 11.04
CA CYS C 275 47.10 -13.70 10.01
C CYS C 275 47.50 -12.37 10.65
N THR C 276 48.67 -11.86 10.26
CA THR C 276 49.23 -10.63 10.80
C THR C 276 49.64 -9.66 9.71
N ARG C 277 49.39 -8.37 9.97
CA ARG C 277 49.85 -7.23 9.18
C ARG C 277 50.72 -6.46 10.16
N PRO C 278 52.04 -6.72 10.17
CA PRO C 278 52.92 -6.19 11.21
C PRO C 278 53.24 -4.70 11.09
N ASN C 279 52.93 -4.03 9.99
CA ASN C 279 53.29 -2.63 9.88
C ASN C 279 52.43 -1.77 10.80
N ASN C 280 53.10 -0.94 11.58
CA ASN C 280 52.45 -0.03 12.53
C ASN C 280 52.19 1.28 11.80
N ASN C 281 50.96 1.46 11.32
CA ASN C 281 50.58 2.58 10.47
C ASN C 281 49.86 3.68 11.25
N THR C 282 49.92 4.89 10.70
CA THR C 282 49.13 6.03 11.14
C THR C 282 48.16 6.37 10.02
N ARG C 283 47.10 7.10 10.36
CA ARG C 283 46.10 7.51 9.39
C ARG C 283 46.14 9.01 9.14
N LYS C 284 46.03 9.40 7.87
CA LYS C 284 46.02 10.79 7.44
C LYS C 284 44.76 11.05 6.62
N SER C 285 44.22 12.25 6.76
CA SER C 285 43.00 12.68 6.06
C SER C 285 43.32 13.78 5.07
N ILE C 286 43.00 13.54 3.80
CA ILE C 286 43.23 14.49 2.71
C ILE C 286 41.85 15.00 2.29
N HIS C 287 41.67 16.31 2.27
CA HIS C 287 40.38 16.88 1.91
C HIS C 287 40.33 17.10 0.40
N ILE C 288 39.42 16.39 -0.26
CA ILE C 288 39.30 16.40 -1.71
C ILE C 288 37.99 17.02 -2.18
N GLY C 289 37.25 17.64 -1.27
CA GLY C 289 35.99 18.26 -1.61
C GLY C 289 35.31 18.84 -0.40
N PRO C 290 34.13 19.44 -0.59
CA PRO C 290 33.46 20.09 0.55
C PRO C 290 32.91 19.06 1.53
N GLY C 291 33.78 18.58 2.41
CA GLY C 291 33.44 17.58 3.40
C GLY C 291 33.71 16.15 2.96
N ARG C 292 34.44 15.96 1.86
CA ARG C 292 34.77 14.65 1.31
C ARG C 292 36.22 14.37 1.64
N ALA C 293 36.46 13.57 2.69
CA ALA C 293 37.82 13.27 3.12
C ALA C 293 38.25 11.89 2.66
N PHE C 294 39.40 11.84 2.01
CA PHE C 294 40.06 10.61 1.60
C PHE C 294 41.02 10.21 2.70
N TYR C 295 40.95 8.95 3.15
CA TYR C 295 41.82 8.48 4.21
C TYR C 295 42.91 7.61 3.62
N THR C 296 44.16 7.89 4.00
CA THR C 296 45.31 7.14 3.55
C THR C 296 46.26 6.96 4.74
N THR C 297 47.38 6.31 4.50
CA THR C 297 48.37 6.11 5.55
C THR C 297 49.28 7.32 5.58
N GLY C 298 49.51 7.85 6.78
CA GLY C 298 50.36 9.00 6.94
C GLY C 298 51.82 8.60 6.97
N GLN C 299 52.22 7.97 8.07
CA GLN C 299 53.58 7.52 8.30
C GLN C 299 53.53 6.04 8.64
N ILE C 300 54.66 5.36 8.41
CA ILE C 300 54.86 3.99 8.85
C ILE C 300 55.98 4.04 9.88
N ILE C 301 55.70 3.51 11.07
CA ILE C 301 56.62 3.54 12.20
C ILE C 301 57.34 2.20 12.25
N GLY C 302 58.66 2.25 12.33
CA GLY C 302 59.46 1.05 12.33
C GLY C 302 59.75 0.60 10.92
N ASN C 303 60.08 -0.68 10.78
CA ASN C 303 60.47 -1.24 9.49
C ASN C 303 59.25 -1.76 8.76
N ILE C 304 59.34 -1.80 7.44
CA ILE C 304 58.30 -2.41 6.62
C ILE C 304 58.51 -3.92 6.61
N ARG C 305 57.45 -4.66 6.91
CA ARG C 305 57.48 -6.11 6.94
C ARG C 305 56.27 -6.64 6.18
N GLN C 306 56.43 -7.84 5.63
CA GLN C 306 55.38 -8.47 4.84
C GLN C 306 54.29 -9.10 5.72
N ALA C 307 53.04 -8.89 5.32
CA ALA C 307 51.91 -9.53 5.99
C ALA C 307 51.95 -11.02 5.70
N HIS C 308 51.51 -11.83 6.66
CA HIS C 308 51.56 -13.28 6.45
C HIS C 308 50.55 -13.99 7.34
N CYS C 309 50.27 -15.24 7.00
CA CYS C 309 49.42 -16.11 7.80
C CYS C 309 50.16 -17.38 8.20
N ASN C 310 50.00 -17.77 9.46
CA ASN C 310 50.65 -18.95 10.03
C ASN C 310 49.62 -20.03 10.29
N ILE C 311 49.80 -21.17 9.60
CA ILE C 311 48.95 -22.36 9.70
C ILE C 311 49.83 -23.47 10.26
N SER C 312 49.37 -24.16 11.29
CA SER C 312 50.18 -25.24 11.87
C SER C 312 50.40 -26.32 10.82
N ARG C 313 51.66 -26.73 10.65
CA ARG C 313 51.99 -27.70 9.62
C ARG C 313 51.40 -29.09 9.90
N ALA C 314 51.48 -29.55 11.15
CA ALA C 314 50.98 -30.89 11.46
C ALA C 314 49.47 -30.97 11.31
N LYS C 315 48.75 -29.92 11.72
CA LYS C 315 47.30 -29.98 11.61
C LYS C 315 46.86 -29.98 10.16
N TRP C 316 47.49 -29.16 9.33
CA TRP C 316 47.16 -29.14 7.91
C TRP C 316 47.50 -30.47 7.25
N ASN C 317 48.64 -31.05 7.61
CA ASN C 317 49.03 -32.33 7.01
C ASN C 317 48.04 -33.42 7.37
N ASN C 318 47.54 -33.40 8.61
CA ASN C 318 46.52 -34.38 9.02
C ASN C 318 45.19 -34.10 8.32
N THR C 319 44.88 -32.82 8.13
CA THR C 319 43.64 -32.45 7.46
C THR C 319 43.68 -32.93 6.02
N LEU C 320 44.79 -32.72 5.32
CA LEU C 320 44.88 -33.18 3.94
C LEU C 320 44.82 -34.69 3.89
N HIS C 321 45.45 -35.38 4.86
CA HIS C 321 45.39 -36.83 4.88
C HIS C 321 43.95 -37.31 4.96
N LYS C 322 43.17 -36.74 5.87
CA LYS C 322 41.78 -37.17 6.04
C LYS C 322 40.93 -36.77 4.83
N ILE C 323 41.22 -35.62 4.21
CA ILE C 323 40.49 -35.22 3.01
C ILE C 323 40.75 -36.22 1.91
N VAL C 324 42.00 -36.64 1.74
CA VAL C 324 42.33 -37.64 0.73
C VAL C 324 41.59 -38.94 1.02
N LYS C 325 41.56 -39.34 2.29
CA LYS C 325 40.85 -40.57 2.65
C LYS C 325 39.38 -40.50 2.23
N LYS C 326 38.75 -39.34 2.39
CA LYS C 326 37.35 -39.22 1.97
C LYS C 326 37.21 -39.08 0.46
N LEU C 327 38.15 -38.38 -0.19
CA LEU C 327 38.09 -38.23 -1.65
C LEU C 327 38.26 -39.55 -2.36
N ARG C 328 39.08 -40.45 -1.81
CA ARG C 328 39.30 -41.75 -2.43
C ARG C 328 38.05 -42.62 -2.47
N GLU C 329 37.00 -42.25 -1.73
CA GLU C 329 35.75 -43.01 -1.77
C GLU C 329 34.96 -42.72 -3.03
N GLN C 330 35.14 -41.53 -3.61
CA GLN C 330 34.45 -41.13 -4.83
C GLN C 330 35.30 -41.35 -6.07
N PHE C 331 36.62 -41.34 -5.91
CA PHE C 331 37.59 -41.50 -6.99
C PHE C 331 38.44 -42.72 -6.64
N ARG C 332 37.85 -43.89 -6.82
CA ARG C 332 38.43 -45.13 -6.34
C ARG C 332 39.71 -45.53 -7.05
N ASN C 333 40.71 -45.94 -6.25
CA ASN C 333 42.00 -46.42 -6.73
C ASN C 333 42.78 -45.40 -7.57
N LYS C 334 42.67 -44.11 -7.23
CA LYS C 334 43.41 -43.08 -7.93
C LYS C 334 44.29 -42.27 -6.99
N THR C 335 45.38 -41.75 -7.54
CA THR C 335 46.29 -40.86 -6.84
C THR C 335 45.66 -39.48 -6.75
N ILE C 336 45.74 -38.83 -5.58
CA ILE C 336 45.19 -37.50 -5.39
C ILE C 336 46.34 -36.52 -5.22
N VAL C 337 46.37 -35.52 -6.09
CA VAL C 337 47.42 -34.49 -6.10
C VAL C 337 46.75 -33.14 -5.91
N PHE C 338 47.27 -32.36 -4.97
CA PHE C 338 46.79 -31.00 -4.72
C PHE C 338 47.79 -30.05 -5.38
N LYS C 339 47.27 -29.14 -6.18
CA LYS C 339 48.05 -28.13 -6.88
C LYS C 339 47.40 -26.76 -6.69
N GLN C 340 48.19 -25.73 -6.94
CA GLN C 340 47.68 -24.36 -6.91
C GLN C 340 46.88 -24.12 -8.20
N SER C 341 46.00 -23.13 -8.17
CA SER C 341 45.18 -22.86 -9.34
C SER C 341 46.04 -22.48 -10.55
N SER C 342 45.46 -22.68 -11.74
CA SER C 342 46.22 -22.58 -12.97
C SER C 342 46.78 -21.20 -13.28
N GLY C 343 46.16 -20.12 -12.83
CA GLY C 343 46.69 -18.81 -13.12
C GLY C 343 45.58 -17.78 -13.21
N GLY C 344 46.01 -16.53 -13.42
CA GLY C 344 45.12 -15.39 -13.50
C GLY C 344 45.25 -14.41 -12.35
N ASP C 345 44.26 -13.52 -12.29
CA ASP C 345 44.23 -12.43 -11.32
C ASP C 345 44.27 -12.94 -9.89
N PRO C 346 44.96 -12.24 -8.96
CA PRO C 346 44.94 -12.63 -7.54
C PRO C 346 43.55 -12.91 -6.97
N GLU C 347 42.51 -12.28 -7.51
CA GLU C 347 41.16 -12.51 -7.00
C GLU C 347 40.75 -13.97 -7.15
N ILE C 348 41.30 -14.68 -8.14
CA ILE C 348 40.96 -16.07 -8.41
C ILE C 348 42.07 -17.06 -8.13
N VAL C 349 43.32 -16.62 -7.89
CA VAL C 349 44.40 -17.56 -7.60
C VAL C 349 44.93 -17.46 -6.17
N MET C 350 44.51 -16.47 -5.38
CA MET C 350 44.98 -16.32 -4.01
C MET C 350 43.81 -16.48 -3.04
N HIS C 351 44.17 -16.71 -1.78
CA HIS C 351 43.20 -16.81 -0.70
C HIS C 351 42.88 -15.39 -0.23
N SER C 352 41.66 -14.93 -0.50
CA SER C 352 41.25 -13.57 -0.17
C SER C 352 40.39 -13.60 1.10
N PHE C 353 40.65 -12.66 2.01
CA PHE C 353 39.80 -12.55 3.18
C PHE C 353 39.91 -11.17 3.82
N ASN C 354 38.89 -10.82 4.61
CA ASN C 354 38.83 -9.57 5.36
C ASN C 354 39.28 -9.80 6.81
N CYS C 355 40.45 -9.27 7.15
CA CYS C 355 41.11 -9.41 8.44
C CYS C 355 41.30 -8.04 9.08
N GLY C 356 40.47 -7.73 10.08
CA GLY C 356 40.59 -6.48 10.79
C GLY C 356 40.08 -5.29 10.03
N GLY C 357 39.50 -5.51 8.85
CA GLY C 357 39.05 -4.48 7.94
C GLY C 357 39.95 -4.36 6.74
N GLU C 358 41.11 -5.02 6.74
CA GLU C 358 42.02 -5.02 5.61
C GLU C 358 41.73 -6.26 4.78
N PHE C 359 41.99 -6.18 3.49
CA PHE C 359 41.77 -7.31 2.60
C PHE C 359 43.10 -7.95 2.24
N PHE C 360 43.30 -9.18 2.71
CA PHE C 360 44.51 -9.95 2.53
C PHE C 360 44.34 -10.86 1.34
N TYR C 361 45.40 -11.00 0.55
CA TYR C 361 45.47 -11.94 -0.57
C TYR C 361 46.71 -12.79 -0.33
N CYS C 362 46.52 -14.00 0.18
CA CYS C 362 47.60 -14.86 0.61
C CYS C 362 47.88 -15.94 -0.42
N ASN C 363 49.16 -16.24 -0.61
CA ASN C 363 49.60 -17.22 -1.61
C ASN C 363 49.52 -18.60 -0.99
N SER C 364 48.34 -19.20 -1.08
CA SER C 364 48.04 -20.52 -0.53
C SER C 364 48.60 -21.65 -1.38
N THR C 365 49.90 -21.58 -1.70
CA THR C 365 50.55 -22.57 -2.56
C THR C 365 51.30 -23.62 -1.74
N GLN C 366 51.55 -23.36 -0.46
CA GLN C 366 52.24 -24.31 0.40
C GLN C 366 51.26 -25.30 1.02
N LEU C 367 49.96 -25.06 0.84
CA LEU C 367 48.89 -25.89 1.37
C LEU C 367 48.37 -26.90 0.36
N PHE C 368 48.47 -26.56 -0.93
CA PHE C 368 47.94 -27.37 -2.01
C PHE C 368 49.04 -27.70 -3.00
N ASN C 369 50.12 -28.32 -2.50
CA ASN C 369 51.27 -28.73 -3.31
C ASN C 369 51.73 -30.07 -2.73
N SER C 370 50.99 -31.14 -3.07
CA SER C 370 51.30 -32.44 -2.50
C SER C 370 50.74 -33.56 -3.36
N THR C 371 51.33 -34.75 -3.23
CA THR C 371 50.86 -35.96 -3.88
C THR C 371 50.60 -37.01 -2.81
N TRP C 372 49.40 -37.61 -2.85
CA TRP C 372 48.98 -38.64 -1.91
C TRP C 372 48.55 -39.88 -2.68
N TYR C 373 48.94 -41.05 -2.15
CA TYR C 373 48.58 -42.34 -2.70
C TYR C 373 47.61 -43.12 -1.83
N GLY C 374 47.32 -42.64 -0.61
CA GLY C 374 46.41 -43.30 0.30
C GLY C 374 47.08 -44.14 1.38
N ASN C 375 48.37 -44.42 1.25
CA ASN C 375 49.13 -45.22 2.21
C ASN C 375 49.97 -44.38 3.17
N GLU C 376 49.82 -43.05 3.15
CA GLU C 376 50.61 -42.17 4.00
C GLU C 376 50.06 -42.10 5.42
N SER C 377 50.07 -43.25 6.10
CA SER C 377 49.58 -43.32 7.46
C SER C 377 50.46 -42.50 8.39
N SER C 378 49.84 -41.81 9.33
CA SER C 378 50.56 -40.99 10.30
C SER C 378 49.66 -40.60 11.46
N ASN C 386 55.28 -24.81 11.45
CA ASN C 386 54.58 -23.62 11.00
C ASN C 386 54.72 -23.44 9.48
N ILE C 387 53.59 -23.24 8.82
CA ILE C 387 53.54 -22.90 7.40
C ILE C 387 53.19 -21.44 7.35
N THR C 388 54.08 -20.62 6.79
CA THR C 388 53.87 -19.19 6.68
C THR C 388 53.55 -18.86 5.23
N LEU C 389 52.36 -18.31 5.01
CA LEU C 389 51.91 -17.93 3.68
C LEU C 389 52.15 -16.44 3.51
N PRO C 390 52.88 -15.98 2.49
CA PRO C 390 53.01 -14.53 2.32
C PRO C 390 51.68 -13.96 1.87
N CYS C 391 51.39 -12.75 2.30
CA CYS C 391 50.14 -12.09 1.95
C CYS C 391 50.40 -10.68 1.46
N ARG C 392 49.55 -10.25 0.52
CA ARG C 392 49.52 -8.90 -0.01
C ARG C 392 48.28 -8.21 0.54
N ILE C 393 48.34 -6.88 0.62
CA ILE C 393 47.20 -6.07 1.04
C ILE C 393 46.78 -5.25 -0.16
N LYS C 394 45.47 -5.25 -0.45
CA LYS C 394 44.91 -4.52 -1.57
C LYS C 394 43.83 -3.60 -1.01
N GLN C 395 43.96 -2.30 -1.26
CA GLN C 395 42.97 -1.35 -0.74
C GLN C 395 41.80 -1.12 -1.68
N ILE C 396 42.00 -1.26 -2.99
CA ILE C 396 40.94 -1.06 -3.98
C ILE C 396 40.51 -2.44 -4.45
N ILE C 397 39.27 -2.82 -4.12
CA ILE C 397 38.75 -4.15 -4.40
C ILE C 397 37.43 -4.02 -5.14
N ASN C 398 37.03 -5.11 -5.80
CA ASN C 398 35.75 -5.16 -6.50
C ASN C 398 35.10 -6.49 -6.16
N LEU C 399 34.37 -6.53 -5.05
CA LEU C 399 33.75 -7.77 -4.61
C LEU C 399 32.55 -8.08 -5.49
N TRP C 400 32.36 -9.35 -5.82
CA TRP C 400 31.24 -9.81 -6.64
C TRP C 400 31.31 -9.32 -8.07
N GLN C 401 32.46 -8.79 -8.50
CA GLN C 401 32.74 -8.42 -9.88
C GLN C 401 31.66 -7.53 -10.48
N GLU C 402 31.34 -6.45 -9.76
CA GLU C 402 30.33 -5.51 -10.24
C GLU C 402 30.95 -4.68 -11.35
N VAL C 403 30.22 -4.49 -12.44
CA VAL C 403 30.74 -3.76 -13.58
C VAL C 403 30.63 -2.26 -13.32
N GLY C 404 31.76 -1.56 -13.42
CA GLY C 404 31.81 -0.13 -13.23
C GLY C 404 31.93 0.35 -11.81
N LYS C 405 32.06 -0.55 -10.83
CA LYS C 405 32.15 -0.17 -9.42
C LYS C 405 33.36 -0.81 -8.77
N ALA C 406 33.88 -0.12 -7.74
CA ALA C 406 34.95 -0.64 -6.91
C ALA C 406 34.85 0.05 -5.57
N MET C 407 35.44 -0.57 -4.55
CA MET C 407 35.47 -0.02 -3.21
C MET C 407 36.93 0.18 -2.77
N TYR C 408 37.16 1.28 -2.06
CA TYR C 408 38.44 1.57 -1.45
C TYR C 408 38.31 1.34 0.05
N ALA C 409 39.23 0.53 0.61
CA ALA C 409 39.23 0.26 2.03
C ALA C 409 40.22 1.19 2.71
N PRO C 410 39.79 2.14 3.55
CA PRO C 410 40.76 3.02 4.20
C PRO C 410 41.75 2.23 5.01
N PRO C 411 43.00 2.67 5.12
CA PRO C 411 43.94 1.94 5.96
C PRO C 411 43.61 2.12 7.42
N ILE C 412 43.93 1.11 8.20
CA ILE C 412 43.75 1.09 9.65
C ILE C 412 45.12 1.22 10.31
N GLY C 413 45.24 2.16 11.24
CA GLY C 413 46.51 2.39 11.89
C GLY C 413 46.84 1.27 12.85
N GLY C 414 48.07 1.28 13.34
CA GLY C 414 48.52 0.20 14.21
C GLY C 414 48.81 -1.04 13.40
N GLN C 415 48.72 -2.19 14.08
CA GLN C 415 49.00 -3.49 13.49
C GLN C 415 47.72 -4.29 13.54
N ILE C 416 47.56 -5.25 12.62
CA ILE C 416 46.37 -6.10 12.59
C ILE C 416 46.74 -7.55 12.80
N ARG C 417 46.01 -8.22 13.70
CA ARG C 417 46.17 -9.64 13.95
C ARG C 417 44.79 -10.28 14.01
N CYS C 418 44.62 -11.40 13.32
CA CYS C 418 43.39 -12.17 13.31
C CYS C 418 43.73 -13.62 13.58
N SER C 419 42.82 -14.33 14.24
CA SER C 419 42.92 -15.77 14.41
C SER C 419 41.60 -16.37 13.97
N SER C 420 41.60 -17.08 12.84
CA SER C 420 40.39 -17.63 12.26
C SER C 420 40.48 -19.15 12.26
N ASN C 421 39.30 -19.77 12.18
CA ASN C 421 39.17 -21.22 12.13
C ASN C 421 38.86 -21.63 10.70
N ILE C 422 39.71 -22.48 10.12
CA ILE C 422 39.45 -23.04 8.81
C ILE C 422 38.53 -24.22 9.03
N THR C 423 37.31 -24.12 8.51
CA THR C 423 36.25 -25.10 8.71
C THR C 423 35.87 -25.82 7.42
N GLY C 424 36.49 -25.51 6.30
CA GLY C 424 36.16 -26.17 5.05
C GLY C 424 36.96 -25.62 3.91
N LEU C 425 36.87 -26.33 2.79
CA LEU C 425 37.60 -26.02 1.56
C LEU C 425 36.68 -26.05 0.35
N LEU C 426 37.02 -25.25 -0.66
CA LEU C 426 36.41 -25.35 -1.97
C LEU C 426 37.46 -25.88 -2.93
N LEU C 427 37.21 -27.04 -3.53
CA LEU C 427 38.12 -27.65 -4.49
C LEU C 427 37.43 -27.80 -5.84
N THR C 428 38.22 -27.68 -6.91
CA THR C 428 37.76 -27.96 -8.26
C THR C 428 38.66 -29.07 -8.80
N ARG C 429 38.05 -30.11 -9.35
CA ARG C 429 38.81 -31.21 -9.95
C ARG C 429 38.98 -30.94 -11.44
N ASP C 430 40.21 -31.00 -11.91
CA ASP C 430 40.46 -30.77 -13.33
C ASP C 430 39.91 -31.92 -14.17
N GLY C 431 39.39 -31.58 -15.35
CA GLY C 431 38.94 -32.60 -16.27
C GLY C 431 40.07 -33.06 -17.18
N GLY C 432 39.76 -33.99 -18.06
CA GLY C 432 40.75 -34.49 -18.98
C GLY C 432 41.65 -35.56 -18.39
N ASN C 433 41.34 -36.06 -17.19
CA ASN C 433 42.15 -37.05 -16.50
C ASN C 433 41.48 -38.42 -16.46
N ASN C 434 40.49 -38.63 -17.32
CA ASN C 434 39.71 -39.87 -17.29
C ASN C 434 40.54 -41.09 -17.66
N ASN C 435 41.60 -40.93 -18.45
CA ASN C 435 42.42 -42.05 -18.89
C ASN C 435 43.72 -42.20 -18.10
N ILE C 436 43.83 -41.57 -16.92
CA ILE C 436 45.02 -41.66 -16.09
C ILE C 436 44.59 -42.11 -14.70
N THR C 437 45.59 -42.43 -13.88
CA THR C 437 45.38 -42.91 -12.52
C THR C 437 45.50 -41.81 -11.47
N THR C 438 45.69 -40.56 -11.86
CA THR C 438 45.84 -39.44 -10.94
C THR C 438 44.80 -38.36 -11.22
N GLU C 439 44.13 -37.90 -10.16
CA GLU C 439 43.18 -36.80 -10.22
C GLU C 439 43.85 -35.55 -9.67
N ILE C 440 43.58 -34.41 -10.30
CA ILE C 440 44.17 -33.14 -9.90
C ILE C 440 43.08 -32.26 -9.30
N PHE C 441 43.31 -31.82 -8.05
CA PHE C 441 42.39 -30.97 -7.32
C PHE C 441 43.10 -29.65 -7.06
N ARG C 442 42.41 -28.54 -7.32
CA ARG C 442 42.95 -27.20 -7.11
C ARG C 442 42.03 -26.42 -6.18
N PRO C 443 42.57 -25.50 -5.37
CA PRO C 443 41.70 -24.70 -4.52
C PRO C 443 40.89 -23.71 -5.34
N GLY C 444 39.72 -23.38 -4.84
CA GLY C 444 38.85 -22.40 -5.47
C GLY C 444 37.63 -23.07 -6.04
N GLY C 445 36.49 -22.42 -5.87
CA GLY C 445 35.20 -22.93 -6.32
C GLY C 445 34.60 -22.04 -7.39
N GLY C 446 33.30 -21.80 -7.25
CA GLY C 446 32.55 -20.99 -8.19
C GLY C 446 32.38 -19.63 -7.57
N ASP C 447 31.16 -19.08 -7.56
CA ASP C 447 30.97 -17.76 -7.01
C ASP C 447 30.75 -17.85 -5.50
N MET C 448 30.41 -16.72 -4.89
CA MET C 448 30.24 -16.64 -3.44
C MET C 448 29.15 -17.54 -2.88
N ARG C 449 28.22 -18.02 -3.71
CA ARG C 449 27.16 -18.86 -3.19
C ARG C 449 27.72 -20.14 -2.58
N ASP C 450 28.87 -20.60 -3.08
CA ASP C 450 29.47 -21.81 -2.55
C ASP C 450 29.91 -21.64 -1.10
N ASN C 451 30.13 -20.41 -0.64
CA ASN C 451 30.57 -20.23 0.74
C ASN C 451 29.39 -20.24 1.70
N TRP C 452 28.16 -20.18 1.19
CA TRP C 452 26.96 -20.14 2.00
C TRP C 452 26.16 -21.42 1.90
N ARG C 453 26.31 -22.16 0.79
CA ARG C 453 25.66 -23.46 0.68
C ARG C 453 26.18 -24.37 1.78
N SER C 454 27.47 -24.21 2.11
CA SER C 454 28.14 -25.02 3.11
C SER C 454 27.51 -24.86 4.49
N GLU C 455 26.74 -23.80 4.70
CA GLU C 455 26.04 -23.58 5.95
C GLU C 455 24.55 -23.84 5.80
N LEU C 456 23.98 -23.50 4.66
CA LEU C 456 22.55 -23.62 4.42
C LEU C 456 22.16 -24.97 3.81
N TYR C 457 23.13 -25.85 3.54
CA TYR C 457 22.84 -27.14 2.91
C TYR C 457 21.82 -27.98 3.66
N LYS C 458 21.69 -27.79 4.97
CA LYS C 458 20.80 -28.63 5.77
C LYS C 458 19.40 -28.06 5.96
N TYR C 459 19.08 -26.90 5.38
CA TYR C 459 17.80 -26.27 5.58
C TYR C 459 17.02 -26.13 4.28
N LYS C 460 15.69 -26.21 4.42
CA LYS C 460 14.78 -25.86 3.33
C LYS C 460 13.59 -25.14 3.95
N VAL C 461 12.99 -24.24 3.17
CA VAL C 461 11.81 -23.49 3.62
C VAL C 461 10.56 -24.14 3.04
N VAL C 462 9.55 -24.37 3.88
CA VAL C 462 8.28 -24.93 3.45
C VAL C 462 7.14 -24.05 3.94
N LYS C 463 6.03 -24.11 3.22
CA LYS C 463 4.80 -23.42 3.55
C LYS C 463 3.86 -24.41 4.24
N ILE C 464 3.19 -23.96 5.28
CA ILE C 464 2.26 -24.79 6.03
C ILE C 464 0.89 -24.71 5.37
N GLU C 465 0.25 -25.87 5.16
CA GLU C 465 -1.05 -26.00 4.52
C GLU C 465 -1.98 -26.62 5.55
N PRO C 466 -2.46 -25.84 6.53
CA PRO C 466 -3.17 -26.42 7.68
C PRO C 466 -4.58 -26.88 7.39
N LEU C 467 -5.15 -26.55 6.25
CA LEU C 467 -6.55 -26.83 5.96
C LEU C 467 -6.68 -28.00 5.00
N GLY C 468 -7.25 -29.10 5.49
CA GLY C 468 -7.42 -30.31 4.71
C GLY C 468 -8.86 -30.81 4.85
N VAL C 469 -9.22 -31.75 3.98
CA VAL C 469 -10.53 -32.37 4.00
C VAL C 469 -10.37 -33.88 3.94
N ALA C 470 -11.33 -34.60 4.55
CA ALA C 470 -11.26 -36.05 4.51
C ALA C 470 -12.66 -36.65 4.72
N PRO C 471 -12.91 -37.86 4.21
CA PRO C 471 -14.22 -38.50 4.45
C PRO C 471 -14.38 -38.98 5.88
N THR C 472 -15.61 -38.90 6.37
CA THR C 472 -15.99 -39.48 7.66
C THR C 472 -17.43 -39.97 7.56
N LYS C 473 -17.96 -40.50 8.66
CA LYS C 473 -19.34 -40.96 8.72
C LYS C 473 -20.32 -39.92 9.24
N CYS C 474 -19.86 -38.85 9.87
CA CYS C 474 -20.75 -37.84 10.45
C CYS C 474 -21.06 -36.70 9.48
N LYS C 475 -22.35 -36.42 9.33
CA LYS C 475 -22.91 -35.36 8.51
C LYS C 475 -23.07 -34.09 9.36
N ARG C 476 -23.09 -32.94 8.67
CA ARG C 476 -23.35 -31.64 9.32
C ARG C 476 -24.51 -31.70 10.30
N ARG C 477 -25.61 -32.33 9.90
CA ARG C 477 -26.80 -32.47 10.75
C ARG C 477 -27.23 -31.14 11.35
N VAL C 478 -27.35 -30.14 10.46
CA VAL C 478 -27.73 -28.79 10.86
C VAL C 478 -26.68 -28.23 11.82
N GLY D 10 -18.76 9.94 25.72
CA GLY D 10 -17.63 10.21 24.86
C GLY D 10 -16.49 9.23 25.06
N PHE D 11 -15.54 9.22 24.13
CA PHE D 11 -14.42 8.30 24.20
C PHE D 11 -13.60 8.51 25.45
N LEU D 12 -13.45 7.44 26.23
CA LEU D 12 -12.77 7.42 27.52
C LEU D 12 -13.48 8.28 28.57
N GLY D 13 -14.72 8.69 28.32
CA GLY D 13 -15.43 9.53 29.28
C GLY D 13 -15.61 8.84 30.62
N ALA D 14 -15.73 7.52 30.62
CA ALA D 14 -15.91 6.73 31.82
C ALA D 14 -14.60 6.37 32.49
N ALA D 15 -13.46 6.87 31.97
CA ALA D 15 -12.16 6.51 32.52
C ALA D 15 -12.07 6.83 34.01
N GLY D 16 -12.71 7.90 34.47
CA GLY D 16 -12.69 8.24 35.87
C GLY D 16 -13.82 7.65 36.67
N SER D 17 -14.69 6.88 36.02
CA SER D 17 -15.85 6.28 36.67
C SER D 17 -15.42 4.98 37.33
N THR D 18 -16.27 4.47 38.22
CA THR D 18 -15.91 3.21 38.83
C THR D 18 -16.10 2.09 37.80
N MET D 19 -15.47 0.94 38.08
CA MET D 19 -15.53 -0.18 37.15
C MET D 19 -16.97 -0.60 36.87
N GLY D 20 -17.82 -0.60 37.89
CA GLY D 20 -19.21 -1.00 37.69
C GLY D 20 -19.95 -0.11 36.71
N ALA D 21 -19.63 1.18 36.68
CA ALA D 21 -20.28 2.10 35.77
C ALA D 21 -19.57 2.12 34.43
N ALA D 22 -18.24 2.02 34.45
CA ALA D 22 -17.45 2.08 33.23
C ALA D 22 -17.71 0.87 32.34
N SER D 23 -18.01 -0.29 32.95
CA SER D 23 -18.27 -1.51 32.20
C SER D 23 -19.57 -1.46 31.40
N MET D 24 -20.42 -0.48 31.64
CA MET D 24 -21.69 -0.35 30.94
C MET D 24 -21.57 0.44 29.64
N THR D 25 -20.39 0.97 29.32
CA THR D 25 -20.14 1.78 28.13
C THR D 25 -18.95 1.25 27.35
N LEU D 26 -18.94 -0.06 27.10
CA LEU D 26 -17.80 -0.68 26.43
C LEU D 26 -17.82 -0.44 24.92
N THR D 27 -19.00 -0.21 24.33
CA THR D 27 -19.08 -0.03 22.88
C THR D 27 -18.36 1.24 22.44
N VAL D 28 -18.29 2.24 23.31
CA VAL D 28 -17.69 3.52 22.95
C VAL D 28 -16.22 3.35 22.61
N GLN D 29 -15.48 2.56 23.41
CA GLN D 29 -14.05 2.36 23.16
C GLN D 29 -13.76 1.20 22.23
N ALA D 30 -14.56 0.14 22.30
CA ALA D 30 -14.28 -1.07 21.51
C ALA D 30 -14.29 -0.81 20.01
N ARG D 31 -15.14 0.11 19.54
CA ARG D 31 -15.30 0.37 18.11
C ARG D 31 -14.43 1.50 17.57
N GLN D 32 -13.42 1.97 18.31
CA GLN D 32 -12.58 3.04 17.79
C GLN D 32 -11.40 2.55 16.96
N LEU D 33 -10.90 1.35 17.17
CA LEU D 33 -9.73 0.91 16.43
C LEU D 33 -10.18 0.53 15.02
N LEU D 34 -9.62 1.21 14.02
CA LEU D 34 -10.06 1.10 12.63
C LEU D 34 -11.54 1.45 12.48
N SER D 35 -12.06 2.29 13.37
CA SER D 35 -13.48 2.66 13.40
C SER D 35 -14.36 1.42 13.51
N GLY D 36 -13.92 0.46 14.31
CA GLY D 36 -14.69 -0.75 14.54
C GLY D 36 -13.95 -1.77 15.38
N GLY D 61 6.19 7.96 2.90
CA GLY D 61 5.57 6.82 2.26
C GLY D 61 5.71 5.56 3.07
N ILE D 62 6.95 5.24 3.46
CA ILE D 62 7.20 4.03 4.24
C ILE D 62 6.54 4.15 5.61
N LYS D 63 6.63 5.32 6.25
CA LYS D 63 6.00 5.51 7.54
C LYS D 63 4.49 5.36 7.46
N GLN D 64 3.88 5.79 6.35
CA GLN D 64 2.44 5.69 6.24
C GLN D 64 2.01 4.23 6.15
N LEU D 65 2.76 3.43 5.39
CA LEU D 65 2.45 2.00 5.33
C LEU D 65 2.72 1.34 6.65
N GLN D 66 3.78 1.73 7.37
CA GLN D 66 4.03 1.10 8.65
C GLN D 66 2.91 1.41 9.63
N ALA D 67 2.40 2.64 9.62
CA ALA D 67 1.31 3.01 10.51
C ALA D 67 0.04 2.24 10.15
N ARG D 68 -0.24 2.06 8.85
CA ARG D 68 -1.45 1.37 8.45
C ARG D 68 -1.36 -0.12 8.74
N VAL D 69 -0.19 -0.72 8.49
CA VAL D 69 0.00 -2.13 8.76
C VAL D 69 -0.05 -2.36 10.26
N LEU D 70 0.56 -1.48 11.06
CA LEU D 70 0.53 -1.68 12.49
C LEU D 70 -0.88 -1.56 13.03
N ALA D 71 -1.67 -0.59 12.54
CA ALA D 71 -3.05 -0.48 13.02
C ALA D 71 -3.84 -1.74 12.69
N VAL D 72 -3.60 -2.31 11.50
CA VAL D 72 -4.26 -3.55 11.13
C VAL D 72 -3.78 -4.69 12.01
N GLU D 73 -2.48 -4.77 12.27
CA GLU D 73 -1.95 -5.82 13.12
C GLU D 73 -2.49 -5.71 14.54
N HIS D 74 -2.66 -4.49 15.07
CA HIS D 74 -3.19 -4.38 16.42
C HIS D 74 -4.63 -4.87 16.45
N TYR D 75 -5.41 -4.52 15.43
CA TYR D 75 -6.79 -4.99 15.34
C TYR D 75 -6.82 -6.51 15.30
N LEU D 76 -6.01 -7.10 14.43
CA LEU D 76 -6.00 -8.55 14.29
C LEU D 76 -5.45 -9.22 15.54
N LYS D 77 -4.43 -8.64 16.18
CA LYS D 77 -3.90 -9.25 17.40
C LYS D 77 -4.98 -9.35 18.45
N ASP D 78 -5.82 -8.30 18.58
CA ASP D 78 -6.89 -8.39 19.56
C ASP D 78 -7.93 -9.41 19.12
N GLN D 79 -8.23 -9.47 17.82
CA GLN D 79 -9.21 -10.46 17.37
C GLN D 79 -8.68 -11.88 17.53
N GLN D 80 -7.38 -12.08 17.32
CA GLN D 80 -6.77 -13.39 17.47
C GLN D 80 -6.75 -13.80 18.93
N LEU D 81 -6.47 -12.86 19.82
CA LEU D 81 -6.42 -13.20 21.23
C LEU D 81 -7.81 -13.57 21.72
N LEU D 82 -8.83 -12.82 21.28
CA LEU D 82 -10.19 -13.17 21.66
C LEU D 82 -10.60 -14.51 21.03
N GLY D 83 -10.13 -14.78 19.81
CA GLY D 83 -10.39 -16.06 19.16
C GLY D 83 -9.74 -17.24 19.85
N ILE D 84 -8.57 -17.02 20.44
CA ILE D 84 -7.92 -18.09 21.21
C ILE D 84 -8.77 -18.38 22.43
N TRP D 85 -9.25 -17.33 23.07
CA TRP D 85 -10.17 -17.43 24.18
C TRP D 85 -11.54 -17.76 23.59
N GLY D 86 -12.55 -17.95 24.42
CA GLY D 86 -13.85 -18.24 23.85
C GLY D 86 -14.67 -17.00 23.56
N CYS D 87 -14.08 -15.81 23.77
CA CYS D 87 -14.76 -14.53 23.69
C CYS D 87 -14.79 -13.97 22.27
N SER D 88 -15.26 -14.72 21.28
CA SER D 88 -15.29 -14.22 19.92
C SER D 88 -16.59 -13.46 19.67
N GLY D 89 -16.47 -12.17 19.40
CA GLY D 89 -17.64 -11.33 19.14
C GLY D 89 -18.41 -10.86 20.36
N LYS D 90 -17.81 -10.86 21.54
CA LYS D 90 -18.49 -10.46 22.77
C LYS D 90 -17.78 -9.31 23.46
N LEU D 91 -18.57 -8.38 24.01
CA LEU D 91 -18.02 -7.29 24.79
C LEU D 91 -17.73 -7.74 26.22
N ILE D 92 -18.62 -8.56 26.77
CA ILE D 92 -18.50 -9.12 28.11
C ILE D 92 -18.70 -10.61 27.96
N CYS D 93 -17.74 -11.39 28.43
CA CYS D 93 -17.79 -12.84 28.36
C CYS D 93 -17.15 -13.43 29.59
N THR D 94 -17.76 -14.48 30.12
CA THR D 94 -17.26 -15.16 31.30
C THR D 94 -16.40 -16.35 30.90
N THR D 95 -15.56 -16.80 31.83
CA THR D 95 -14.70 -17.95 31.64
C THR D 95 -14.88 -18.94 32.79
N ALA D 96 -14.24 -20.10 32.64
CA ALA D 96 -14.22 -21.15 33.65
C ALA D 96 -12.98 -21.09 34.53
N VAL D 97 -12.19 -20.03 34.44
CA VAL D 97 -10.97 -19.89 35.25
C VAL D 97 -11.37 -19.30 36.61
N PRO D 98 -11.07 -19.95 37.73
CA PRO D 98 -11.43 -19.37 39.03
C PRO D 98 -10.55 -18.18 39.34
N TRP D 99 -11.06 -17.26 40.14
CA TRP D 99 -10.25 -16.12 40.55
C TRP D 99 -9.34 -16.56 41.70
N ASN D 100 -8.05 -16.25 41.55
CA ASN D 100 -7.04 -16.56 42.55
C ASN D 100 -6.89 -15.38 43.51
N ALA D 101 -7.08 -15.65 44.80
CA ALA D 101 -6.97 -14.61 45.83
C ALA D 101 -5.58 -13.99 45.87
N THR D 102 -4.57 -14.65 45.32
CA THR D 102 -3.23 -14.09 45.29
C THR D 102 -3.16 -12.91 44.32
N TRP D 103 -3.98 -12.93 43.27
CA TRP D 103 -3.96 -11.83 42.30
C TRP D 103 -4.55 -10.58 42.94
N SER D 104 -5.65 -10.75 43.65
CA SER D 104 -6.31 -9.69 44.41
C SER D 104 -7.18 -10.36 45.45
N ASN D 105 -7.02 -9.97 46.71
CA ASN D 105 -7.79 -10.56 47.80
C ASN D 105 -8.98 -9.69 48.19
N LYS D 106 -9.33 -8.70 47.36
CA LYS D 106 -10.49 -7.87 47.60
C LYS D 106 -11.73 -8.58 47.08
N THR D 107 -12.87 -8.27 47.67
CA THR D 107 -14.15 -8.85 47.26
C THR D 107 -14.75 -7.94 46.20
N LEU D 108 -15.95 -8.30 45.69
CA LEU D 108 -16.51 -7.53 44.59
C LEU D 108 -16.82 -6.12 45.08
N ASP D 109 -17.28 -5.99 46.32
CA ASP D 109 -17.39 -4.67 46.91
C ASP D 109 -15.98 -4.13 47.06
N ASN D 110 -15.80 -2.85 46.78
CA ASN D 110 -14.51 -2.15 46.79
C ASN D 110 -13.64 -2.49 45.58
N ILE D 111 -14.17 -3.24 44.60
CA ILE D 111 -13.56 -3.36 43.28
C ILE D 111 -14.43 -2.69 42.23
N TRP D 112 -15.69 -3.09 42.15
CA TRP D 112 -16.59 -2.59 41.12
C TRP D 112 -17.17 -1.21 41.42
N ASN D 113 -17.23 -0.81 42.69
CA ASN D 113 -17.81 0.48 43.06
C ASN D 113 -16.86 1.39 43.83
N ASN D 114 -15.58 1.03 43.99
CA ASN D 114 -14.60 1.90 44.64
C ASN D 114 -13.29 2.00 43.87
N MET D 115 -13.22 1.46 42.65
CA MET D 115 -12.01 1.50 41.84
C MET D 115 -12.35 1.82 40.40
N THR D 116 -11.41 2.46 39.72
CA THR D 116 -11.52 2.72 38.29
C THR D 116 -10.76 1.61 37.57
N TRP D 117 -10.96 1.52 36.25
CA TRP D 117 -10.25 0.49 35.52
C TRP D 117 -8.75 0.75 35.46
N MET D 118 -8.33 2.02 35.47
CA MET D 118 -6.90 2.29 35.48
C MET D 118 -6.26 1.74 36.74
N GLU D 119 -6.90 2.00 37.89
CA GLU D 119 -6.38 1.54 39.16
C GLU D 119 -6.40 0.02 39.23
N TRP D 120 -7.46 -0.60 38.71
CA TRP D 120 -7.55 -2.05 38.71
C TRP D 120 -6.45 -2.67 37.86
N GLU D 121 -6.24 -2.13 36.65
CA GLU D 121 -5.22 -2.67 35.77
C GLU D 121 -3.85 -2.53 36.40
N LYS D 122 -3.61 -1.42 37.11
CA LYS D 122 -2.33 -1.27 37.79
C LYS D 122 -2.20 -2.28 38.92
N GLU D 123 -3.27 -2.48 39.70
CA GLU D 123 -3.24 -3.38 40.84
C GLU D 123 -2.85 -4.82 40.49
N ILE D 124 -3.34 -5.34 39.35
CA ILE D 124 -3.05 -6.72 38.95
C ILE D 124 -2.17 -6.81 37.70
N SER D 125 -1.43 -5.75 37.36
CA SER D 125 -0.67 -5.80 36.11
C SER D 125 0.36 -6.92 36.10
N ASN D 126 0.89 -7.30 37.27
CA ASN D 126 1.91 -8.34 37.28
C ASN D 126 1.35 -9.72 37.01
N TYR D 127 0.02 -9.86 36.99
CA TYR D 127 -0.64 -11.13 36.76
C TYR D 127 -1.40 -11.13 35.45
N THR D 128 -1.33 -10.06 34.65
CA THR D 128 -2.13 -10.02 33.43
C THR D 128 -1.76 -11.14 32.48
N ASN D 129 -0.46 -11.37 32.27
CA ASN D 129 -0.08 -12.39 31.31
C ASN D 129 -0.42 -13.76 31.86
N LEU D 130 -0.33 -13.91 33.19
CA LEU D 130 -0.63 -15.19 33.79
C LEU D 130 -2.10 -15.49 33.59
N ILE D 131 -2.94 -14.48 33.82
CA ILE D 131 -4.37 -14.70 33.70
C ILE D 131 -4.69 -15.05 32.26
N TYR D 132 -4.06 -14.35 31.31
CA TYR D 132 -4.34 -14.61 29.91
C TYR D 132 -3.98 -16.04 29.55
N ASN D 133 -2.86 -16.54 30.07
CA ASN D 133 -2.48 -17.91 29.75
C ASN D 133 -3.48 -18.90 30.32
N LEU D 134 -3.99 -18.62 31.53
CA LEU D 134 -4.96 -19.53 32.10
C LEU D 134 -6.25 -19.53 31.30
N ILE D 135 -6.62 -18.36 30.77
CA ILE D 135 -7.84 -18.30 29.98
C ILE D 135 -7.67 -19.17 28.75
N GLU D 136 -6.50 -19.07 28.11
CA GLU D 136 -6.24 -19.90 26.95
C GLU D 136 -6.31 -21.37 27.31
N GLU D 137 -5.71 -21.74 28.45
CA GLU D 137 -5.71 -23.15 28.83
C GLU D 137 -7.13 -23.64 29.02
N SER D 138 -7.98 -22.81 29.61
CA SER D 138 -9.36 -23.22 29.82
C SER D 138 -10.06 -23.47 28.50
N GLN D 139 -9.86 -22.56 27.53
CA GLN D 139 -10.50 -22.76 26.25
C GLN D 139 -9.95 -23.99 25.55
N ASN D 140 -8.65 -24.25 25.73
CA ASN D 140 -8.08 -25.42 25.07
C ASN D 140 -8.67 -26.68 25.67
N GLN D 141 -8.94 -26.68 26.97
CA GLN D 141 -9.54 -27.86 27.56
C GLN D 141 -10.95 -28.03 27.04
N GLN D 142 -11.67 -26.92 26.84
CA GLN D 142 -13.00 -27.02 26.27
C GLN D 142 -12.93 -27.59 24.88
N GLU D 143 -11.92 -27.18 24.10
CA GLU D 143 -11.78 -27.72 22.76
C GLU D 143 -11.53 -29.21 22.81
N LYS D 144 -10.73 -29.65 23.78
CA LYS D 144 -10.47 -31.08 23.93
C LYS D 144 -11.77 -31.83 24.20
N ASN D 145 -12.64 -31.25 25.02
CA ASN D 145 -13.91 -31.91 25.29
C ASN D 145 -14.74 -32.00 24.02
N GLU D 146 -14.71 -30.92 23.22
CA GLU D 146 -15.44 -30.96 21.96
C GLU D 146 -14.80 -31.96 21.02
N THR D 147 -13.47 -32.07 21.07
CA THR D 147 -12.81 -33.07 20.24
C THR D 147 -13.18 -34.46 20.73
N GLU D 148 -13.23 -34.65 22.05
CA GLU D 148 -13.63 -35.96 22.56
C GLU D 148 -15.04 -36.29 22.09
N ASN D 149 -15.92 -35.28 22.00
CA ASN D 149 -17.27 -35.56 21.53
C ASN D 149 -17.33 -35.94 20.05
N LEU D 150 -16.24 -35.76 19.30
CA LEU D 150 -16.16 -36.14 17.90
C LEU D 150 -15.25 -37.33 17.64
N THR D 151 -14.99 -38.15 18.66
CA THR D 151 -14.17 -39.35 18.48
C THR D 151 -14.80 -40.25 17.41
N LEU D 152 -14.00 -40.62 16.41
CA LEU D 152 -14.47 -41.43 15.28
C LEU D 152 -15.69 -40.78 14.62
N CYS D 153 -15.70 -39.45 14.58
CA CYS D 153 -16.80 -38.69 14.00
C CYS D 153 -16.29 -37.45 13.28
N GLY E 10 4.85 -31.24 19.76
CA GLY E 10 5.47 -30.08 19.16
C GLY E 10 4.87 -29.74 17.80
N PHE E 11 5.21 -28.57 17.28
CA PHE E 11 4.67 -28.11 16.01
C PHE E 11 5.06 -29.08 14.89
N LEU E 12 4.05 -29.63 14.22
CA LEU E 12 4.18 -30.64 13.17
C LEU E 12 4.71 -31.97 13.69
N GLY E 13 4.73 -32.18 15.01
CA GLY E 13 5.25 -33.43 15.54
C GLY E 13 4.50 -34.66 15.05
N ALA E 14 3.22 -34.50 14.76
CA ALA E 14 2.36 -35.58 14.30
C ALA E 14 2.43 -35.78 12.79
N ALA E 15 3.32 -35.04 12.10
CA ALA E 15 3.39 -35.11 10.64
C ALA E 15 3.62 -36.54 10.15
N GLY E 16 4.36 -37.35 10.89
CA GLY E 16 4.60 -38.72 10.48
C GLY E 16 3.61 -39.72 11.04
N SER E 17 2.62 -39.23 11.79
CA SER E 17 1.61 -40.07 12.42
C SER E 17 0.48 -40.30 11.44
N THR E 18 -0.39 -41.25 11.76
CA THR E 18 -1.51 -41.50 10.86
C THR E 18 -2.50 -40.36 10.98
N MET E 19 -3.41 -40.28 10.00
CA MET E 19 -4.40 -39.20 10.01
C MET E 19 -5.23 -39.23 11.29
N GLY E 20 -5.61 -40.42 11.76
CA GLY E 20 -6.37 -40.51 12.99
C GLY E 20 -5.60 -39.95 14.17
N ALA E 21 -4.36 -40.41 14.34
CA ALA E 21 -3.52 -39.95 15.44
C ALA E 21 -3.19 -38.46 15.30
N ALA E 22 -3.00 -37.99 14.07
CA ALA E 22 -2.60 -36.61 13.86
C ALA E 22 -3.77 -35.64 14.00
N SER E 23 -5.00 -36.10 13.77
CA SER E 23 -6.15 -35.21 13.85
C SER E 23 -6.51 -34.85 15.30
N MET E 24 -5.92 -35.54 16.28
CA MET E 24 -6.16 -35.26 17.69
C MET E 24 -5.23 -34.19 18.25
N THR E 25 -4.29 -33.67 17.43
CA THR E 25 -3.31 -32.67 17.84
C THR E 25 -3.45 -31.38 17.05
N LEU E 26 -4.63 -31.11 16.46
CA LEU E 26 -4.79 -29.95 15.60
C LEU E 26 -4.53 -28.64 16.34
N THR E 27 -4.73 -28.63 17.66
CA THR E 27 -4.52 -27.41 18.43
C THR E 27 -3.06 -27.00 18.44
N VAL E 28 -2.16 -27.94 18.17
CA VAL E 28 -0.73 -27.67 18.21
C VAL E 28 -0.34 -26.77 17.05
N GLN E 29 -0.86 -27.05 15.85
CA GLN E 29 -0.55 -26.21 14.70
C GLN E 29 -1.43 -24.97 14.69
N ALA E 30 -2.71 -25.12 15.06
CA ALA E 30 -3.61 -23.98 15.03
C ALA E 30 -3.11 -22.88 15.97
N ARG E 31 -2.54 -23.27 17.14
CA ARG E 31 -2.06 -22.26 18.07
C ARG E 31 -0.89 -21.46 17.52
N GLN E 32 -0.14 -22.00 16.56
CA GLN E 32 0.99 -21.27 16.00
C GLN E 32 0.58 -20.48 14.77
N LEU E 33 -0.43 -20.97 14.05
CA LEU E 33 -0.84 -20.31 12.82
C LEU E 33 -1.83 -19.18 13.09
N LEU E 34 -2.58 -19.28 14.19
CA LEU E 34 -3.59 -18.29 14.55
C LEU E 34 -3.07 -17.26 15.55
N SER E 35 -1.76 -17.20 15.75
CA SER E 35 -1.13 -16.24 16.66
C SER E 35 0.04 -15.58 15.93
N GLY E 36 -0.09 -14.29 15.65
CA GLY E 36 0.93 -13.55 14.92
C GLY E 36 0.54 -13.32 13.47
N GLY E 61 12.92 -1.73 4.52
CA GLY E 61 11.57 -1.22 4.74
C GLY E 61 10.53 -2.01 3.97
N ILE E 62 10.71 -2.09 2.65
CA ILE E 62 9.73 -2.76 1.81
C ILE E 62 9.70 -4.26 2.12
N LYS E 63 10.87 -4.87 2.26
CA LYS E 63 10.97 -6.31 2.50
C LYS E 63 10.19 -6.73 3.76
N GLN E 64 10.35 -5.97 4.84
CA GLN E 64 9.67 -6.30 6.09
C GLN E 64 8.17 -6.06 5.98
N LEU E 65 7.79 -4.98 5.30
CA LEU E 65 6.36 -4.72 5.14
C LEU E 65 5.72 -5.81 4.29
N GLN E 66 6.42 -6.28 3.26
CA GLN E 66 5.86 -7.35 2.44
C GLN E 66 5.67 -8.61 3.26
N ALA E 67 6.63 -8.91 4.14
CA ALA E 67 6.50 -10.09 4.99
C ALA E 67 5.29 -9.96 5.92
N ARG E 68 5.07 -8.75 6.44
CA ARG E 68 3.97 -8.53 7.37
C ARG E 68 2.62 -8.59 6.64
N VAL E 69 2.57 -8.01 5.44
CA VAL E 69 1.34 -8.03 4.66
C VAL E 69 1.01 -9.45 4.24
N LEU E 70 2.03 -10.23 3.84
CA LEU E 70 1.75 -11.60 3.45
C LEU E 70 1.22 -12.40 4.63
N ALA E 71 1.81 -12.22 5.82
CA ALA E 71 1.31 -12.95 6.98
C ALA E 71 -0.15 -12.60 7.26
N VAL E 72 -0.50 -11.32 7.09
CA VAL E 72 -1.88 -10.89 7.29
C VAL E 72 -2.78 -11.49 6.24
N GLU E 73 -2.35 -11.47 4.98
CA GLU E 73 -3.17 -12.01 3.90
C GLU E 73 -3.43 -13.50 4.10
N HIS E 74 -2.43 -14.25 4.55
CA HIS E 74 -2.66 -15.68 4.74
C HIS E 74 -3.62 -15.92 5.90
N TYR E 75 -3.49 -15.16 6.99
CA TYR E 75 -4.42 -15.30 8.10
C TYR E 75 -5.84 -15.01 7.64
N LEU E 76 -6.03 -13.88 6.97
CA LEU E 76 -7.36 -13.47 6.55
C LEU E 76 -7.95 -14.43 5.54
N LYS E 77 -7.14 -14.96 4.62
CA LYS E 77 -7.66 -15.90 3.64
C LYS E 77 -8.14 -17.19 4.31
N ASP E 78 -7.39 -17.68 5.30
CA ASP E 78 -7.85 -18.89 5.97
C ASP E 78 -9.12 -18.61 6.78
N GLN E 79 -9.19 -17.44 7.40
CA GLN E 79 -10.38 -17.15 8.21
C GLN E 79 -11.58 -16.92 7.32
N GLN E 80 -11.40 -16.29 6.16
CA GLN E 80 -12.50 -16.09 5.24
C GLN E 80 -13.00 -17.42 4.73
N LEU E 81 -12.08 -18.31 4.37
CA LEU E 81 -12.48 -19.57 3.75
C LEU E 81 -13.25 -20.42 4.76
N LEU E 82 -12.79 -20.43 6.02
CA LEU E 82 -13.54 -21.16 7.03
C LEU E 82 -14.89 -20.50 7.27
N GLY E 83 -14.92 -19.16 7.27
CA GLY E 83 -16.18 -18.47 7.51
C GLY E 83 -17.20 -18.80 6.43
N ILE E 84 -16.77 -18.80 5.16
CA ILE E 84 -17.70 -19.10 4.07
C ILE E 84 -18.04 -20.58 4.01
N TRP E 85 -17.40 -21.42 4.83
CA TRP E 85 -17.74 -22.83 4.89
C TRP E 85 -18.60 -23.15 6.11
N GLY E 86 -18.87 -22.16 6.95
CA GLY E 86 -19.60 -22.37 8.19
C GLY E 86 -18.78 -23.05 9.26
N CYS E 87 -17.46 -22.90 9.20
CA CYS E 87 -16.53 -23.57 10.10
C CYS E 87 -15.80 -22.60 11.02
N SER E 88 -16.36 -21.42 11.26
CA SER E 88 -15.69 -20.44 12.11
C SER E 88 -15.52 -20.98 13.52
N GLY E 89 -14.31 -20.87 14.05
CA GLY E 89 -14.02 -21.25 15.42
C GLY E 89 -13.83 -22.73 15.65
N LYS E 90 -13.91 -23.56 14.61
CA LYS E 90 -13.80 -25.00 14.74
C LYS E 90 -12.51 -25.52 14.13
N LEU E 91 -11.95 -26.56 14.76
CA LEU E 91 -10.81 -27.28 14.21
C LEU E 91 -11.25 -28.48 13.40
N ILE E 92 -12.37 -29.08 13.77
CA ILE E 92 -12.98 -30.19 13.04
C ILE E 92 -14.39 -29.70 12.72
N CYS E 93 -14.72 -29.65 11.43
CA CYS E 93 -15.99 -29.10 10.97
C CYS E 93 -16.62 -30.03 9.94
N THR E 94 -17.73 -30.67 10.29
CA THR E 94 -18.38 -31.57 9.36
C THR E 94 -19.19 -30.74 8.36
N THR E 95 -19.54 -31.38 7.24
CA THR E 95 -20.31 -30.71 6.20
C THR E 95 -21.41 -31.65 5.73
N ALA E 96 -22.25 -31.14 4.82
CA ALA E 96 -23.32 -31.89 4.20
C ALA E 96 -22.98 -32.32 2.78
N VAL E 97 -21.71 -32.27 2.40
CA VAL E 97 -21.28 -32.64 1.06
C VAL E 97 -20.90 -34.13 1.09
N PRO E 98 -21.51 -34.98 0.27
CA PRO E 98 -21.15 -36.40 0.27
C PRO E 98 -19.77 -36.60 -0.33
N TRP E 99 -19.11 -37.67 0.10
CA TRP E 99 -17.80 -37.98 -0.47
C TRP E 99 -18.02 -38.77 -1.76
N ASN E 100 -17.30 -38.35 -2.80
CA ASN E 100 -17.33 -38.98 -4.11
C ASN E 100 -16.23 -40.02 -4.21
N ALA E 101 -16.59 -41.25 -4.60
CA ALA E 101 -15.61 -42.30 -4.77
C ALA E 101 -14.57 -41.95 -5.82
N THR E 102 -14.88 -41.01 -6.72
CA THR E 102 -13.92 -40.58 -7.72
C THR E 102 -12.74 -39.92 -7.04
N TRP E 103 -12.99 -39.13 -5.99
CA TRP E 103 -11.92 -38.43 -5.31
C TRP E 103 -11.00 -39.42 -4.61
N SER E 104 -11.59 -40.41 -3.93
CA SER E 104 -10.85 -41.50 -3.31
C SER E 104 -11.83 -42.61 -3.01
N ASN E 105 -11.52 -43.82 -3.46
CA ASN E 105 -12.38 -44.98 -3.23
C ASN E 105 -11.88 -45.84 -2.08
N LYS E 106 -10.91 -45.35 -1.30
CA LYS E 106 -10.37 -46.07 -0.16
C LYS E 106 -11.34 -46.02 1.01
N THR E 107 -11.32 -47.08 1.82
CA THR E 107 -12.19 -47.14 2.98
C THR E 107 -11.61 -46.28 4.10
N LEU E 108 -12.46 -46.00 5.11
CA LEU E 108 -12.00 -45.16 6.21
C LEU E 108 -10.90 -45.82 7.02
N ASP E 109 -10.92 -47.14 7.14
CA ASP E 109 -9.90 -47.82 7.95
C ASP E 109 -8.51 -47.57 7.41
N ASN E 110 -8.36 -47.56 6.08
CA ASN E 110 -7.05 -47.36 5.49
C ASN E 110 -6.69 -45.88 5.43
N ILE E 111 -7.68 -45.02 5.17
CA ILE E 111 -7.40 -43.60 5.07
C ILE E 111 -6.97 -43.06 6.44
N TRP E 112 -7.69 -43.43 7.49
CA TRP E 112 -7.39 -42.91 8.81
C TRP E 112 -6.30 -43.66 9.58
N ASN E 113 -6.14 -44.98 9.37
CA ASN E 113 -5.12 -45.72 10.13
C ASN E 113 -3.91 -46.15 9.33
N ASN E 114 -3.92 -46.07 8.00
CA ASN E 114 -2.79 -46.49 7.18
C ASN E 114 -2.17 -45.35 6.37
N MET E 115 -2.58 -44.10 6.59
CA MET E 115 -2.06 -42.96 5.85
C MET E 115 -1.79 -41.79 6.77
N THR E 116 -0.84 -40.96 6.34
CA THR E 116 -0.51 -39.70 6.99
C THR E 116 -1.23 -38.60 6.22
N TRP E 117 -1.27 -37.40 6.80
CA TRP E 117 -1.94 -36.31 6.10
C TRP E 117 -1.17 -35.88 4.86
N MET E 118 0.16 -36.00 4.85
CA MET E 118 0.92 -35.63 3.66
C MET E 118 0.52 -36.51 2.47
N GLU E 119 0.43 -37.82 2.71
CA GLU E 119 0.09 -38.74 1.64
C GLU E 119 -1.34 -38.53 1.18
N TRP E 120 -2.25 -38.27 2.13
CA TRP E 120 -3.64 -38.04 1.77
C TRP E 120 -3.78 -36.78 0.93
N GLU E 121 -3.15 -35.69 1.37
CA GLU E 121 -3.28 -34.44 0.64
C GLU E 121 -2.68 -34.56 -0.76
N LYS E 122 -1.61 -35.33 -0.90
CA LYS E 122 -1.06 -35.54 -2.23
C LYS E 122 -2.02 -36.35 -3.09
N GLU E 123 -2.62 -37.40 -2.52
CA GLU E 123 -3.52 -38.27 -3.26
C GLU E 123 -4.72 -37.54 -3.86
N ILE E 124 -5.32 -36.59 -3.13
CA ILE E 124 -6.51 -35.88 -3.61
C ILE E 124 -6.23 -34.43 -4.00
N SER E 125 -4.97 -34.08 -4.27
CA SER E 125 -4.64 -32.69 -4.60
C SER E 125 -5.46 -32.17 -5.78
N ASN E 126 -5.64 -33.02 -6.81
CA ASN E 126 -6.33 -32.60 -8.03
C ASN E 126 -7.80 -32.27 -7.80
N TYR E 127 -8.37 -32.71 -6.69
CA TYR E 127 -9.78 -32.51 -6.39
C TYR E 127 -10.01 -31.53 -5.25
N THR E 128 -8.94 -30.94 -4.69
CA THR E 128 -9.12 -30.10 -3.53
C THR E 128 -9.97 -28.88 -3.84
N ASN E 129 -9.71 -28.21 -4.97
CA ASN E 129 -10.50 -27.02 -5.27
C ASN E 129 -11.93 -27.39 -5.57
N LEU E 130 -12.13 -28.56 -6.17
CA LEU E 130 -13.49 -28.98 -6.49
C LEU E 130 -14.24 -29.21 -5.21
N ILE E 131 -13.59 -29.86 -4.24
CA ILE E 131 -14.26 -30.16 -2.98
C ILE E 131 -14.61 -28.85 -2.30
N TYR E 132 -13.68 -27.89 -2.33
CA TYR E 132 -13.93 -26.63 -1.66
C TYR E 132 -15.14 -25.93 -2.26
N ASN E 133 -15.28 -25.96 -3.59
CA ASN E 133 -16.41 -25.28 -4.19
C ASN E 133 -17.71 -25.92 -3.77
N LEU E 134 -17.73 -27.26 -3.64
CA LEU E 134 -18.97 -27.91 -3.24
C LEU E 134 -19.34 -27.52 -1.81
N ILE E 135 -18.33 -27.38 -0.95
CA ILE E 135 -18.59 -27.01 0.43
C ILE E 135 -19.21 -25.63 0.46
N GLU E 136 -18.65 -24.73 -0.34
CA GLU E 136 -19.16 -23.36 -0.36
C GLU E 136 -20.59 -23.32 -0.87
N GLU E 137 -20.88 -24.13 -1.89
CA GLU E 137 -22.26 -24.13 -2.40
C GLU E 137 -23.20 -24.64 -1.34
N SER E 138 -22.79 -25.69 -0.62
CA SER E 138 -23.66 -26.23 0.40
C SER E 138 -23.90 -25.21 1.50
N GLN E 139 -22.83 -24.53 1.93
CA GLN E 139 -23.02 -23.56 3.00
C GLN E 139 -23.89 -22.42 2.54
N ASN E 140 -23.74 -21.99 1.29
CA ASN E 140 -24.54 -20.87 0.85
C ASN E 140 -26.00 -21.29 0.76
N GLN E 141 -26.23 -22.53 0.30
CA GLN E 141 -27.60 -23.00 0.20
C GLN E 141 -28.21 -23.12 1.58
N GLN E 142 -27.41 -23.52 2.57
CA GLN E 142 -27.96 -23.65 3.90
C GLN E 142 -28.39 -22.30 4.43
N GLU E 143 -27.57 -21.26 4.20
CA GLU E 143 -27.97 -19.96 4.70
C GLU E 143 -29.21 -19.46 3.97
N LYS E 144 -29.31 -19.75 2.67
CA LYS E 144 -30.51 -19.36 1.95
C LYS E 144 -31.68 -20.14 2.52
N ASN E 145 -31.47 -21.43 2.78
CA ASN E 145 -32.51 -22.26 3.35
C ASN E 145 -32.94 -21.70 4.71
N GLU E 146 -32.00 -21.14 5.46
CA GLU E 146 -32.34 -20.58 6.77
C GLU E 146 -33.29 -19.39 6.68
N THR E 147 -33.40 -18.72 5.53
CA THR E 147 -34.32 -17.59 5.40
C THR E 147 -35.64 -17.98 4.74
N GLU E 148 -35.78 -19.24 4.34
CA GLU E 148 -37.01 -19.76 3.75
C GLU E 148 -37.71 -20.71 4.71
N ASN E 149 -37.13 -20.94 5.88
CA ASN E 149 -37.63 -21.86 6.89
C ASN E 149 -38.57 -21.12 7.82
N LEU E 150 -39.88 -21.38 7.69
CA LEU E 150 -40.85 -20.62 8.46
C LEU E 150 -40.69 -20.85 9.96
N THR E 151 -40.31 -22.07 10.34
CA THR E 151 -40.14 -22.39 11.76
C THR E 151 -39.07 -21.51 12.40
N LEU E 152 -37.98 -21.25 11.67
CA LEU E 152 -36.86 -20.47 12.17
C LEU E 152 -37.02 -18.97 11.97
N CYS E 153 -38.13 -18.52 11.39
CA CYS E 153 -38.35 -17.12 11.05
C CYS E 153 -39.47 -16.53 11.89
N GLY F 10 -19.18 -18.31 -12.72
CA GLY F 10 -18.03 -17.43 -12.79
C GLY F 10 -18.19 -16.18 -11.95
N PHE F 11 -17.10 -15.44 -11.78
CA PHE F 11 -17.14 -14.22 -10.99
C PHE F 11 -18.04 -13.18 -11.64
N LEU F 12 -19.02 -12.69 -10.86
CA LEU F 12 -20.05 -11.77 -11.32
C LEU F 12 -20.93 -12.37 -12.40
N GLY F 13 -20.90 -13.69 -12.60
CA GLY F 13 -21.74 -14.29 -13.63
C GLY F 13 -23.21 -14.05 -13.40
N ALA F 14 -23.60 -13.95 -12.13
CA ALA F 14 -24.99 -13.72 -11.75
C ALA F 14 -25.34 -12.23 -11.73
N ALA F 15 -24.42 -11.35 -12.14
CA ALA F 15 -24.66 -9.91 -12.07
C ALA F 15 -25.92 -9.52 -12.83
N GLY F 16 -26.23 -10.21 -13.93
CA GLY F 16 -27.42 -9.94 -14.69
C GLY F 16 -28.59 -10.80 -14.31
N SER F 17 -28.44 -11.64 -13.29
CA SER F 17 -29.45 -12.56 -12.84
C SER F 17 -30.38 -11.84 -11.86
N THR F 18 -31.51 -12.45 -11.56
CA THR F 18 -32.41 -11.82 -10.62
C THR F 18 -31.78 -11.93 -9.23
N MET F 19 -32.30 -11.11 -8.30
CA MET F 19 -31.75 -11.12 -6.94
C MET F 19 -31.86 -12.50 -6.31
N GLY F 20 -32.95 -13.22 -6.55
CA GLY F 20 -33.10 -14.54 -5.99
C GLY F 20 -32.02 -15.48 -6.49
N ALA F 21 -31.91 -15.61 -7.82
CA ALA F 21 -30.90 -16.48 -8.40
C ALA F 21 -29.49 -16.00 -8.06
N ALA F 22 -29.29 -14.68 -8.00
CA ALA F 22 -27.97 -14.13 -7.72
C ALA F 22 -27.56 -14.36 -6.28
N SER F 23 -28.52 -14.52 -5.37
CA SER F 23 -28.19 -14.76 -3.97
C SER F 23 -27.60 -16.14 -3.74
N MET F 24 -27.65 -17.02 -4.73
CA MET F 24 -27.13 -18.38 -4.62
C MET F 24 -25.63 -18.48 -4.95
N THR F 25 -24.99 -17.38 -5.36
CA THR F 25 -23.58 -17.36 -5.74
C THR F 25 -22.74 -16.44 -4.87
N LEU F 26 -23.21 -16.12 -3.66
CA LEU F 26 -22.51 -15.13 -2.83
C LEU F 26 -21.07 -15.52 -2.51
N THR F 27 -20.75 -16.81 -2.47
CA THR F 27 -19.38 -17.21 -2.15
C THR F 27 -18.43 -16.91 -3.30
N VAL F 28 -18.95 -16.78 -4.51
CA VAL F 28 -18.07 -16.56 -5.65
C VAL F 28 -17.48 -15.17 -5.55
N GLN F 29 -18.33 -14.19 -5.23
CA GLN F 29 -17.86 -12.82 -5.09
C GLN F 29 -17.11 -12.65 -3.78
N ALA F 30 -17.52 -13.35 -2.72
CA ALA F 30 -16.83 -13.21 -1.45
C ALA F 30 -15.37 -13.66 -1.53
N ARG F 31 -15.09 -14.75 -2.24
CA ARG F 31 -13.72 -15.22 -2.30
C ARG F 31 -12.79 -14.25 -3.02
N GLN F 32 -13.28 -13.61 -4.07
CA GLN F 32 -12.48 -12.69 -4.90
C GLN F 32 -12.13 -11.38 -4.21
N LEU F 33 -12.60 -11.14 -2.99
CA LEU F 33 -12.25 -9.89 -2.31
C LEU F 33 -10.83 -9.93 -1.75
N LEU F 34 -10.30 -11.12 -1.43
CA LEU F 34 -8.93 -11.27 -0.95
C LEU F 34 -7.99 -11.85 -1.99
N SER F 35 -8.48 -12.72 -2.87
CA SER F 35 -7.67 -13.38 -3.89
C SER F 35 -8.39 -13.25 -5.23
N GLY F 36 -7.91 -12.34 -6.07
CA GLY F 36 -8.58 -12.03 -7.32
C GLY F 36 -7.87 -10.93 -8.08
N GLY F 61 6.87 0.08 -6.99
CA GLY F 61 6.83 -1.00 -6.02
C GLY F 61 5.96 -0.67 -4.82
N ILE F 62 6.21 0.50 -4.22
CA ILE F 62 5.46 0.91 -3.04
C ILE F 62 3.98 1.08 -3.37
N LYS F 63 3.67 1.46 -4.62
CA LYS F 63 2.28 1.59 -5.01
C LYS F 63 1.53 0.26 -4.95
N GLN F 64 2.22 -0.85 -5.22
CA GLN F 64 1.50 -2.12 -5.23
C GLN F 64 1.36 -2.64 -3.81
N LEU F 65 2.30 -2.28 -2.94
CA LEU F 65 2.17 -2.65 -1.55
C LEU F 65 1.02 -1.87 -0.95
N GLN F 66 0.88 -0.60 -1.35
CA GLN F 66 -0.26 0.19 -0.91
C GLN F 66 -1.55 -0.41 -1.42
N ALA F 67 -1.55 -0.91 -2.66
CA ALA F 67 -2.76 -1.53 -3.20
C ALA F 67 -3.15 -2.76 -2.40
N ARG F 68 -2.17 -3.55 -1.96
CA ARG F 68 -2.49 -4.74 -1.17
C ARG F 68 -2.99 -4.35 0.21
N VAL F 69 -2.38 -3.34 0.82
CA VAL F 69 -2.82 -2.89 2.14
C VAL F 69 -4.23 -2.32 2.02
N LEU F 70 -4.51 -1.57 0.97
CA LEU F 70 -5.83 -1.00 0.79
C LEU F 70 -6.87 -2.10 0.59
N ALA F 71 -6.55 -3.13 -0.19
CA ALA F 71 -7.49 -4.23 -0.36
C ALA F 71 -7.81 -4.89 0.98
N VAL F 72 -6.78 -5.03 1.82
CA VAL F 72 -6.99 -5.59 3.16
C VAL F 72 -7.88 -4.66 3.98
N GLU F 73 -7.63 -3.35 3.90
CA GLU F 73 -8.42 -2.39 4.64
C GLU F 73 -9.88 -2.43 4.21
N HIS F 74 -10.15 -2.60 2.91
CA HIS F 74 -11.54 -2.67 2.46
C HIS F 74 -12.20 -3.95 2.97
N TYR F 75 -11.46 -5.06 2.93
CA TYR F 75 -12.01 -6.31 3.45
C TYR F 75 -12.36 -6.16 4.93
N LEU F 76 -11.43 -5.62 5.71
CA LEU F 76 -11.68 -5.47 7.14
C LEU F 76 -12.80 -4.46 7.38
N LYS F 77 -12.89 -3.41 6.57
CA LYS F 77 -13.98 -2.45 6.72
C LYS F 77 -15.32 -3.16 6.62
N ASP F 78 -15.45 -4.05 5.63
CA ASP F 78 -16.71 -4.77 5.47
C ASP F 78 -16.92 -5.75 6.61
N GLN F 79 -15.85 -6.39 7.08
CA GLN F 79 -16.01 -7.34 8.19
C GLN F 79 -16.38 -6.62 9.47
N GLN F 80 -15.83 -5.43 9.70
CA GLN F 80 -16.16 -4.64 10.88
C GLN F 80 -17.59 -4.15 10.80
N LEU F 81 -18.05 -3.82 9.59
CA LEU F 81 -19.42 -3.36 9.43
C LEU F 81 -20.38 -4.51 9.72
N LEU F 82 -20.06 -5.71 9.22
CA LEU F 82 -20.90 -6.87 9.56
C LEU F 82 -20.81 -7.16 11.05
N GLY F 83 -19.65 -6.93 11.65
CA GLY F 83 -19.48 -7.14 13.08
C GLY F 83 -20.41 -6.30 13.91
N ILE F 84 -20.41 -4.99 13.67
CA ILE F 84 -21.28 -4.10 14.46
C ILE F 84 -22.75 -4.40 14.18
N TRP F 85 -23.06 -4.99 13.02
CA TRP F 85 -24.42 -5.40 12.72
C TRP F 85 -24.76 -6.76 13.32
N GLY F 86 -23.79 -7.45 13.90
CA GLY F 86 -24.03 -8.78 14.45
C GLY F 86 -24.12 -9.85 13.39
N CYS F 87 -23.48 -9.65 12.24
CA CYS F 87 -23.55 -10.56 11.10
C CYS F 87 -22.21 -11.24 10.80
N SER F 88 -21.31 -11.31 11.78
CA SER F 88 -20.01 -11.92 11.52
C SER F 88 -20.16 -13.39 11.18
N GLY F 89 -19.40 -13.83 10.18
CA GLY F 89 -19.34 -15.22 9.79
C GLY F 89 -20.47 -15.70 8.90
N LYS F 90 -21.39 -14.82 8.50
CA LYS F 90 -22.53 -15.19 7.69
C LYS F 90 -22.47 -14.52 6.32
N LEU F 91 -23.07 -15.19 5.34
CA LEU F 91 -23.26 -14.65 4.00
C LEU F 91 -24.62 -13.99 3.89
N ILE F 92 -25.62 -14.59 4.52
CA ILE F 92 -26.99 -14.07 4.57
C ILE F 92 -27.29 -13.90 6.05
N CYS F 93 -27.60 -12.68 6.46
CA CYS F 93 -27.82 -12.34 7.86
C CYS F 93 -29.13 -11.58 8.01
N THR F 94 -30.08 -12.17 8.74
CA THR F 94 -31.33 -11.47 8.96
C THR F 94 -31.17 -10.53 10.15
N THR F 95 -32.00 -9.49 10.18
CA THR F 95 -32.03 -8.53 11.27
C THR F 95 -33.44 -8.41 11.82
N ALA F 96 -33.58 -7.57 12.84
CA ALA F 96 -34.85 -7.27 13.46
C ALA F 96 -35.38 -5.91 13.05
N VAL F 97 -34.81 -5.28 12.03
CA VAL F 97 -35.24 -3.96 11.58
C VAL F 97 -36.39 -4.14 10.59
N PRO F 98 -37.59 -3.59 10.85
CA PRO F 98 -38.67 -3.71 9.87
C PRO F 98 -38.31 -3.00 8.58
N TRP F 99 -38.81 -3.53 7.46
CA TRP F 99 -38.60 -2.85 6.18
C TRP F 99 -39.62 -1.74 6.07
N ASN F 100 -39.15 -0.55 5.70
CA ASN F 100 -40.01 0.61 5.50
C ASN F 100 -40.49 0.68 4.06
N ALA F 101 -41.81 0.73 3.87
CA ALA F 101 -42.40 0.79 2.55
C ALA F 101 -41.98 2.04 1.78
N THR F 102 -41.48 3.07 2.47
CA THR F 102 -41.02 4.27 1.78
C THR F 102 -39.74 3.99 1.03
N TRP F 103 -38.91 3.05 1.51
CA TRP F 103 -37.66 2.76 0.84
C TRP F 103 -37.94 2.06 -0.49
N SER F 104 -38.86 1.10 -0.46
CA SER F 104 -39.31 0.41 -1.66
C SER F 104 -40.65 -0.24 -1.33
N ASN F 105 -41.67 0.00 -2.15
CA ASN F 105 -42.99 -0.57 -1.94
C ASN F 105 -43.27 -1.71 -2.91
N LYS F 106 -42.25 -2.26 -3.55
CA LYS F 106 -42.42 -3.38 -4.48
C LYS F 106 -42.65 -4.67 -3.70
N THR F 107 -43.38 -5.59 -4.34
CA THR F 107 -43.62 -6.88 -3.71
C THR F 107 -42.33 -7.69 -3.76
N LEU F 108 -42.26 -8.74 -2.94
CA LEU F 108 -41.05 -9.56 -2.96
C LEU F 108 -40.88 -10.25 -4.31
N ASP F 109 -41.97 -10.66 -4.95
CA ASP F 109 -41.85 -11.33 -6.23
C ASP F 109 -41.26 -10.39 -7.27
N ASN F 110 -41.52 -9.09 -7.15
CA ASN F 110 -40.99 -8.12 -8.10
C ASN F 110 -39.60 -7.65 -7.71
N ILE F 111 -39.04 -8.16 -6.62
CA ILE F 111 -37.69 -7.88 -6.18
C ILE F 111 -36.78 -9.07 -6.42
N TRP F 112 -37.16 -10.22 -5.88
CA TRP F 112 -36.31 -11.41 -5.95
C TRP F 112 -36.38 -12.12 -7.29
N ASN F 113 -37.52 -12.05 -7.99
CA ASN F 113 -37.67 -12.74 -9.27
C ASN F 113 -37.73 -11.85 -10.50
N ASN F 114 -37.88 -10.53 -10.34
CA ASN F 114 -38.03 -9.63 -11.49
C ASN F 114 -37.00 -8.51 -11.52
N MET F 115 -35.99 -8.53 -10.63
CA MET F 115 -35.03 -7.44 -10.58
C MET F 115 -33.65 -7.97 -10.21
N THR F 116 -32.62 -7.30 -10.71
CA THR F 116 -31.23 -7.66 -10.44
C THR F 116 -30.72 -6.85 -9.25
N TRP F 117 -29.56 -7.25 -8.72
CA TRP F 117 -29.00 -6.52 -7.59
C TRP F 117 -28.49 -5.14 -7.98
N MET F 118 -28.01 -4.94 -9.21
CA MET F 118 -27.57 -3.61 -9.60
C MET F 118 -28.75 -2.64 -9.59
N GLU F 119 -29.87 -3.10 -10.13
CA GLU F 119 -31.08 -2.27 -10.18
C GLU F 119 -31.57 -1.98 -8.78
N TRP F 120 -31.52 -2.99 -7.91
CA TRP F 120 -31.94 -2.80 -6.52
C TRP F 120 -31.06 -1.80 -5.80
N GLU F 121 -29.74 -1.93 -5.94
CA GLU F 121 -28.84 -1.02 -5.23
C GLU F 121 -29.03 0.40 -5.72
N LYS F 122 -29.31 0.58 -7.00
CA LYS F 122 -29.60 1.92 -7.50
C LYS F 122 -30.94 2.43 -6.96
N GLU F 123 -31.95 1.55 -6.94
CA GLU F 123 -33.29 1.93 -6.50
C GLU F 123 -33.33 2.44 -5.06
N ILE F 124 -32.56 1.85 -4.14
CA ILE F 124 -32.58 2.26 -2.74
C ILE F 124 -31.29 2.98 -2.33
N SER F 125 -30.51 3.48 -3.29
CA SER F 125 -29.24 4.11 -2.97
C SER F 125 -29.39 5.23 -1.93
N ASN F 126 -30.44 6.04 -2.07
CA ASN F 126 -30.61 7.19 -1.18
C ASN F 126 -30.93 6.80 0.25
N TYR F 127 -31.26 5.54 0.50
CA TYR F 127 -31.61 5.07 1.83
C TYR F 127 -30.58 4.10 2.39
N THR F 128 -29.48 3.85 1.66
CA THR F 128 -28.53 2.83 2.12
C THR F 128 -27.94 3.19 3.47
N ASN F 129 -27.52 4.44 3.64
CA ASN F 129 -26.88 4.79 4.90
C ASN F 129 -27.90 4.79 6.02
N LEU F 130 -29.13 5.15 5.70
CA LEU F 130 -30.18 5.16 6.72
C LEU F 130 -30.40 3.75 7.22
N ILE F 131 -30.48 2.81 6.28
CA ILE F 131 -30.74 1.43 6.65
C ILE F 131 -29.58 0.93 7.49
N TYR F 132 -28.35 1.25 7.09
CA TYR F 132 -27.20 0.78 7.83
C TYR F 132 -27.24 1.30 9.26
N ASN F 133 -27.63 2.56 9.45
CA ASN F 133 -27.67 3.10 10.80
C ASN F 133 -28.72 2.38 11.63
N LEU F 134 -29.85 2.05 11.02
CA LEU F 134 -30.89 1.37 11.78
C LEU F 134 -30.42 -0.01 12.20
N ILE F 135 -29.64 -0.67 11.34
CA ILE F 135 -29.17 -2.00 11.69
C ILE F 135 -28.26 -1.90 12.90
N GLU F 136 -27.36 -0.93 12.89
CA GLU F 136 -26.46 -0.76 14.02
C GLU F 136 -27.25 -0.48 15.28
N GLU F 137 -28.27 0.38 15.19
CA GLU F 137 -29.04 0.71 16.36
C GLU F 137 -29.74 -0.53 16.92
N SER F 138 -30.26 -1.37 16.02
CA SER F 138 -30.92 -2.57 16.48
C SER F 138 -29.95 -3.48 17.22
N GLN F 139 -28.73 -3.62 16.70
CA GLN F 139 -27.77 -4.47 17.37
C GLN F 139 -27.42 -3.89 18.73
N ASN F 140 -27.34 -2.55 18.82
CA ASN F 140 -27.00 -1.96 20.11
C ASN F 140 -28.07 -2.30 21.14
N GLN F 141 -29.33 -2.29 20.71
CA GLN F 141 -30.39 -2.64 21.64
C GLN F 141 -30.28 -4.11 22.02
N GLN F 142 -29.93 -4.95 21.04
CA GLN F 142 -29.76 -6.36 21.33
C GLN F 142 -28.62 -6.55 22.32
N GLU F 143 -27.55 -5.76 22.17
CA GLU F 143 -26.44 -5.90 23.10
C GLU F 143 -26.89 -5.54 24.51
N LYS F 144 -27.71 -4.49 24.63
CA LYS F 144 -28.16 -4.11 25.97
C LYS F 144 -28.99 -5.23 26.56
N ASN F 145 -29.78 -5.92 25.73
CA ASN F 145 -30.61 -7.00 26.21
C ASN F 145 -29.83 -8.28 26.48
N GLU F 146 -28.53 -8.32 26.14
CA GLU F 146 -27.69 -9.50 26.36
C GLU F 146 -26.61 -9.31 27.41
N THR F 147 -26.03 -8.12 27.54
CA THR F 147 -24.90 -7.90 28.43
C THR F 147 -25.27 -7.22 29.75
N GLU F 148 -26.46 -6.64 29.85
CA GLU F 148 -26.90 -5.97 31.08
C GLU F 148 -28.06 -6.68 31.75
N ASN F 149 -28.22 -7.99 31.52
CA ASN F 149 -29.34 -8.70 32.10
C ASN F 149 -29.17 -8.93 33.60
N LEU F 150 -27.94 -9.16 34.06
CA LEU F 150 -27.65 -9.46 35.45
C LEU F 150 -26.59 -8.52 36.01
N THR F 151 -26.64 -8.30 37.32
CA THR F 151 -25.64 -7.49 37.99
C THR F 151 -24.25 -8.10 37.81
N LEU F 152 -23.34 -7.31 37.24
CA LEU F 152 -21.97 -7.75 36.95
C LEU F 152 -21.94 -9.06 36.17
N CYS F 153 -22.90 -9.24 35.26
CA CYS F 153 -22.99 -10.47 34.50
C CYS F 153 -23.94 -10.31 33.31
N ALA G 1 -52.75 -8.64 12.51
CA ALA G 1 -53.11 -8.41 11.12
C ALA G 1 -52.19 -7.39 10.48
N GLU G 2 -50.91 -7.74 10.33
CA GLU G 2 -49.90 -6.87 9.76
C GLU G 2 -49.06 -7.63 8.75
N GLU G 3 -48.53 -6.90 7.77
CA GLU G 3 -47.60 -7.44 6.79
C GLU G 3 -46.21 -7.01 7.24
N GLU G 4 -45.39 -7.97 7.68
CA GLU G 4 -44.10 -7.68 8.28
C GLU G 4 -42.96 -8.22 7.44
N LEU G 5 -42.08 -7.32 7.00
CA LEU G 5 -40.88 -7.64 6.24
C LEU G 5 -39.71 -7.08 7.02
N TRP G 6 -38.55 -7.73 6.92
CA TRP G 6 -37.37 -7.29 7.64
C TRP G 6 -36.17 -7.18 6.71
N VAL G 7 -35.23 -6.34 7.13
CA VAL G 7 -33.98 -6.12 6.41
C VAL G 7 -33.09 -7.34 6.59
N THR G 8 -32.57 -7.87 5.49
CA THR G 8 -31.59 -8.96 5.51
C THR G 8 -30.36 -8.50 4.76
N VAL G 9 -29.20 -8.73 5.37
CA VAL G 9 -27.91 -8.32 4.84
C VAL G 9 -27.32 -9.48 4.04
N TYR G 10 -26.90 -9.18 2.82
CA TYR G 10 -26.28 -10.13 1.91
C TYR G 10 -24.86 -9.67 1.62
N TYR G 11 -23.90 -10.56 1.82
CA TYR G 11 -22.49 -10.30 1.61
C TYR G 11 -22.03 -11.19 0.47
N GLY G 12 -21.47 -10.59 -0.57
CA GLY G 12 -21.07 -11.26 -1.77
C GLY G 12 -22.01 -10.94 -2.91
N VAL G 13 -22.68 -9.80 -2.82
CA VAL G 13 -23.65 -9.36 -3.83
C VAL G 13 -22.92 -8.96 -5.12
N PRO G 14 -23.33 -9.48 -6.31
CA PRO G 14 -22.63 -9.18 -7.57
C PRO G 14 -22.92 -7.78 -8.11
N VAL G 15 -22.51 -6.75 -7.38
CA VAL G 15 -22.66 -5.36 -7.80
C VAL G 15 -21.33 -4.63 -7.71
N TRP G 16 -21.26 -3.51 -8.43
CA TRP G 16 -20.03 -2.73 -8.49
C TRP G 16 -20.37 -1.28 -8.79
N LYS G 17 -19.37 -0.41 -8.61
CA LYS G 17 -19.47 0.99 -8.97
C LYS G 17 -18.16 1.42 -9.63
N GLU G 18 -18.23 2.48 -10.45
CA GLU G 18 -17.02 2.96 -11.08
C GLU G 18 -16.03 3.40 -10.01
N ALA G 19 -14.74 3.07 -10.21
CA ALA G 19 -13.71 3.44 -9.25
C ALA G 19 -12.37 3.54 -9.96
N THR G 20 -11.47 4.30 -9.36
CA THR G 20 -10.09 4.44 -9.83
C THR G 20 -9.18 3.87 -8.76
N THR G 21 -8.35 2.90 -9.12
CA THR G 21 -7.40 2.31 -8.19
C THR G 21 -6.06 2.11 -8.87
N THR G 22 -5.08 1.64 -8.09
CA THR G 22 -3.76 1.33 -8.61
C THR G 22 -3.81 -0.02 -9.31
N LEU G 23 -3.35 -0.08 -10.54
CA LEU G 23 -3.29 -1.32 -11.29
C LEU G 23 -1.85 -1.81 -11.32
N PHE G 24 -1.67 -3.13 -11.42
CA PHE G 24 -0.34 -3.70 -11.55
C PHE G 24 -0.20 -4.19 -12.99
N CYS G 25 0.97 -4.72 -13.33
CA CYS G 25 1.26 -5.08 -14.71
C CYS G 25 1.95 -6.42 -14.79
N ALA G 26 1.43 -7.27 -15.68
CA ALA G 26 1.92 -8.61 -15.91
C ALA G 26 2.42 -8.75 -17.34
N SER G 27 3.35 -9.68 -17.55
CA SER G 27 3.84 -10.00 -18.88
C SER G 27 4.33 -11.44 -18.89
N ASP G 28 4.42 -11.99 -20.09
CA ASP G 28 4.91 -13.36 -20.26
C ASP G 28 6.34 -13.50 -19.77
N ASN G 38 15.35 -5.58 -20.62
CA ASN G 38 14.14 -4.92 -21.11
C ASN G 38 13.41 -4.25 -19.95
N VAL G 39 13.00 -2.99 -20.17
CA VAL G 39 12.34 -2.24 -19.11
C VAL G 39 10.96 -2.80 -18.82
N TRP G 40 10.25 -3.29 -19.83
CA TRP G 40 8.90 -3.78 -19.59
C TRP G 40 8.89 -5.16 -18.96
N ALA G 41 9.82 -6.03 -19.33
CA ALA G 41 9.87 -7.35 -18.71
C ALA G 41 10.20 -7.21 -17.23
N THR G 42 11.07 -6.25 -16.90
CA THR G 42 11.45 -6.01 -15.52
C THR G 42 10.33 -5.33 -14.74
N HIS G 43 9.68 -4.32 -15.34
CA HIS G 43 8.61 -3.61 -14.65
C HIS G 43 7.36 -4.47 -14.54
N CYS G 44 6.93 -5.06 -15.65
CA CYS G 44 5.74 -5.90 -15.68
C CYS G 44 6.17 -7.34 -15.37
N CYS G 45 6.64 -7.51 -14.14
CA CYS G 45 7.25 -8.74 -13.68
C CYS G 45 6.26 -9.83 -13.27
N VAL G 46 4.98 -9.54 -13.15
CA VAL G 46 4.05 -10.55 -12.67
C VAL G 46 3.76 -11.53 -13.81
N PRO G 47 3.90 -12.85 -13.62
CA PRO G 47 3.57 -13.78 -14.70
C PRO G 47 2.10 -13.68 -15.08
N THR G 48 1.83 -13.99 -16.36
CA THR G 48 0.47 -13.98 -16.88
C THR G 48 -0.13 -15.38 -16.85
N GLN G 53 -10.05 -16.85 -18.23
CA GLN G 53 -10.46 -16.12 -17.04
C GLN G 53 -11.52 -15.06 -17.33
N GLU G 54 -12.04 -15.02 -18.56
CA GLU G 54 -13.04 -14.05 -18.96
C GLU G 54 -14.42 -14.64 -18.71
N VAL G 55 -15.25 -13.93 -17.96
CA VAL G 55 -16.61 -14.38 -17.63
C VAL G 55 -17.59 -13.47 -18.34
N VAL G 56 -18.39 -14.03 -19.25
CA VAL G 56 -19.35 -13.22 -19.98
C VAL G 56 -20.54 -12.98 -19.06
N LEU G 57 -20.98 -11.72 -18.96
CA LEU G 57 -22.08 -11.35 -18.10
C LEU G 57 -23.35 -11.23 -18.94
N GLU G 58 -24.26 -12.19 -18.80
CA GLU G 58 -25.47 -12.14 -19.59
C GLU G 58 -26.43 -11.11 -19.01
N ASN G 59 -27.17 -10.45 -19.88
CA ASN G 59 -28.19 -9.45 -19.49
C ASN G 59 -27.58 -8.32 -18.65
N VAL G 60 -26.34 -7.92 -18.97
CA VAL G 60 -25.68 -6.80 -18.30
C VAL G 60 -25.37 -5.73 -19.32
N THR G 61 -25.89 -4.53 -19.10
CA THR G 61 -25.62 -3.36 -19.91
C THR G 61 -24.82 -2.39 -19.06
N GLU G 62 -23.71 -1.86 -19.59
CA GLU G 62 -22.87 -0.95 -18.84
C GLU G 62 -22.48 0.22 -19.73
N ASN G 63 -22.24 1.37 -19.11
CA ASN G 63 -21.82 2.58 -19.83
C ASN G 63 -20.31 2.72 -19.82
N PHE G 64 -19.72 2.82 -21.01
CA PHE G 64 -18.29 2.98 -21.19
C PHE G 64 -18.02 4.37 -21.72
N ASN G 65 -16.81 4.88 -21.48
CA ASN G 65 -16.41 6.17 -22.05
C ASN G 65 -14.89 6.16 -22.18
N MET G 66 -14.40 5.91 -23.40
CA MET G 66 -12.96 5.76 -23.60
C MET G 66 -12.19 7.05 -23.35
N TRP G 67 -12.85 8.21 -23.36
CA TRP G 67 -12.17 9.49 -23.17
C TRP G 67 -12.16 9.95 -21.73
N LYS G 68 -12.77 9.18 -20.82
CA LYS G 68 -12.82 9.46 -19.40
C LYS G 68 -12.27 8.26 -18.63
N ASN G 69 -11.52 7.41 -19.32
CA ASN G 69 -10.99 6.16 -18.80
C ASN G 69 -9.68 6.43 -18.07
N ASN G 70 -9.68 6.26 -16.76
CA ASN G 70 -8.48 6.55 -15.97
C ASN G 70 -7.39 5.52 -16.20
N MET G 71 -7.69 4.42 -16.91
CA MET G 71 -6.66 3.45 -17.20
C MET G 71 -5.67 4.04 -18.19
N VAL G 72 -6.13 4.97 -19.03
CA VAL G 72 -5.25 5.61 -20.00
C VAL G 72 -4.32 6.55 -19.26
N GLU G 73 -4.87 7.29 -18.29
CA GLU G 73 -4.06 8.23 -17.53
C GLU G 73 -3.01 7.48 -16.71
N GLN G 74 -3.39 6.33 -16.16
CA GLN G 74 -2.44 5.55 -15.40
C GLN G 74 -1.39 4.94 -16.30
N MET G 75 -1.77 4.47 -17.49
CA MET G 75 -0.79 3.92 -18.41
C MET G 75 0.20 5.00 -18.84
N HIS G 76 -0.29 6.22 -19.04
CA HIS G 76 0.56 7.33 -19.44
C HIS G 76 1.57 7.65 -18.35
N GLU G 77 1.10 7.76 -17.11
CA GLU G 77 2.01 8.06 -16.00
C GLU G 77 2.99 6.91 -15.78
N ASP G 78 2.53 5.67 -15.95
CA ASP G 78 3.38 4.51 -15.72
C ASP G 78 4.49 4.45 -16.77
N ILE G 79 4.16 4.75 -18.02
CA ILE G 79 5.15 4.74 -19.08
C ILE G 79 6.17 5.84 -18.85
N ILE G 80 5.72 7.04 -18.49
CA ILE G 80 6.66 8.14 -18.27
C ILE G 80 7.57 7.81 -17.08
N SER G 81 6.98 7.32 -15.99
CA SER G 81 7.77 7.00 -14.80
C SER G 81 8.79 5.92 -15.11
N LEU G 82 8.39 4.86 -15.82
CA LEU G 82 9.33 3.79 -16.12
C LEU G 82 10.45 4.30 -17.02
N TRP G 83 10.10 5.09 -18.04
CA TRP G 83 11.11 5.62 -18.95
C TRP G 83 12.13 6.43 -18.19
N ASP G 84 11.64 7.36 -17.36
CA ASP G 84 12.54 8.25 -16.63
C ASP G 84 13.38 7.49 -15.61
N GLN G 85 12.80 6.48 -14.95
CA GLN G 85 13.56 5.71 -13.98
C GLN G 85 14.66 4.90 -14.66
N SER G 86 14.38 4.37 -15.86
CA SER G 86 15.34 3.55 -16.56
C SER G 86 16.61 4.32 -16.93
N LEU G 87 16.48 5.62 -17.20
CA LEU G 87 17.62 6.42 -17.60
C LEU G 87 18.44 7.01 -16.44
N LYS G 88 18.00 6.85 -15.19
CA LYS G 88 18.74 7.48 -14.10
C LYS G 88 20.16 6.96 -13.94
N PRO G 89 20.42 5.64 -13.80
CA PRO G 89 21.79 5.17 -13.52
C PRO G 89 22.64 5.04 -14.78
N CYS G 90 22.80 6.13 -15.53
CA CYS G 90 23.55 6.06 -16.79
C CYS G 90 24.24 7.39 -17.10
N VAL G 91 25.11 7.31 -18.10
CA VAL G 91 26.03 8.39 -18.44
C VAL G 91 25.33 9.66 -18.90
N LYS G 92 25.73 10.78 -18.29
CA LYS G 92 25.26 12.11 -18.64
C LYS G 92 26.25 12.63 -19.70
N LEU G 93 25.75 13.44 -20.63
CA LEU G 93 26.61 13.96 -21.70
C LEU G 93 27.04 15.40 -21.50
N THR G 94 26.96 15.92 -20.28
CA THR G 94 27.42 17.28 -19.99
C THR G 94 28.80 17.59 -20.55
N PRO G 95 29.82 16.72 -20.43
CA PRO G 95 31.14 17.05 -20.99
C PRO G 95 31.17 17.30 -22.49
N LEU G 96 30.14 16.89 -23.23
CA LEU G 96 30.08 17.09 -24.67
C LEU G 96 29.45 18.40 -25.10
N CYS G 97 29.04 19.27 -24.18
CA CYS G 97 28.44 20.54 -24.57
C CYS G 97 29.56 21.55 -24.82
N VAL G 98 30.28 21.29 -25.91
CA VAL G 98 31.44 22.05 -26.35
C VAL G 98 31.25 22.41 -27.81
N THR G 99 32.06 23.34 -28.29
CA THR G 99 32.03 23.67 -29.70
C THR G 99 32.54 22.47 -30.49
N LEU G 100 31.80 22.07 -31.51
CA LEU G 100 32.18 20.97 -32.38
C LEU G 100 32.68 21.52 -33.71
N ASN G 101 33.76 20.94 -34.22
CA ASN G 101 34.29 21.27 -35.54
C ASN G 101 33.82 20.17 -36.49
N CYS G 102 32.76 20.45 -37.24
CA CYS G 102 32.04 19.43 -38.01
C CYS G 102 32.27 19.62 -39.51
N THR G 103 32.49 18.51 -40.20
CA THR G 103 32.61 18.49 -41.65
C THR G 103 31.65 17.46 -42.20
N ASP G 104 31.15 17.70 -43.42
CA ASP G 104 30.20 16.76 -44.00
C ASP G 104 30.83 15.39 -44.16
N LEU G 105 30.13 14.36 -43.68
CA LEU G 105 30.67 13.01 -43.76
C LEU G 105 30.57 12.45 -45.18
N GLY G 106 29.48 12.75 -45.88
CA GLY G 106 29.27 12.24 -47.22
C GLY G 106 29.98 13.05 -48.28
N GLU G 129 21.37 13.51 -49.50
CA GLU G 129 22.05 13.66 -48.23
C GLU G 129 22.61 15.10 -48.16
N LYS G 130 23.80 15.31 -48.72
CA LYS G 130 24.44 16.62 -48.77
C LYS G 130 24.57 17.27 -47.39
N GLY G 131 25.16 16.54 -46.45
CA GLY G 131 25.38 17.04 -45.12
C GLY G 131 24.44 16.57 -44.04
N GLU G 132 23.69 15.50 -44.26
CA GLU G 132 22.79 15.00 -43.23
C GLU G 132 23.57 14.44 -42.03
N ILE G 133 24.70 13.80 -42.29
CA ILE G 133 25.56 13.22 -41.25
C ILE G 133 26.89 13.95 -41.31
N LYS G 134 27.35 14.45 -40.15
CA LYS G 134 28.62 15.16 -40.05
C LYS G 134 29.59 14.45 -39.12
N ASN G 135 30.87 14.58 -39.45
CA ASN G 135 32.00 14.08 -38.66
C ASN G 135 32.53 15.26 -37.85
N CYS G 136 32.26 15.24 -36.55
CA CYS G 136 32.53 16.35 -35.64
C CYS G 136 33.69 16.01 -34.72
N SER G 137 34.65 16.92 -34.61
CA SER G 137 35.79 16.77 -33.71
C SER G 137 35.67 17.76 -32.56
N PHE G 138 36.20 17.36 -31.40
CA PHE G 138 36.15 18.22 -30.23
C PHE G 138 37.24 17.82 -29.23
N ASN G 139 37.54 18.74 -28.31
CA ASN G 139 38.50 18.52 -27.23
C ASN G 139 37.74 18.18 -25.96
N ILE G 140 37.82 16.91 -25.52
CA ILE G 140 37.08 16.44 -24.35
C ILE G 140 38.01 15.78 -23.35
N THR G 141 37.74 16.00 -22.07
CA THR G 141 38.52 15.33 -21.04
C THR G 141 38.19 13.84 -21.13
N THR G 142 39.23 13.00 -21.07
CA THR G 142 39.05 11.56 -21.18
C THR G 142 38.83 10.94 -19.80
N SER G 143 38.92 9.62 -19.73
CA SER G 143 38.63 8.87 -18.50
C SER G 143 39.60 9.19 -17.37
N VAL G 144 40.73 9.82 -17.68
CA VAL G 144 41.73 10.24 -16.71
C VAL G 144 41.59 11.75 -16.55
N ARG G 145 41.54 12.22 -15.30
CA ARG G 145 41.32 13.63 -15.06
C ARG G 145 42.55 14.45 -15.42
N ASP G 146 42.31 15.73 -15.72
CA ASP G 146 43.35 16.69 -16.08
C ASP G 146 44.17 16.18 -17.28
N LYS G 147 43.46 15.57 -18.23
CA LYS G 147 44.06 15.08 -19.46
C LYS G 147 43.05 15.28 -20.58
N MET G 148 43.37 16.12 -21.55
CA MET G 148 42.47 16.42 -22.65
C MET G 148 42.81 15.53 -23.83
N GLN G 149 41.77 15.04 -24.53
CA GLN G 149 41.95 14.21 -25.71
C GLN G 149 41.03 14.72 -26.81
N LYS G 150 41.59 14.92 -28.00
CA LYS G 150 40.80 15.28 -29.16
C LYS G 150 40.09 14.01 -29.63
N GLU G 151 38.78 14.09 -29.80
CA GLU G 151 37.96 12.95 -30.18
C GLU G 151 37.10 13.33 -31.37
N TYR G 152 36.66 12.29 -32.10
CA TYR G 152 35.74 12.42 -33.22
C TYR G 152 34.47 11.65 -32.92
N ALA G 153 33.35 12.20 -33.37
CA ALA G 153 32.04 11.55 -33.23
C ALA G 153 31.20 11.90 -34.45
N THR G 154 30.21 11.06 -34.72
CA THR G 154 29.33 11.24 -35.87
C THR G 154 27.98 11.71 -35.36
N PHE G 155 27.49 12.83 -35.89
CA PHE G 155 26.21 13.40 -35.50
C PHE G 155 25.31 13.64 -36.69
N TYR G 156 24.00 13.54 -36.46
CA TYR G 156 23.04 13.86 -37.50
C TYR G 156 22.76 15.36 -37.48
N LYS G 157 22.41 15.90 -38.65
CA LYS G 157 22.11 17.33 -38.77
C LYS G 157 21.06 17.78 -37.76
N LEU G 158 20.06 16.94 -37.48
CA LEU G 158 18.99 17.33 -36.57
C LEU G 158 19.43 17.44 -35.13
N ASP G 159 20.59 16.89 -34.77
CA ASP G 159 21.07 16.89 -33.39
C ASP G 159 22.05 18.02 -33.08
N ILE G 160 22.44 18.83 -34.06
CA ILE G 160 23.41 19.90 -33.86
C ILE G 160 22.87 21.20 -34.43
N VAL G 161 23.29 22.31 -33.83
CA VAL G 161 22.89 23.65 -34.25
C VAL G 161 24.14 24.50 -34.51
N PRO G 162 24.20 25.28 -35.60
CA PRO G 162 25.33 26.20 -35.78
C PRO G 162 25.40 27.21 -34.64
N ILE G 163 26.61 27.52 -34.18
CA ILE G 163 26.83 28.53 -33.15
C ILE G 163 27.76 29.65 -33.60
N ASP G 164 28.11 29.68 -34.88
CA ASP G 164 29.00 30.71 -35.41
C ASP G 164 28.73 30.84 -36.90
N ASN G 165 29.42 31.77 -37.55
CA ASN G 165 29.27 32.02 -38.97
C ASN G 165 30.41 31.44 -39.80
N ASP G 166 31.21 30.54 -39.23
CA ASP G 166 32.34 29.95 -39.93
C ASP G 166 31.99 28.68 -40.69
N ASN G 167 30.72 28.26 -40.66
CA ASN G 167 30.24 27.07 -41.35
C ASN G 167 30.93 25.80 -40.87
N ASN G 168 31.53 25.82 -39.67
CA ASN G 168 32.19 24.65 -39.11
C ASN G 168 31.85 24.42 -37.64
N SER G 169 31.49 25.47 -36.91
CA SER G 169 31.26 25.37 -35.48
C SER G 169 29.81 25.01 -35.18
N TYR G 170 29.60 23.89 -34.48
CA TYR G 170 28.29 23.39 -34.11
C TYR G 170 28.28 23.07 -32.63
N ARG G 171 27.08 23.04 -32.05
CA ARG G 171 26.84 22.65 -30.67
C ARG G 171 25.66 21.69 -30.64
N LEU G 172 25.57 20.86 -29.60
CA LEU G 172 24.41 19.98 -29.50
C LEU G 172 23.14 20.83 -29.38
N ILE G 173 22.08 20.32 -30.03
CA ILE G 173 20.86 21.09 -30.27
C ILE G 173 20.30 21.79 -29.02
N ASN G 174 20.37 21.15 -27.85
CA ASN G 174 19.87 21.79 -26.63
C ASN G 174 20.77 21.63 -25.41
N CYS G 175 22.07 21.43 -25.57
CA CYS G 175 22.87 21.13 -24.38
C CYS G 175 23.07 22.33 -23.48
N ASN G 176 22.88 23.57 -23.97
CA ASN G 176 23.13 24.71 -23.11
C ASN G 176 21.92 25.02 -22.22
N THR G 177 20.79 24.34 -22.42
CA THR G 177 19.58 24.53 -21.61
C THR G 177 19.03 23.26 -20.99
N SER G 178 19.65 22.10 -21.22
CA SER G 178 19.10 20.84 -20.76
C SER G 178 20.21 19.84 -20.49
N VAL G 179 19.88 18.81 -19.72
CA VAL G 179 20.80 17.71 -19.41
C VAL G 179 20.45 16.55 -20.31
N ILE G 180 21.42 16.12 -21.12
CA ILE G 180 21.24 15.04 -22.07
C ILE G 180 21.81 13.79 -21.43
N THR G 181 20.96 12.78 -21.23
CA THR G 181 21.36 11.52 -20.59
C THR G 181 21.46 10.47 -21.68
N GLN G 182 22.56 9.72 -21.69
CA GLN G 182 22.73 8.67 -22.68
C GLN G 182 21.89 7.47 -22.28
N ALA G 183 21.16 6.91 -23.24
CA ALA G 183 20.37 5.73 -22.97
C ALA G 183 21.30 4.60 -22.59
N CYS G 184 20.86 3.78 -21.65
CA CYS G 184 21.70 2.69 -21.17
C CYS G 184 21.90 1.67 -22.30
N PRO G 185 23.14 1.39 -22.74
CA PRO G 185 23.33 0.45 -23.86
C PRO G 185 22.81 -0.96 -23.61
N LYS G 186 22.61 -1.36 -22.35
CA LYS G 186 22.15 -2.71 -22.01
C LYS G 186 20.69 -2.76 -21.62
N VAL G 187 19.95 -1.66 -21.76
CA VAL G 187 18.54 -1.59 -21.40
C VAL G 187 17.77 -1.44 -22.71
N SER G 188 16.87 -2.39 -22.97
CA SER G 188 16.05 -2.39 -24.17
C SER G 188 14.70 -1.75 -23.89
N PHE G 189 14.28 -0.85 -24.77
CA PHE G 189 12.98 -0.19 -24.67
C PHE G 189 11.98 -0.74 -25.67
N GLU G 190 12.30 -1.86 -26.32
CA GLU G 190 11.40 -2.46 -27.30
C GLU G 190 10.04 -2.75 -26.65
N PRO G 191 8.93 -2.26 -27.21
CA PRO G 191 7.64 -2.55 -26.58
C PRO G 191 7.30 -4.02 -26.72
N ILE G 192 6.79 -4.60 -25.65
CA ILE G 192 6.35 -5.99 -25.63
C ILE G 192 4.89 -5.97 -25.16
N PRO G 193 4.11 -7.02 -25.43
CA PRO G 193 2.76 -7.03 -24.88
C PRO G 193 2.80 -7.04 -23.36
N ILE G 194 1.97 -6.18 -22.77
CA ILE G 194 1.81 -6.14 -21.32
C ILE G 194 0.31 -6.19 -21.02
N HIS G 195 -0.01 -6.58 -19.80
CA HIS G 195 -1.39 -6.68 -19.36
C HIS G 195 -1.57 -5.90 -18.07
N TYR G 196 -2.55 -5.00 -18.05
CA TYR G 196 -2.85 -4.24 -16.85
C TYR G 196 -3.90 -5.00 -16.05
N CYS G 197 -3.62 -5.21 -14.77
CA CYS G 197 -4.41 -6.07 -13.91
C CYS G 197 -4.92 -5.30 -12.70
N ALA G 198 -6.17 -5.56 -12.34
CA ALA G 198 -6.81 -4.96 -11.18
C ALA G 198 -6.41 -5.70 -9.89
N PRO G 199 -6.33 -5.00 -8.76
CA PRO G 199 -6.12 -5.69 -7.49
C PRO G 199 -7.40 -6.37 -7.02
N ALA G 200 -7.24 -7.28 -6.05
CA ALA G 200 -8.41 -7.95 -5.49
C ALA G 200 -9.37 -6.93 -4.93
N GLY G 201 -10.66 -7.17 -5.14
CA GLY G 201 -11.72 -6.28 -4.72
C GLY G 201 -12.22 -5.41 -5.86
N PHE G 202 -11.49 -5.40 -6.98
CA PHE G 202 -11.77 -4.64 -8.19
C PHE G 202 -11.83 -5.62 -9.35
N ALA G 203 -12.45 -5.19 -10.44
CA ALA G 203 -12.54 -6.01 -11.64
C ALA G 203 -12.50 -5.07 -12.85
N ILE G 204 -12.11 -5.62 -14.00
CA ILE G 204 -12.09 -4.86 -15.25
C ILE G 204 -13.22 -5.39 -16.12
N LEU G 205 -14.09 -4.48 -16.57
CA LEU G 205 -15.17 -4.84 -17.46
C LEU G 205 -14.73 -4.53 -18.88
N LYS G 206 -15.02 -5.46 -19.80
CA LYS G 206 -14.69 -5.35 -21.20
C LYS G 206 -15.96 -5.33 -22.05
N CYS G 207 -15.99 -4.43 -23.04
CA CYS G 207 -17.09 -4.33 -23.99
C CYS G 207 -16.79 -5.24 -25.18
N ASN G 208 -17.69 -6.18 -25.45
CA ASN G 208 -17.53 -7.16 -26.53
C ASN G 208 -18.32 -6.81 -27.78
N ASN G 209 -18.76 -5.56 -27.92
CA ASN G 209 -19.44 -5.12 -29.14
C ASN G 209 -18.34 -4.73 -30.11
N LYS G 210 -18.21 -5.51 -31.19
CA LYS G 210 -17.12 -5.38 -32.16
C LYS G 210 -17.12 -4.05 -32.90
N THR G 211 -18.23 -3.32 -32.90
CA THR G 211 -18.34 -2.04 -33.59
C THR G 211 -18.61 -0.90 -32.60
N PHE G 212 -18.31 -1.11 -31.33
CA PHE G 212 -18.55 -0.11 -30.29
C PHE G 212 -17.74 1.14 -30.60
N ASN G 213 -18.38 2.31 -30.46
CA ASN G 213 -17.77 3.58 -30.80
C ASN G 213 -17.03 4.23 -29.63
N GLY G 214 -16.80 3.49 -28.55
CA GLY G 214 -16.02 3.96 -27.43
C GLY G 214 -16.75 4.73 -26.37
N THR G 215 -18.05 4.97 -26.53
CA THR G 215 -18.80 5.72 -25.53
C THR G 215 -20.25 5.26 -25.56
N GLY G 216 -20.89 5.32 -24.40
CA GLY G 216 -22.28 4.97 -24.29
C GLY G 216 -22.47 3.53 -23.83
N PRO G 217 -23.73 3.07 -23.86
CA PRO G 217 -24.02 1.73 -23.34
C PRO G 217 -23.46 0.63 -24.23
N CYS G 218 -23.07 -0.46 -23.59
CA CYS G 218 -22.58 -1.68 -24.23
C CYS G 218 -23.41 -2.81 -23.62
N THR G 219 -23.98 -3.63 -24.49
CA THR G 219 -24.90 -4.70 -24.09
C THR G 219 -24.27 -6.09 -24.04
N ASN G 220 -22.98 -6.21 -24.32
CA ASN G 220 -22.27 -7.49 -24.24
C ASN G 220 -21.00 -7.17 -23.47
N VAL G 221 -21.02 -7.45 -22.17
CA VAL G 221 -19.96 -7.08 -21.24
C VAL G 221 -19.43 -8.34 -20.58
N SER G 222 -18.11 -8.44 -20.47
CA SER G 222 -17.47 -9.55 -19.78
C SER G 222 -16.54 -9.01 -18.71
N THR G 223 -16.28 -9.83 -17.70
CA THR G 223 -15.41 -9.46 -16.59
C THR G 223 -14.08 -10.19 -16.74
N VAL G 224 -12.99 -9.43 -16.65
CA VAL G 224 -11.64 -9.94 -16.71
C VAL G 224 -10.87 -9.37 -15.52
N GLN G 225 -9.77 -10.03 -15.19
CA GLN G 225 -8.87 -9.51 -14.17
C GLN G 225 -7.76 -8.68 -14.80
N CYS G 226 -7.34 -9.04 -16.02
CA CYS G 226 -6.27 -8.39 -16.75
C CYS G 226 -6.73 -8.03 -18.15
N THR G 227 -6.15 -6.96 -18.70
CA THR G 227 -6.41 -6.57 -20.07
C THR G 227 -5.67 -7.49 -21.04
N HIS G 228 -5.97 -7.34 -22.33
CA HIS G 228 -5.27 -8.09 -23.36
C HIS G 228 -3.84 -7.57 -23.46
N GLY G 229 -3.03 -8.20 -24.30
CA GLY G 229 -1.66 -7.73 -24.39
C GLY G 229 -1.59 -6.47 -25.23
N ILE G 230 -1.13 -5.39 -24.60
CA ILE G 230 -1.01 -4.08 -25.21
C ILE G 230 0.47 -3.75 -25.34
N ARG G 231 0.90 -3.38 -26.55
CA ARG G 231 2.28 -3.00 -26.76
C ARG G 231 2.41 -1.49 -26.58
N PRO G 232 3.29 -0.99 -25.67
CA PRO G 232 3.40 0.47 -25.48
C PRO G 232 4.24 1.11 -26.58
N VAL G 233 3.70 1.08 -27.80
CA VAL G 233 4.40 1.61 -28.96
C VAL G 233 4.24 3.12 -28.97
N VAL G 234 5.34 3.82 -29.19
CA VAL G 234 5.38 5.28 -29.25
C VAL G 234 5.45 5.74 -30.70
N SER G 235 4.43 6.51 -31.12
CA SER G 235 4.37 7.05 -32.46
C SER G 235 3.51 8.31 -32.41
N THR G 236 3.63 9.16 -33.45
CA THR G 236 2.87 10.41 -33.52
C THR G 236 1.71 10.47 -34.50
N GLN G 237 1.66 9.62 -35.53
CA GLN G 237 0.59 9.72 -36.53
C GLN G 237 -0.08 8.40 -36.85
N LEU G 238 0.71 7.35 -37.05
CA LEU G 238 0.21 6.02 -37.35
C LEU G 238 0.41 5.13 -36.14
N LEU G 239 -0.59 4.32 -35.84
CA LEU G 239 -0.52 3.40 -34.71
C LEU G 239 0.06 2.09 -35.23
N LEU G 240 1.14 1.64 -34.62
CA LEU G 240 1.86 0.47 -35.08
C LEU G 240 1.74 -0.66 -34.08
N ASN G 241 1.64 -1.89 -34.59
CA ASN G 241 1.60 -3.11 -33.80
C ASN G 241 0.48 -3.09 -32.76
N GLY G 242 -0.66 -2.52 -33.12
CA GLY G 242 -1.82 -2.48 -32.26
C GLY G 242 -2.80 -3.59 -32.59
N SER G 243 -4.01 -3.46 -32.06
CA SER G 243 -5.04 -4.45 -32.31
C SER G 243 -5.86 -4.03 -33.52
N LEU G 244 -6.33 -5.00 -34.29
CA LEU G 244 -7.22 -4.73 -35.41
C LEU G 244 -8.69 -4.89 -35.04
N ALA G 245 -9.53 -4.15 -35.75
CA ALA G 245 -10.97 -4.31 -35.61
C ALA G 245 -11.35 -5.67 -36.16
N GLU G 246 -12.41 -6.27 -35.60
CA GLU G 246 -12.76 -7.62 -36.04
C GLU G 246 -13.75 -7.66 -37.20
N GLU G 247 -14.60 -6.64 -37.38
CA GLU G 247 -15.59 -6.66 -38.46
C GLU G 247 -15.40 -5.57 -39.51
N GLU G 248 -15.01 -4.37 -39.11
CA GLU G 248 -14.93 -3.25 -40.04
C GLU G 248 -14.01 -2.19 -39.45
N ILE G 249 -13.70 -1.17 -40.26
CA ILE G 249 -12.93 -0.05 -39.75
C ILE G 249 -13.85 0.75 -38.85
N VAL G 250 -13.40 1.06 -37.65
CA VAL G 250 -14.19 1.81 -36.68
C VAL G 250 -13.50 3.14 -36.45
N ILE G 251 -14.24 4.23 -36.65
CA ILE G 251 -13.72 5.58 -36.48
C ILE G 251 -14.38 6.12 -35.22
N ARG G 252 -13.56 6.54 -34.27
CA ARG G 252 -14.04 7.02 -32.97
C ARG G 252 -13.59 8.45 -32.74
N SER G 253 -14.48 9.24 -32.17
CA SER G 253 -14.17 10.62 -31.80
C SER G 253 -15.11 11.00 -30.67
N GLU G 254 -14.61 11.85 -29.79
CA GLU G 254 -15.43 12.29 -28.66
C GLU G 254 -16.72 12.98 -29.14
N ASN G 255 -16.64 13.75 -30.23
CA ASN G 255 -17.79 14.52 -30.72
C ASN G 255 -18.07 14.33 -32.22
N PHE G 256 -17.03 14.40 -33.06
CA PHE G 256 -17.07 14.47 -34.53
C PHE G 256 -17.58 15.80 -35.09
N THR G 257 -17.87 16.79 -34.24
CA THR G 257 -18.25 18.12 -34.68
C THR G 257 -17.28 19.18 -34.18
N ASP G 258 -16.45 18.84 -33.19
CA ASP G 258 -15.46 19.73 -32.60
C ASP G 258 -14.14 19.46 -33.29
N ASN G 259 -13.62 20.46 -34.01
CA ASN G 259 -12.42 20.25 -34.80
C ASN G 259 -11.18 20.06 -33.94
N GLY G 260 -11.26 20.32 -32.64
CA GLY G 260 -10.14 20.19 -31.74
C GLY G 260 -9.97 18.81 -31.14
N LYS G 261 -10.84 17.86 -31.47
CA LYS G 261 -10.79 16.51 -30.96
C LYS G 261 -10.07 15.58 -31.94
N THR G 262 -9.34 14.62 -31.38
CA THR G 262 -8.64 13.64 -32.20
C THR G 262 -9.59 12.54 -32.64
N ILE G 263 -9.50 12.16 -33.91
CA ILE G 263 -10.26 11.07 -34.48
C ILE G 263 -9.31 9.87 -34.53
N ILE G 264 -9.70 8.78 -33.87
CA ILE G 264 -8.91 7.56 -33.83
C ILE G 264 -9.56 6.56 -34.78
N VAL G 265 -8.83 6.15 -35.79
CA VAL G 265 -9.32 5.24 -36.82
C VAL G 265 -8.69 3.88 -36.55
N GLN G 266 -9.51 2.88 -36.24
CA GLN G 266 -9.04 1.53 -35.97
C GLN G 266 -9.31 0.69 -37.21
N LEU G 267 -8.25 0.11 -37.77
CA LEU G 267 -8.35 -0.65 -39.00
C LEU G 267 -8.73 -2.09 -38.70
N ASN G 268 -9.41 -2.73 -39.66
CA ASN G 268 -9.75 -4.14 -39.56
C ASN G 268 -8.77 -5.02 -40.34
N GLU G 269 -7.81 -4.42 -41.03
CA GLU G 269 -6.78 -5.10 -41.79
C GLU G 269 -5.56 -4.21 -41.69
N SER G 270 -4.41 -4.80 -41.36
CA SER G 270 -3.22 -3.98 -41.18
C SER G 270 -2.55 -3.68 -42.52
N VAL G 271 -1.71 -2.65 -42.50
CA VAL G 271 -0.86 -2.29 -43.65
C VAL G 271 0.58 -2.44 -43.21
N GLU G 272 1.38 -3.19 -43.97
CA GLU G 272 2.75 -3.43 -43.58
C GLU G 272 3.63 -2.25 -43.97
N ILE G 273 4.44 -1.78 -43.02
CA ILE G 273 5.38 -0.68 -43.20
C ILE G 273 6.78 -1.22 -42.87
N ASN G 274 7.64 -1.32 -43.89
CA ASN G 274 8.97 -1.89 -43.75
C ASN G 274 10.01 -0.76 -43.75
N CYS G 275 10.62 -0.49 -42.60
CA CYS G 275 11.52 0.64 -42.42
C CYS G 275 12.96 0.16 -42.33
N THR G 276 13.84 0.78 -43.12
CA THR G 276 15.24 0.42 -43.23
C THR G 276 16.16 1.62 -43.01
N ARG G 277 17.27 1.35 -42.33
CA ARG G 277 18.37 2.27 -42.07
C ARG G 277 19.54 1.56 -42.75
N PRO G 278 19.72 1.78 -44.06
CA PRO G 278 20.67 0.99 -44.85
C PRO G 278 22.14 1.19 -44.51
N ASN G 279 22.51 2.26 -43.80
CA ASN G 279 23.92 2.47 -43.52
C ASN G 279 24.45 1.40 -42.59
N ASN G 280 25.57 0.80 -42.98
CA ASN G 280 26.25 -0.24 -42.22
C ASN G 280 27.26 0.45 -41.30
N ASN G 281 26.83 0.71 -40.07
CA ASN G 281 27.62 1.50 -39.13
C ASN G 281 28.53 0.64 -38.27
N THR G 282 29.78 1.08 -38.13
CA THR G 282 30.74 0.48 -37.22
C THR G 282 30.83 1.45 -36.04
N ARG G 283 30.45 0.97 -34.86
CA ARG G 283 30.38 1.77 -33.66
C ARG G 283 31.68 1.76 -32.88
N LYS G 284 32.00 2.90 -32.26
CA LYS G 284 33.14 3.01 -31.37
C LYS G 284 32.65 3.59 -30.05
N SER G 285 33.41 3.32 -29.00
CA SER G 285 33.08 3.77 -27.65
C SER G 285 34.24 4.61 -27.10
N ILE G 286 33.99 5.89 -26.85
CA ILE G 286 35.00 6.80 -26.33
C ILE G 286 34.61 7.14 -24.90
N HIS G 287 35.56 7.05 -23.98
CA HIS G 287 35.31 7.31 -22.57
C HIS G 287 35.47 8.78 -22.24
N ILE G 288 34.53 9.28 -21.43
CA ILE G 288 34.50 10.67 -20.99
C ILE G 288 34.53 10.79 -19.47
N GLY G 289 34.86 9.71 -18.76
CA GLY G 289 34.90 9.73 -17.32
C GLY G 289 35.20 8.36 -16.74
N PRO G 290 35.14 8.24 -15.42
CA PRO G 290 35.55 6.99 -14.76
C PRO G 290 34.52 5.90 -15.01
N GLY G 291 34.57 5.30 -16.20
CA GLY G 291 33.61 4.29 -16.60
C GLY G 291 32.39 4.85 -17.29
N ARG G 292 32.45 6.10 -17.73
CA ARG G 292 31.37 6.79 -18.42
C ARG G 292 31.72 6.81 -19.90
N ALA G 293 31.12 5.91 -20.68
CA ALA G 293 31.44 5.81 -22.10
C ALA G 293 30.35 6.43 -22.95
N PHE G 294 30.78 7.22 -23.94
CA PHE G 294 29.91 7.81 -24.93
C PHE G 294 29.99 6.97 -26.21
N TYR G 295 28.84 6.54 -26.70
CA TYR G 295 28.79 5.69 -27.88
C TYR G 295 28.41 6.54 -29.09
N THR G 296 29.19 6.38 -30.17
CA THR G 296 28.99 7.11 -31.40
C THR G 296 29.42 6.22 -32.55
N THR G 297 28.98 6.56 -33.76
CA THR G 297 29.41 5.79 -34.92
C THR G 297 30.86 6.13 -35.20
N GLY G 298 31.69 5.10 -35.32
CA GLY G 298 33.10 5.31 -35.58
C GLY G 298 33.34 5.50 -37.06
N GLN G 299 32.70 4.67 -37.87
CA GLN G 299 32.83 4.76 -39.31
C GLN G 299 31.62 4.13 -39.96
N ILE G 300 31.38 4.48 -41.22
CA ILE G 300 30.32 3.87 -42.01
C ILE G 300 30.99 3.08 -43.13
N ILE G 301 30.63 1.81 -43.25
CA ILE G 301 31.21 0.91 -44.24
C ILE G 301 30.32 0.97 -45.46
N GLY G 302 30.91 1.21 -46.62
CA GLY G 302 30.13 1.35 -47.82
C GLY G 302 29.69 2.78 -47.97
N ASN G 303 28.63 2.99 -48.75
CA ASN G 303 28.19 4.35 -49.04
C ASN G 303 27.21 4.79 -47.96
N ILE G 304 26.74 6.04 -48.06
CA ILE G 304 25.74 6.61 -47.17
C ILE G 304 24.45 6.71 -47.96
N ARG G 305 23.39 6.08 -47.45
CA ARG G 305 22.11 6.03 -48.13
C ARG G 305 21.02 6.50 -47.18
N GLN G 306 19.95 7.02 -47.76
CA GLN G 306 18.84 7.58 -46.99
C GLN G 306 17.98 6.50 -46.34
N ALA G 307 17.64 6.69 -45.07
CA ALA G 307 16.74 5.80 -44.37
C ALA G 307 15.34 6.00 -44.95
N HIS G 308 14.55 4.92 -45.03
CA HIS G 308 13.22 5.08 -45.60
C HIS G 308 12.29 3.97 -45.13
N CYS G 309 11.00 4.20 -45.33
CA CYS G 309 9.96 3.21 -45.07
C CYS G 309 9.16 2.92 -46.33
N ASN G 310 8.91 1.64 -46.58
CA ASN G 310 8.17 1.18 -47.76
C ASN G 310 6.81 0.65 -47.34
N ILE G 311 5.76 1.29 -47.85
CA ILE G 311 4.37 0.96 -47.61
C ILE G 311 3.79 0.54 -48.96
N SER G 312 3.08 -0.59 -49.00
CA SER G 312 2.51 -1.03 -50.27
C SER G 312 1.48 0.00 -50.75
N ARG G 313 1.59 0.39 -52.02
CA ARG G 313 0.70 1.42 -52.54
C ARG G 313 -0.74 0.94 -52.64
N ALA G 314 -0.95 -0.30 -53.10
CA ALA G 314 -2.32 -0.79 -53.25
C ALA G 314 -3.01 -0.95 -51.91
N LYS G 315 -2.28 -1.42 -50.89
CA LYS G 315 -2.92 -1.62 -49.60
C LYS G 315 -3.28 -0.29 -48.96
N TRP G 316 -2.39 0.70 -49.07
CA TRP G 316 -2.70 2.01 -48.52
C TRP G 316 -3.87 2.65 -49.26
N ASN G 317 -3.90 2.53 -50.58
CA ASN G 317 -4.99 3.12 -51.36
C ASN G 317 -6.32 2.48 -51.00
N ASN G 318 -6.32 1.17 -50.74
CA ASN G 318 -7.54 0.50 -50.31
C ASN G 318 -7.92 0.93 -48.90
N THR G 319 -6.93 1.12 -48.05
CA THR G 319 -7.17 1.56 -46.69
C THR G 319 -7.80 2.94 -46.69
N LEU G 320 -7.26 3.86 -47.50
CA LEU G 320 -7.83 5.20 -47.55
C LEU G 320 -9.23 5.15 -48.13
N HIS G 321 -9.47 4.28 -49.12
CA HIS G 321 -10.81 4.15 -49.67
C HIS G 321 -11.81 3.74 -48.60
N LYS G 322 -11.47 2.72 -47.81
CA LYS G 322 -12.40 2.27 -46.79
C LYS G 322 -12.53 3.30 -45.67
N ILE G 323 -11.46 4.03 -45.36
CA ILE G 323 -11.54 5.08 -44.34
C ILE G 323 -12.49 6.17 -44.79
N VAL G 324 -12.38 6.61 -46.05
CA VAL G 324 -13.30 7.66 -46.48
C VAL G 324 -14.73 7.14 -46.52
N LYS G 325 -14.91 5.85 -46.87
CA LYS G 325 -16.26 5.30 -46.84
C LYS G 325 -16.85 5.36 -45.45
N LYS G 326 -16.04 5.14 -44.41
CA LYS G 326 -16.56 5.25 -43.05
C LYS G 326 -16.68 6.71 -42.61
N LEU G 327 -15.75 7.58 -43.03
CA LEU G 327 -15.83 9.00 -42.66
C LEU G 327 -17.07 9.66 -43.24
N ARG G 328 -17.49 9.25 -44.43
CA ARG G 328 -18.68 9.83 -45.06
C ARG G 328 -19.95 9.53 -44.30
N GLU G 329 -19.92 8.62 -43.33
CA GLU G 329 -21.11 8.33 -42.52
C GLU G 329 -21.30 9.39 -41.45
N GLN G 330 -20.22 10.05 -41.02
CA GLN G 330 -20.28 11.10 -40.01
C GLN G 330 -20.34 12.48 -40.62
N PHE G 331 -19.79 12.64 -41.82
CA PHE G 331 -19.71 13.91 -42.56
C PHE G 331 -20.43 13.65 -43.88
N ARG G 332 -21.75 13.75 -43.85
CA ARG G 332 -22.59 13.33 -44.97
C ARG G 332 -22.43 14.24 -46.18
N ASN G 333 -22.29 13.61 -47.35
CA ASN G 333 -22.21 14.31 -48.64
C ASN G 333 -21.08 15.33 -48.69
N LYS G 334 -19.94 15.02 -48.08
CA LYS G 334 -18.77 15.88 -48.09
C LYS G 334 -17.63 15.26 -48.88
N THR G 335 -16.79 16.13 -49.44
CA THR G 335 -15.56 15.70 -50.09
C THR G 335 -14.51 15.55 -48.98
N ILE G 336 -13.73 14.46 -49.02
CA ILE G 336 -12.71 14.21 -48.01
C ILE G 336 -11.35 14.38 -48.66
N VAL G 337 -10.55 15.30 -48.12
CA VAL G 337 -9.21 15.60 -48.62
C VAL G 337 -8.23 15.35 -47.49
N PHE G 338 -7.17 14.60 -47.79
CA PHE G 338 -6.10 14.35 -46.84
C PHE G 338 -4.93 15.24 -47.24
N LYS G 339 -4.38 15.95 -46.26
CA LYS G 339 -3.23 16.82 -46.43
C LYS G 339 -2.22 16.53 -45.32
N GLN G 340 -0.97 16.92 -45.55
CA GLN G 340 0.02 16.79 -44.50
C GLN G 340 -0.24 17.83 -43.42
N SER G 341 0.19 17.53 -42.21
CA SER G 341 -0.04 18.47 -41.12
C SER G 341 0.92 19.65 -41.20
N SER G 342 0.54 20.73 -40.52
CA SER G 342 1.34 21.95 -40.44
C SER G 342 2.14 21.97 -39.14
N GLY G 343 3.10 22.89 -39.08
CA GLY G 343 3.93 23.08 -37.90
C GLY G 343 5.42 23.04 -38.16
N GLY G 344 5.88 22.41 -39.23
CA GLY G 344 7.29 22.44 -39.56
C GLY G 344 8.20 21.51 -38.77
N ASP G 345 8.19 21.66 -37.45
CA ASP G 345 9.03 20.89 -36.53
C ASP G 345 8.84 19.38 -36.79
N PRO G 346 9.91 18.63 -37.10
CA PRO G 346 9.77 17.18 -37.35
C PRO G 346 9.01 16.41 -36.28
N GLU G 347 9.06 16.85 -35.02
CA GLU G 347 8.35 16.12 -33.97
C GLU G 347 6.86 16.38 -33.99
N ILE G 348 6.40 17.36 -34.75
CA ILE G 348 4.98 17.69 -34.86
C ILE G 348 4.38 17.16 -36.16
N VAL G 349 5.07 17.33 -37.30
CA VAL G 349 4.48 17.01 -38.60
C VAL G 349 4.96 15.72 -39.24
N MET G 350 6.00 15.08 -38.72
CA MET G 350 6.48 13.84 -39.30
C MET G 350 6.02 12.67 -38.45
N HIS G 351 6.01 11.50 -39.09
CA HIS G 351 5.67 10.24 -38.43
C HIS G 351 6.91 9.74 -37.72
N SER G 352 6.90 9.69 -36.39
CA SER G 352 8.07 9.26 -35.66
C SER G 352 7.83 7.91 -35.01
N PHE G 353 8.91 7.14 -34.89
CA PHE G 353 8.82 5.83 -34.25
C PHE G 353 10.21 5.32 -33.86
N ASN G 354 10.23 4.34 -32.97
CA ASN G 354 11.46 3.66 -32.55
C ASN G 354 11.59 2.32 -33.31
N CYS G 355 12.52 2.26 -34.25
CA CYS G 355 12.75 1.12 -35.14
C CYS G 355 14.16 0.58 -34.90
N GLY G 356 14.24 -0.58 -34.24
CA GLY G 356 15.53 -1.19 -34.00
C GLY G 356 16.33 -0.54 -32.90
N GLY G 357 15.77 0.47 -32.25
CA GLY G 357 16.42 1.27 -31.25
C GLY G 357 16.75 2.65 -31.75
N GLU G 358 16.62 2.89 -33.07
CA GLU G 358 16.84 4.21 -33.63
C GLU G 358 15.51 4.92 -33.69
N PHE G 359 15.54 6.25 -33.61
CA PHE G 359 14.34 7.05 -33.69
C PHE G 359 14.25 7.66 -35.08
N PHE G 360 13.25 7.22 -35.84
CA PHE G 360 13.00 7.64 -37.20
C PHE G 360 11.95 8.72 -37.22
N TYR G 361 12.13 9.70 -38.10
CA TYR G 361 11.16 10.74 -38.39
C TYR G 361 10.93 10.70 -39.90
N CYS G 362 9.79 10.17 -40.33
CA CYS G 362 9.50 9.90 -41.72
C CYS G 362 8.47 10.88 -42.25
N ASN G 363 8.64 11.27 -43.52
CA ASN G 363 7.75 12.22 -44.19
C ASN G 363 6.55 11.48 -44.76
N SER G 364 5.40 11.67 -44.11
CA SER G 364 4.15 10.99 -44.43
C SER G 364 3.31 11.71 -45.47
N THR G 365 3.83 12.78 -46.08
CA THR G 365 3.09 13.55 -47.07
C THR G 365 2.55 12.67 -48.20
N GLN G 366 3.31 11.66 -48.62
CA GLN G 366 2.85 10.81 -49.70
C GLN G 366 1.65 9.97 -49.30
N LEU G 367 1.38 9.81 -48.00
CA LEU G 367 0.25 9.03 -47.52
C LEU G 367 -0.99 9.86 -47.34
N PHE G 368 -0.83 11.16 -47.04
CA PHE G 368 -1.94 12.07 -46.76
C PHE G 368 -1.96 13.23 -47.73
N ASN G 369 -2.02 12.92 -49.03
CA ASN G 369 -2.08 13.92 -50.08
C ASN G 369 -3.04 13.40 -51.16
N SER G 370 -4.34 13.49 -50.88
CA SER G 370 -5.31 12.93 -51.83
C SER G 370 -6.68 13.56 -51.63
N THR G 371 -7.52 13.45 -52.67
CA THR G 371 -8.91 13.91 -52.64
C THR G 371 -9.84 12.76 -53.02
N TRP G 372 -10.85 12.53 -52.20
CA TRP G 372 -11.86 11.50 -52.42
C TRP G 372 -13.24 12.16 -52.45
N TYR G 373 -14.07 11.74 -53.41
CA TYR G 373 -15.42 12.26 -53.56
C TYR G 373 -16.50 11.24 -53.21
N GLY G 374 -16.12 10.01 -52.84
CA GLY G 374 -17.05 8.97 -52.48
C GLY G 374 -17.48 8.08 -53.62
N ASN G 375 -17.26 8.51 -54.87
CA ASN G 375 -17.60 7.74 -56.06
C ASN G 375 -16.42 7.00 -56.65
N GLU G 376 -15.24 7.07 -56.03
CA GLU G 376 -14.04 6.44 -56.55
C GLU G 376 -13.89 5.05 -55.94
N SER G 377 -13.90 4.03 -56.79
CA SER G 377 -13.77 2.66 -56.34
C SER G 377 -12.31 2.32 -56.08
N SER G 378 -12.11 1.24 -55.30
CA SER G 378 -10.79 0.73 -54.96
C SER G 378 -10.99 -0.47 -54.04
N ASN G 386 5.05 0.57 -54.72
CA ASN G 386 5.56 0.96 -53.41
C ASN G 386 5.52 2.46 -53.20
N ILE G 387 5.24 2.85 -51.96
CA ILE G 387 5.32 4.23 -51.50
C ILE G 387 6.51 4.26 -50.56
N THR G 388 7.53 5.06 -50.91
CA THR G 388 8.73 5.17 -50.11
C THR G 388 8.71 6.52 -49.41
N LEU G 389 8.75 6.48 -48.08
CA LEU G 389 8.74 7.67 -47.26
C LEU G 389 10.18 7.96 -46.85
N PRO G 390 10.76 9.13 -47.14
CA PRO G 390 12.12 9.39 -46.68
C PRO G 390 12.08 9.57 -45.17
N CYS G 391 13.16 9.15 -44.50
CA CYS G 391 13.24 9.28 -43.06
C CYS G 391 14.56 9.89 -42.63
N ARG G 392 14.49 10.62 -41.52
CA ARG G 392 15.63 11.21 -40.83
C ARG G 392 15.82 10.45 -39.52
N ILE G 393 17.05 10.45 -39.02
CA ILE G 393 17.37 9.83 -37.74
C ILE G 393 17.78 10.95 -36.79
N LYS G 394 17.25 10.91 -35.57
CA LYS G 394 17.54 11.90 -34.54
C LYS G 394 17.97 11.15 -33.30
N GLN G 395 19.17 11.47 -32.80
CA GLN G 395 19.69 10.78 -31.63
C GLN G 395 19.33 11.45 -30.30
N ILE G 396 19.11 12.76 -30.29
CA ILE G 396 18.76 13.49 -29.07
C ILE G 396 17.26 13.78 -29.13
N ILE G 397 16.51 13.17 -28.22
CA ILE G 397 15.05 13.25 -28.21
C ILE G 397 14.54 13.67 -26.83
N ASN G 398 13.28 14.14 -26.81
CA ASN G 398 12.57 14.50 -25.58
C ASN G 398 11.12 14.05 -25.82
N LEU G 399 10.84 12.78 -25.55
CA LEU G 399 9.57 12.18 -25.98
C LEU G 399 8.36 12.82 -25.32
N TRP G 400 8.46 13.22 -24.05
CA TRP G 400 7.36 13.82 -23.32
C TRP G 400 7.58 15.29 -22.99
N GLN G 401 8.43 15.98 -23.74
CA GLN G 401 8.68 17.41 -23.57
C GLN G 401 9.05 17.77 -22.13
N GLU G 402 9.97 17.02 -21.54
CA GLU G 402 10.40 17.32 -20.19
C GLU G 402 11.21 18.62 -20.23
N VAL G 403 11.09 19.43 -19.18
CA VAL G 403 11.79 20.70 -19.12
C VAL G 403 13.17 20.47 -18.52
N GLY G 404 14.21 20.85 -19.26
CA GLY G 404 15.57 20.73 -18.82
C GLY G 404 16.20 19.37 -18.97
N LYS G 405 15.51 18.42 -19.62
CA LYS G 405 16.00 17.06 -19.77
C LYS G 405 15.86 16.61 -21.22
N ALA G 406 16.77 15.72 -21.62
CA ALA G 406 16.74 15.11 -22.93
C ALA G 406 17.46 13.78 -22.84
N MET G 407 17.22 12.90 -23.82
CA MET G 407 17.87 11.61 -23.88
C MET G 407 18.57 11.43 -25.22
N TYR G 408 19.75 10.83 -25.17
CA TYR G 408 20.57 10.53 -26.33
C TYR G 408 20.52 9.04 -26.63
N ALA G 409 20.06 8.69 -27.82
CA ALA G 409 19.99 7.30 -28.22
C ALA G 409 21.31 6.91 -28.86
N PRO G 410 22.10 5.99 -28.28
CA PRO G 410 23.39 5.67 -28.90
C PRO G 410 23.17 4.96 -30.21
N PRO G 411 24.10 5.08 -31.17
CA PRO G 411 23.90 4.39 -32.44
C PRO G 411 24.06 2.88 -32.26
N ILE G 412 23.39 2.17 -33.15
CA ILE G 412 23.47 0.72 -33.27
C ILE G 412 24.19 0.42 -34.57
N GLY G 413 25.20 -0.45 -34.50
CA GLY G 413 26.01 -0.74 -35.67
C GLY G 413 25.32 -1.67 -36.63
N GLY G 414 25.97 -1.89 -37.77
CA GLY G 414 25.37 -2.69 -38.81
C GLY G 414 24.24 -1.91 -39.47
N GLN G 415 23.27 -2.64 -40.01
CA GLN G 415 22.12 -2.06 -40.70
C GLN G 415 20.91 -2.33 -39.83
N ILE G 416 19.87 -1.52 -39.98
CA ILE G 416 18.63 -1.71 -39.22
C ILE G 416 17.46 -1.92 -40.15
N ARG G 417 16.67 -2.94 -39.87
CA ARG G 417 15.44 -3.20 -40.59
C ARG G 417 14.37 -3.53 -39.57
N CYS G 418 13.15 -3.09 -39.82
CA CYS G 418 12.01 -3.51 -39.02
C CYS G 418 10.80 -3.54 -39.92
N SER G 419 9.78 -4.26 -39.47
CA SER G 419 8.52 -4.39 -40.19
C SER G 419 7.40 -4.27 -39.17
N SER G 420 6.59 -3.24 -39.31
CA SER G 420 5.51 -2.98 -38.37
C SER G 420 4.19 -3.06 -39.12
N ASN G 421 3.13 -3.27 -38.36
CA ASN G 421 1.79 -3.32 -38.90
C ASN G 421 1.10 -2.02 -38.53
N ILE G 422 0.55 -1.33 -39.53
CA ILE G 422 -0.24 -0.13 -39.30
C ILE G 422 -1.64 -0.62 -38.99
N THR G 423 -2.09 -0.38 -37.76
CA THR G 423 -3.36 -0.86 -37.24
C THR G 423 -4.32 0.28 -36.94
N GLY G 424 -3.96 1.51 -37.28
CA GLY G 424 -4.81 2.64 -37.03
C GLY G 424 -4.13 3.98 -37.29
N LEU G 425 -4.96 5.00 -37.42
CA LEU G 425 -4.55 6.36 -37.71
C LEU G 425 -5.08 7.35 -36.67
N LEU G 426 -4.35 8.45 -36.50
CA LEU G 426 -4.85 9.60 -35.75
C LEU G 426 -5.05 10.72 -36.76
N LEU G 427 -6.27 11.24 -36.84
CA LEU G 427 -6.62 12.32 -37.74
C LEU G 427 -7.22 13.47 -36.97
N THR G 428 -7.00 14.69 -37.46
CA THR G 428 -7.68 15.87 -36.95
C THR G 428 -8.28 16.60 -38.15
N ARG G 429 -9.29 17.43 -37.90
CA ARG G 429 -9.88 18.24 -38.96
C ARG G 429 -9.49 19.69 -38.80
N ASP G 430 -9.38 20.36 -39.95
CA ASP G 430 -9.19 21.79 -39.99
C ASP G 430 -10.53 22.49 -39.70
N GLY G 431 -10.47 23.60 -38.97
CA GLY G 431 -11.66 24.40 -38.79
C GLY G 431 -11.78 25.36 -39.96
N GLY G 432 -12.85 26.14 -39.96
CA GLY G 432 -13.01 27.08 -41.03
C GLY G 432 -13.61 26.49 -42.29
N ASN G 433 -14.08 25.24 -42.24
CA ASN G 433 -14.64 24.55 -43.39
C ASN G 433 -16.16 24.47 -43.33
N ASN G 434 -16.78 25.29 -42.50
CA ASN G 434 -18.23 25.34 -42.44
C ASN G 434 -18.76 26.05 -43.69
N ASN G 435 -19.94 25.63 -44.13
CA ASN G 435 -20.62 26.18 -45.30
C ASN G 435 -19.96 25.83 -46.63
N ILE G 436 -19.03 24.87 -46.65
CA ILE G 436 -18.46 24.38 -47.91
C ILE G 436 -18.68 22.86 -47.97
N THR G 437 -18.40 22.30 -49.14
CA THR G 437 -18.60 20.88 -49.41
C THR G 437 -17.39 20.00 -49.15
N THR G 438 -16.25 20.54 -48.71
CA THR G 438 -15.04 19.74 -48.50
C THR G 438 -14.56 19.84 -47.06
N GLU G 439 -14.28 18.68 -46.47
CA GLU G 439 -13.68 18.55 -45.15
C GLU G 439 -12.19 18.25 -45.35
N ILE G 440 -11.34 18.84 -44.52
CA ILE G 440 -9.89 18.63 -44.62
C ILE G 440 -9.45 17.87 -43.38
N PHE G 441 -8.80 16.73 -43.59
CA PHE G 441 -8.26 15.88 -42.54
C PHE G 441 -6.74 15.88 -42.65
N ARG G 442 -6.07 15.95 -41.50
CA ARG G 442 -4.61 15.93 -41.45
C ARG G 442 -4.16 14.89 -40.43
N PRO G 443 -2.99 14.28 -40.62
CA PRO G 443 -2.51 13.33 -39.62
C PRO G 443 -2.10 14.07 -38.36
N GLY G 444 -2.24 13.38 -37.24
CA GLY G 444 -1.81 13.88 -35.95
C GLY G 444 -2.91 13.79 -34.93
N GLY G 445 -2.57 14.21 -33.71
CA GLY G 445 -3.48 14.14 -32.59
C GLY G 445 -2.97 14.98 -31.44
N GLY G 446 -3.26 14.54 -30.21
CA GLY G 446 -2.85 15.26 -29.02
C GLY G 446 -1.59 14.61 -28.50
N ASP G 447 -1.52 14.33 -27.20
CA ASP G 447 -0.33 13.74 -26.62
C ASP G 447 -0.40 12.21 -26.77
N MET G 448 0.52 11.51 -26.11
CA MET G 448 0.62 10.07 -26.26
C MET G 448 -0.59 9.30 -25.77
N ARG G 449 -1.48 9.94 -25.00
CA ARG G 449 -2.64 9.24 -24.48
C ARG G 449 -3.53 8.73 -25.61
N ASP G 450 -3.52 9.40 -26.77
CA ASP G 450 -4.38 8.97 -27.85
C ASP G 450 -3.91 7.64 -28.41
N ASN G 451 -2.65 7.27 -28.24
CA ASN G 451 -2.23 5.97 -28.75
C ASN G 451 -2.65 4.92 -27.74
N TRP G 452 -2.46 5.24 -26.46
CA TRP G 452 -2.74 4.29 -25.41
C TRP G 452 -4.24 4.17 -25.21
N ARG G 453 -4.98 5.23 -25.55
CA ARG G 453 -6.43 5.21 -25.51
C ARG G 453 -6.99 4.37 -26.64
N SER G 454 -6.19 3.99 -27.63
CA SER G 454 -6.68 3.24 -28.78
C SER G 454 -6.75 1.74 -28.50
N GLU G 455 -6.14 1.27 -27.41
CA GLU G 455 -6.16 -0.12 -27.00
C GLU G 455 -7.01 -0.34 -25.77
N LEU G 456 -7.03 0.61 -24.85
CA LEU G 456 -7.76 0.51 -23.59
C LEU G 456 -9.19 1.01 -23.71
N TYR G 457 -9.62 1.38 -24.92
CA TYR G 457 -10.94 1.98 -25.10
C TYR G 457 -12.07 1.06 -24.67
N LYS G 458 -11.85 -0.26 -24.68
CA LYS G 458 -12.90 -1.22 -24.36
C LYS G 458 -12.90 -1.67 -22.90
N TYR G 459 -12.05 -1.11 -22.05
CA TYR G 459 -11.96 -1.52 -20.65
C TYR G 459 -12.31 -0.40 -19.69
N LYS G 460 -12.90 -0.79 -18.56
CA LYS G 460 -13.09 0.11 -17.42
C LYS G 460 -12.83 -0.65 -16.14
N VAL G 461 -12.36 0.05 -15.11
CA VAL G 461 -12.11 -0.54 -13.80
C VAL G 461 -13.28 -0.21 -12.89
N VAL G 462 -13.81 -1.22 -12.19
CA VAL G 462 -14.90 -1.03 -11.25
C VAL G 462 -14.54 -1.66 -9.91
N LYS G 463 -15.09 -1.09 -8.84
CA LYS G 463 -14.94 -1.58 -7.48
C LYS G 463 -16.13 -2.46 -7.14
N ILE G 464 -15.86 -3.59 -6.50
CA ILE G 464 -16.88 -4.54 -6.10
C ILE G 464 -17.44 -4.12 -4.75
N GLU G 465 -18.76 -4.10 -4.63
CA GLU G 465 -19.46 -3.68 -3.42
C GLU G 465 -20.22 -4.90 -2.89
N PRO G 466 -19.54 -5.77 -2.13
CA PRO G 466 -20.11 -7.08 -1.79
C PRO G 466 -21.30 -7.03 -0.85
N LEU G 467 -21.56 -5.92 -0.18
CA LEU G 467 -22.68 -5.81 0.75
C LEU G 467 -23.90 -5.17 0.11
N GLY G 468 -25.07 -5.66 0.51
CA GLY G 468 -26.34 -5.10 0.12
C GLY G 468 -27.39 -5.59 1.08
N VAL G 469 -28.55 -4.95 1.02
CA VAL G 469 -29.67 -5.27 1.91
C VAL G 469 -30.92 -5.46 1.08
N ALA G 470 -31.85 -6.28 1.58
CA ALA G 470 -33.10 -6.47 0.88
C ALA G 470 -34.19 -6.93 1.85
N PRO G 471 -35.46 -6.66 1.55
CA PRO G 471 -36.52 -7.18 2.41
C PRO G 471 -36.75 -8.67 2.24
N THR G 472 -37.14 -9.31 3.34
CA THR G 472 -37.61 -10.69 3.28
C THR G 472 -38.51 -10.92 4.49
N LYS G 473 -39.43 -11.87 4.37
CA LYS G 473 -40.36 -12.17 5.46
C LYS G 473 -39.69 -13.14 6.44
N CYS G 474 -38.63 -12.67 7.10
CA CYS G 474 -37.92 -13.50 8.06
C CYS G 474 -37.20 -12.60 9.05
N LYS G 475 -37.52 -12.73 10.33
CA LYS G 475 -36.97 -11.91 11.40
C LYS G 475 -35.80 -12.63 12.05
N ARG G 476 -34.85 -11.86 12.57
CA ARG G 476 -33.77 -12.44 13.35
C ARG G 476 -34.34 -13.20 14.54
N ARG G 477 -33.89 -14.45 14.72
CA ARG G 477 -34.42 -15.33 15.76
C ARG G 477 -33.72 -15.06 17.11
N VAL G 478 -34.06 -13.92 17.70
CA VAL G 478 -33.52 -13.50 18.99
C VAL G 478 -34.65 -12.86 19.78
N GLU H 4 -15.31 -19.10 44.38
CA GLU H 4 -16.58 -18.42 44.26
C GLU H 4 -16.62 -17.49 43.06
N LEU H 5 -15.54 -16.73 42.87
CA LEU H 5 -15.46 -15.76 41.79
C LEU H 5 -14.71 -16.35 40.59
N TRP H 6 -15.07 -15.86 39.40
CA TRP H 6 -14.52 -16.35 38.14
C TRP H 6 -13.97 -15.17 37.35
N VAL H 7 -12.97 -15.46 36.51
CA VAL H 7 -12.40 -14.45 35.62
C VAL H 7 -13.37 -14.14 34.49
N THR H 8 -13.63 -12.85 34.27
CA THR H 8 -14.44 -12.37 33.16
C THR H 8 -13.64 -11.35 32.36
N VAL H 9 -13.68 -11.49 31.05
CA VAL H 9 -12.94 -10.65 30.12
C VAL H 9 -13.86 -9.56 29.62
N TYR H 10 -13.38 -8.32 29.67
CA TYR H 10 -14.09 -7.13 29.23
C TYR H 10 -13.27 -6.48 28.12
N TYR H 11 -13.92 -6.21 26.98
CA TYR H 11 -13.27 -5.58 25.84
C TYR H 11 -13.95 -4.24 25.63
N GLY H 12 -13.14 -3.19 25.59
CA GLY H 12 -13.61 -1.82 25.50
C GLY H 12 -13.37 -1.09 26.80
N VAL H 13 -12.43 -1.56 27.61
CA VAL H 13 -12.11 -0.98 28.91
C VAL H 13 -11.46 0.40 28.74
N PRO H 14 -11.94 1.47 29.42
CA PRO H 14 -11.40 2.83 29.21
C PRO H 14 -10.06 3.04 29.91
N VAL H 15 -9.03 2.31 29.49
CA VAL H 15 -7.68 2.43 30.03
C VAL H 15 -6.66 2.63 28.92
N TRP H 16 -5.51 3.14 29.30
CA TRP H 16 -4.43 3.44 28.38
C TRP H 16 -3.10 3.34 29.11
N LYS H 17 -2.03 3.31 28.32
CA LYS H 17 -0.68 3.32 28.86
C LYS H 17 0.16 4.29 28.03
N GLU H 18 1.23 4.80 28.60
CA GLU H 18 2.10 5.68 27.84
C GLU H 18 2.71 4.91 26.68
N ALA H 19 2.77 5.54 25.52
CA ALA H 19 3.34 4.89 24.34
C ALA H 19 3.88 5.95 23.39
N THR H 20 4.83 5.54 22.56
CA THR H 20 5.40 6.38 21.51
C THR H 20 5.09 5.73 20.18
N THR H 21 4.47 6.50 19.28
CA THR H 21 4.14 6.04 17.94
C THR H 21 4.45 7.18 16.97
N THR H 22 4.18 6.94 15.69
CA THR H 22 4.38 7.94 14.66
C THR H 22 3.05 8.64 14.42
N LEU H 23 3.03 9.95 14.61
CA LEU H 23 1.83 10.75 14.42
C LEU H 23 1.80 11.25 12.98
N PHE H 24 0.61 11.40 12.42
CA PHE H 24 0.52 11.93 11.05
C PHE H 24 0.18 13.41 11.14
N CYS H 25 0.55 14.15 10.10
CA CYS H 25 0.36 15.59 10.05
C CYS H 25 -0.82 15.95 9.15
N ALA H 26 -1.73 16.76 9.69
CA ALA H 26 -2.93 17.21 8.98
C ALA H 26 -2.99 18.74 8.97
N SER H 27 -2.93 19.32 7.78
CA SER H 27 -3.03 20.76 7.62
C SER H 27 -4.50 21.16 7.44
N ASP H 28 -4.76 22.46 7.55
CA ASP H 28 -6.11 23.00 7.39
C ASP H 28 -6.07 24.11 6.35
N ASN H 38 4.26 25.07 -1.28
CA ASN H 38 4.51 25.09 0.16
C ASN H 38 4.84 23.68 0.64
N VAL H 39 5.91 23.57 1.42
CA VAL H 39 6.35 22.26 1.90
C VAL H 39 5.38 21.70 2.92
N TRP H 40 4.76 22.56 3.73
CA TRP H 40 3.86 22.06 4.76
C TRP H 40 2.52 21.65 4.18
N ALA H 41 2.00 22.42 3.21
CA ALA H 41 0.72 22.03 2.62
C ALA H 41 0.85 20.72 1.87
N THR H 42 2.00 20.51 1.22
CA THR H 42 2.23 19.27 0.49
C THR H 42 2.46 18.10 1.44
N HIS H 43 3.28 18.31 2.47
CA HIS H 43 3.57 17.24 3.41
C HIS H 43 2.36 16.89 4.26
N CYS H 44 1.72 17.90 4.84
CA CYS H 44 0.58 17.69 5.75
C CYS H 44 -0.72 17.71 4.94
N CYS H 45 -0.77 16.77 4.00
CA CYS H 45 -1.86 16.68 3.03
C CYS H 45 -3.17 16.16 3.61
N VAL H 46 -3.16 15.54 4.79
CA VAL H 46 -4.39 14.97 5.32
C VAL H 46 -5.32 16.08 5.81
N PRO H 47 -6.56 16.17 5.33
CA PRO H 47 -7.46 17.21 5.84
C PRO H 47 -7.77 16.99 7.32
N THR H 48 -8.07 18.10 8.01
CA THR H 48 -8.45 18.04 9.42
C THR H 48 -9.96 17.85 9.56
N GLN H 53 -15.20 16.28 19.24
CA GLN H 53 -13.77 16.09 19.03
C GLN H 53 -13.04 15.88 20.35
N GLU H 54 -13.19 16.85 21.24
CA GLU H 54 -12.54 16.82 22.56
C GLU H 54 -13.51 16.28 23.59
N VAL H 55 -13.09 15.23 24.30
CA VAL H 55 -13.88 14.62 25.36
C VAL H 55 -13.20 14.92 26.68
N VAL H 56 -13.90 15.60 27.58
CA VAL H 56 -13.33 15.95 28.87
C VAL H 56 -13.46 14.74 29.78
N LEU H 57 -12.37 14.36 30.44
CA LEU H 57 -12.36 13.18 31.30
C LEU H 57 -12.51 13.61 32.75
N GLU H 58 -13.67 13.31 33.34
CA GLU H 58 -13.91 13.72 34.73
C GLU H 58 -13.17 12.77 35.68
N ASN H 59 -12.70 13.34 36.79
CA ASN H 59 -12.01 12.57 37.84
C ASN H 59 -10.80 11.80 37.30
N VAL H 60 -10.09 12.39 36.34
CA VAL H 60 -8.88 11.78 35.78
C VAL H 60 -7.69 12.69 36.05
N THR H 61 -6.69 12.15 36.74
CA THR H 61 -5.44 12.84 37.02
C THR H 61 -4.38 12.14 36.18
N GLU H 62 -3.62 12.90 35.38
CA GLU H 62 -2.64 12.32 34.48
C GLU H 62 -1.32 13.09 34.61
N ASN H 63 -0.22 12.35 34.77
CA ASN H 63 1.08 12.99 34.89
C ASN H 63 1.63 13.35 33.51
N PHE H 64 2.06 14.60 33.36
CA PHE H 64 2.65 15.10 32.13
C PHE H 64 4.09 15.49 32.39
N ASN H 65 4.90 15.49 31.34
CA ASN H 65 6.29 15.95 31.44
C ASN H 65 6.66 16.53 30.08
N MET H 66 6.63 17.86 29.95
CA MET H 66 6.86 18.49 28.65
C MET H 66 8.30 18.31 28.17
N TRP H 67 9.23 17.92 29.06
CA TRP H 67 10.63 17.77 28.67
C TRP H 67 10.99 16.34 28.32
N LYS H 68 10.02 15.41 28.38
CA LYS H 68 10.19 14.01 28.03
C LYS H 68 9.13 13.62 27.00
N ASN H 69 8.57 14.61 26.30
CA ASN H 69 7.49 14.45 25.35
C ASN H 69 8.04 14.06 23.99
N ASN H 70 7.78 12.83 23.55
CA ASN H 70 8.32 12.36 22.28
C ASN H 70 7.63 13.01 21.09
N MET H 71 6.58 13.79 21.31
CA MET H 71 5.93 14.50 20.22
C MET H 71 6.85 15.60 19.74
N VAL H 72 7.68 16.12 20.65
CA VAL H 72 8.61 17.19 20.30
C VAL H 72 9.75 16.60 19.50
N GLU H 73 10.22 15.42 19.90
CA GLU H 73 11.31 14.78 19.19
C GLU H 73 10.86 14.41 17.78
N GLN H 74 9.62 13.94 17.65
CA GLN H 74 9.13 13.64 16.31
C GLN H 74 9.01 14.91 15.50
N MET H 75 8.49 15.98 16.09
CA MET H 75 8.33 17.21 15.33
C MET H 75 9.68 17.71 14.84
N HIS H 76 10.70 17.62 15.70
CA HIS H 76 12.04 18.06 15.32
C HIS H 76 12.55 17.23 14.13
N GLU H 77 12.39 15.91 14.21
CA GLU H 77 12.82 15.06 13.12
C GLU H 77 12.04 15.34 11.85
N ASP H 78 10.74 15.63 11.98
CA ASP H 78 9.92 15.91 10.80
C ASP H 78 10.33 17.21 10.14
N ILE H 79 10.68 18.23 10.94
CA ILE H 79 11.10 19.49 10.35
C ILE H 79 12.42 19.30 9.61
N ILE H 80 13.36 18.59 10.22
CA ILE H 80 14.65 18.42 9.56
C ILE H 80 14.48 17.58 8.30
N SER H 81 13.72 16.48 8.39
CA SER H 81 13.51 15.62 7.22
C SER H 81 12.82 16.37 6.09
N LEU H 82 11.79 17.17 6.41
CA LEU H 82 11.08 17.88 5.36
C LEU H 82 11.98 18.91 4.68
N TRP H 83 12.76 19.65 5.47
CA TRP H 83 13.67 20.62 4.87
C TRP H 83 14.73 19.94 4.02
N ASP H 84 15.26 18.82 4.50
CA ASP H 84 16.29 18.12 3.74
C ASP H 84 15.74 17.57 2.43
N GLN H 85 14.54 16.99 2.47
CA GLN H 85 13.95 16.43 1.26
C GLN H 85 13.60 17.54 0.27
N SER H 86 13.14 18.68 0.77
CA SER H 86 12.75 19.79 -0.10
C SER H 86 13.92 20.36 -0.87
N LEU H 87 15.12 20.33 -0.30
CA LEU H 87 16.31 20.88 -0.96
C LEU H 87 17.04 19.89 -1.87
N LYS H 88 16.59 18.63 -1.94
CA LYS H 88 17.33 17.69 -2.80
C LYS H 88 17.21 18.06 -4.28
N PRO H 89 15.99 18.24 -4.86
CA PRO H 89 15.91 18.60 -6.29
C PRO H 89 16.10 20.09 -6.54
N CYS H 90 17.26 20.61 -6.13
CA CYS H 90 17.54 22.03 -6.21
C CYS H 90 19.00 22.23 -6.59
N VAL H 91 19.35 23.49 -6.85
CA VAL H 91 20.67 23.85 -7.37
C VAL H 91 21.72 23.83 -6.26
N LYS H 92 22.80 23.08 -6.50
CA LYS H 92 23.92 22.99 -5.57
C LYS H 92 24.97 24.02 -6.01
N LEU H 93 25.29 24.94 -5.10
CA LEU H 93 26.18 26.07 -5.42
C LEU H 93 27.64 25.72 -5.21
N THR H 94 28.13 24.74 -5.96
CA THR H 94 29.52 24.32 -5.88
C THR H 94 30.44 25.07 -6.86
N PRO H 95 30.03 25.51 -8.06
CA PRO H 95 30.99 26.21 -8.92
C PRO H 95 31.29 27.63 -8.46
N LEU H 96 30.55 28.14 -7.47
CA LEU H 96 30.72 29.48 -6.93
C LEU H 96 31.72 29.56 -5.78
N CYS H 97 32.34 28.45 -5.39
CA CYS H 97 33.33 28.49 -4.31
C CYS H 97 34.68 28.82 -4.93
N VAL H 98 34.75 30.07 -5.41
CA VAL H 98 35.88 30.63 -6.14
C VAL H 98 36.23 31.97 -5.51
N THR H 99 37.39 32.50 -5.88
CA THR H 99 37.79 33.81 -5.39
C THR H 99 36.82 34.86 -5.92
N LEU H 100 36.32 35.69 -5.01
CA LEU H 100 35.40 36.78 -5.34
C LEU H 100 36.11 38.12 -5.23
N ASN H 101 36.05 38.93 -6.28
CA ASN H 101 36.59 40.29 -6.27
C ASN H 101 35.45 41.24 -5.90
N CYS H 102 35.37 41.62 -4.63
CA CYS H 102 34.21 42.31 -4.09
C CYS H 102 34.50 43.77 -3.81
N THR H 103 33.56 44.65 -4.21
CA THR H 103 33.66 46.08 -3.94
C THR H 103 32.40 46.57 -3.23
N ASP H 104 32.58 47.50 -2.29
CA ASP H 104 31.47 48.01 -1.50
C ASP H 104 30.45 48.78 -2.34
N LEU H 105 29.17 48.53 -2.09
CA LEU H 105 28.11 49.27 -2.75
C LEU H 105 27.75 50.55 -2.01
N GLY H 106 27.90 50.57 -0.70
CA GLY H 106 27.51 51.72 0.10
C GLY H 106 28.44 52.90 -0.04
N GLU H 129 26.67 50.00 7.86
CA GLU H 129 26.69 50.34 6.44
C GLU H 129 28.13 50.57 5.99
N LYS H 130 28.32 50.91 4.71
CA LYS H 130 29.63 51.09 4.11
C LYS H 130 30.42 49.78 4.14
N GLY H 131 29.90 48.79 3.42
CA GLY H 131 30.50 47.47 3.37
C GLY H 131 29.57 46.33 3.75
N GLU H 132 28.30 46.60 4.10
CA GLU H 132 27.39 45.52 4.45
C GLU H 132 27.03 44.67 3.24
N ILE H 133 26.86 45.30 2.07
CA ILE H 133 26.50 44.61 0.84
C ILE H 133 27.60 44.91 -0.17
N LYS H 134 28.15 43.85 -0.79
CA LYS H 134 29.23 43.99 -1.75
C LYS H 134 28.86 43.43 -3.12
N ASN H 135 29.42 44.05 -4.15
CA ASN H 135 29.31 43.64 -5.54
C ASN H 135 30.53 42.80 -5.88
N CYS H 136 30.33 41.48 -6.00
CA CYS H 136 31.41 40.52 -6.16
C CYS H 136 31.47 40.02 -7.60
N SER H 137 32.66 40.13 -8.21
CA SER H 137 32.93 39.69 -9.56
C SER H 137 33.73 38.39 -9.53
N PHE H 138 33.32 37.42 -10.33
CA PHE H 138 34.02 36.13 -10.35
C PHE H 138 33.96 35.49 -11.72
N ASN H 139 34.96 34.62 -11.98
CA ASN H 139 35.08 33.87 -13.23
C ASN H 139 34.47 32.50 -13.05
N ILE H 140 33.31 32.27 -13.66
CA ILE H 140 32.57 31.02 -13.54
C ILE H 140 32.26 30.43 -14.91
N THR H 141 32.44 29.13 -15.04
CA THR H 141 32.11 28.43 -16.28
C THR H 141 30.60 28.27 -16.31
N THR H 142 29.99 28.64 -17.43
CA THR H 142 28.53 28.61 -17.56
C THR H 142 28.07 27.27 -18.14
N SER H 143 26.82 27.21 -18.60
CA SER H 143 26.23 25.96 -19.05
C SER H 143 26.97 25.34 -20.23
N VAL H 144 27.64 26.16 -21.03
CA VAL H 144 28.45 25.67 -22.13
C VAL H 144 29.86 25.45 -21.62
N ARG H 145 30.38 24.25 -21.83
CA ARG H 145 31.70 23.93 -21.33
C ARG H 145 32.75 24.67 -22.15
N ASP H 146 33.87 25.00 -21.49
CA ASP H 146 35.00 25.75 -22.03
C ASP H 146 34.68 27.22 -22.28
N LYS H 147 33.49 27.70 -21.95
CA LYS H 147 33.11 29.10 -22.05
C LYS H 147 32.99 29.65 -20.63
N MET H 148 33.96 30.47 -20.23
CA MET H 148 34.02 31.02 -18.89
C MET H 148 33.59 32.49 -18.96
N GLN H 149 32.69 32.89 -18.06
CA GLN H 149 32.17 34.24 -18.02
C GLN H 149 32.60 34.94 -16.75
N LYS H 150 32.71 36.27 -16.83
CA LYS H 150 32.94 37.12 -15.67
C LYS H 150 31.57 37.63 -15.22
N GLU H 151 31.08 37.08 -14.12
CA GLU H 151 29.75 37.36 -13.61
C GLU H 151 29.86 38.28 -12.40
N TYR H 152 28.77 38.98 -12.11
CA TYR H 152 28.64 39.82 -10.93
C TYR H 152 27.46 39.33 -10.11
N ALA H 153 27.63 39.32 -8.79
CA ALA H 153 26.59 38.93 -7.85
C ALA H 153 26.70 39.79 -6.61
N THR H 154 25.59 39.92 -5.88
CA THR H 154 25.54 40.75 -4.70
C THR H 154 25.51 39.84 -3.47
N PHE H 155 26.45 40.06 -2.55
CA PHE H 155 26.53 39.28 -1.32
C PHE H 155 26.55 40.17 -0.08
N TYR H 156 26.00 39.64 1.00
CA TYR H 156 26.06 40.34 2.28
C TYR H 156 27.38 40.03 2.96
N LYS H 157 27.85 40.98 3.79
CA LYS H 157 29.11 40.80 4.51
C LYS H 157 29.14 39.49 5.29
N LEU H 158 28.01 39.08 5.88
CA LEU H 158 27.98 37.87 6.69
C LEU H 158 28.12 36.59 5.87
N ASP H 159 27.97 36.66 4.54
CA ASP H 159 28.03 35.51 3.67
C ASP H 159 29.40 35.29 3.03
N ILE H 160 30.36 36.18 3.28
CA ILE H 160 31.68 36.09 2.67
C ILE H 160 32.76 36.22 3.72
N VAL H 161 33.91 35.62 3.43
CA VAL H 161 35.11 35.66 4.29
C VAL H 161 36.30 36.14 3.48
N PRO H 162 37.16 37.02 4.00
CA PRO H 162 38.37 37.42 3.26
C PRO H 162 39.27 36.23 2.95
N ILE H 163 39.90 36.25 1.78
CA ILE H 163 40.86 35.24 1.37
C ILE H 163 42.28 35.76 1.57
N ASP H 164 42.56 36.92 0.99
CA ASP H 164 43.88 37.53 0.93
C ASP H 164 43.85 38.81 1.77
N ASN H 165 44.98 39.51 1.79
CA ASN H 165 45.12 40.74 2.56
C ASN H 165 45.00 41.98 1.67
N ASP H 166 44.48 41.82 0.45
CA ASP H 166 44.31 42.92 -0.48
C ASP H 166 42.96 43.63 -0.32
N ASN H 167 42.14 43.21 0.63
CA ASN H 167 40.83 43.82 0.93
C ASN H 167 39.84 43.70 -0.24
N ASN H 168 40.12 42.86 -1.23
CA ASN H 168 39.24 42.67 -2.38
C ASN H 168 38.85 41.21 -2.61
N SER H 169 39.69 40.27 -2.20
CA SER H 169 39.46 38.86 -2.47
C SER H 169 38.70 38.19 -1.33
N TYR H 170 37.48 37.72 -1.64
CA TYR H 170 36.58 37.09 -0.69
C TYR H 170 36.14 35.73 -1.23
N ARG H 171 35.68 34.87 -0.32
CA ARG H 171 35.14 33.56 -0.66
C ARG H 171 33.82 33.37 0.07
N LEU H 172 32.94 32.53 -0.47
CA LEU H 172 31.69 32.26 0.21
C LEU H 172 31.97 31.59 1.55
N ILE H 173 31.19 31.96 2.56
CA ILE H 173 31.43 31.44 3.90
C ILE H 173 31.21 29.94 3.95
N ASN H 174 32.21 29.23 4.47
CA ASN H 174 32.19 27.78 4.66
C ASN H 174 31.97 26.99 3.38
N CYS H 175 32.23 27.55 2.19
CA CYS H 175 32.01 26.75 0.99
C CYS H 175 33.08 25.69 0.82
N ASN H 176 34.22 25.82 1.50
CA ASN H 176 35.30 24.86 1.38
C ASN H 176 35.11 23.66 2.30
N THR H 177 34.17 23.74 3.25
CA THR H 177 33.92 22.69 4.23
C THR H 177 32.49 22.17 4.19
N SER H 178 31.65 22.68 3.28
CA SER H 178 30.24 22.31 3.23
C SER H 178 29.74 22.49 1.82
N VAL H 179 28.59 21.88 1.54
CA VAL H 179 27.92 22.03 0.26
C VAL H 179 26.75 22.99 0.46
N ILE H 180 26.76 24.07 -0.31
CA ILE H 180 25.74 25.11 -0.23
C ILE H 180 24.71 24.81 -1.32
N THR H 181 23.47 24.56 -0.92
CA THR H 181 22.40 24.24 -1.85
C THR H 181 21.45 25.42 -1.92
N GLN H 182 21.14 25.88 -3.14
CA GLN H 182 20.21 26.98 -3.30
C GLN H 182 18.79 26.47 -3.12
N ALA H 183 17.99 27.17 -2.33
CA ALA H 183 16.60 26.80 -2.18
C ALA H 183 15.89 27.02 -3.50
N CYS H 184 14.98 26.11 -3.84
CA CYS H 184 14.21 26.30 -5.06
C CYS H 184 13.24 27.47 -4.89
N PRO H 185 13.27 28.50 -5.77
CA PRO H 185 12.36 29.64 -5.59
C PRO H 185 10.88 29.28 -5.60
N LYS H 186 10.50 28.12 -6.13
CA LYS H 186 9.11 27.72 -6.20
C LYS H 186 8.65 26.95 -4.97
N VAL H 187 9.53 26.69 -4.02
CA VAL H 187 9.22 25.94 -2.81
C VAL H 187 9.19 26.93 -1.67
N SER H 188 8.04 27.05 -1.00
CA SER H 188 7.86 27.95 0.12
C SER H 188 7.96 27.21 1.44
N PHE H 189 8.68 27.81 2.39
CA PHE H 189 8.85 27.28 3.73
C PHE H 189 8.05 28.06 4.77
N GLU H 190 7.12 28.91 4.34
CA GLU H 190 6.33 29.73 5.25
C GLU H 190 5.59 28.86 6.27
N PRO H 191 5.79 29.06 7.58
CA PRO H 191 5.05 28.25 8.56
C PRO H 191 3.55 28.46 8.45
N ILE H 192 2.81 27.35 8.46
CA ILE H 192 1.35 27.37 8.46
C ILE H 192 0.90 26.54 9.65
N PRO H 193 -0.33 26.73 10.14
CA PRO H 193 -0.78 25.84 11.21
C PRO H 193 -0.88 24.41 10.72
N ILE H 194 -0.34 23.49 11.53
CA ILE H 194 -0.45 22.06 11.29
C ILE H 194 -0.95 21.40 12.57
N HIS H 195 -1.56 20.24 12.41
CA HIS H 195 -2.07 19.47 13.54
C HIS H 195 -1.40 18.11 13.51
N TYR H 196 -0.94 17.63 14.67
CA TYR H 196 -0.41 16.28 14.79
C TYR H 196 -1.53 15.41 15.30
N CYS H 197 -1.78 14.30 14.62
CA CYS H 197 -2.91 13.43 14.87
C CYS H 197 -2.41 12.01 15.15
N ALA H 198 -3.02 11.38 16.14
CA ALA H 198 -2.65 10.01 16.50
C ALA H 198 -3.25 8.99 15.52
N PRO H 199 -2.54 7.90 15.24
CA PRO H 199 -3.13 6.84 14.43
C PRO H 199 -4.15 6.07 15.25
N ALA H 200 -4.99 5.30 14.54
CA ALA H 200 -6.01 4.51 15.22
C ALA H 200 -5.35 3.58 16.25
N GLY H 201 -5.97 3.50 17.42
CA GLY H 201 -5.48 2.72 18.52
C GLY H 201 -4.75 3.55 19.56
N PHE H 202 -4.45 4.81 19.23
CA PHE H 202 -3.75 5.77 20.07
C PHE H 202 -4.63 7.01 20.22
N ALA H 203 -4.37 7.77 21.28
CA ALA H 203 -5.10 9.00 21.52
C ALA H 203 -4.13 10.00 22.15
N ILE H 204 -4.46 11.29 22.05
CA ILE H 204 -3.66 12.35 22.63
C ILE H 204 -4.41 12.93 23.83
N LEU H 205 -3.77 12.93 24.99
CA LEU H 205 -4.38 13.52 26.17
C LEU H 205 -3.86 14.95 26.28
N LYS H 206 -4.79 15.87 26.54
CA LYS H 206 -4.52 17.29 26.69
C LYS H 206 -4.79 17.73 28.12
N CYS H 207 -3.91 18.58 28.64
CA CYS H 207 -4.06 19.18 29.96
C CYS H 207 -4.78 20.51 29.79
N ASN H 208 -5.92 20.65 30.47
CA ASN H 208 -6.74 21.85 30.41
C ASN H 208 -6.53 22.77 31.61
N ASN H 209 -5.46 22.58 32.38
CA ASN H 209 -5.14 23.49 33.47
C ASN H 209 -4.35 24.65 32.87
N LYS H 210 -4.98 25.83 32.87
CA LYS H 210 -4.45 27.01 32.22
C LYS H 210 -3.13 27.52 32.82
N THR H 211 -2.79 27.10 34.04
CA THR H 211 -1.56 27.52 34.70
C THR H 211 -0.61 26.35 34.95
N PHE H 212 -0.81 25.25 34.23
CA PHE H 212 0.02 24.06 34.39
C PHE H 212 1.48 24.41 34.07
N ASN H 213 2.39 23.94 34.92
CA ASN H 213 3.81 24.28 34.82
C ASN H 213 4.61 23.35 33.91
N GLY H 214 3.94 22.47 33.18
CA GLY H 214 4.61 21.59 32.24
C GLY H 214 5.03 20.23 32.79
N THR H 215 4.91 20.00 34.09
CA THR H 215 5.32 18.74 34.67
C THR H 215 4.45 18.41 35.87
N GLY H 216 4.23 17.11 36.08
CA GLY H 216 3.47 16.63 37.19
C GLY H 216 2.01 16.37 36.86
N PRO H 217 1.22 16.05 37.88
CA PRO H 217 -0.18 15.69 37.64
C PRO H 217 -1.03 16.86 37.15
N CYS H 218 -1.89 16.58 36.19
CA CYS H 218 -2.89 17.51 35.66
C CYS H 218 -4.24 16.91 36.04
N THR H 219 -5.09 17.72 36.68
CA THR H 219 -6.39 17.28 37.16
C THR H 219 -7.56 17.64 36.26
N ASN H 220 -7.32 18.24 35.10
CA ASN H 220 -8.38 18.51 34.12
C ASN H 220 -7.80 18.02 32.80
N VAL H 221 -8.12 16.78 32.44
CA VAL H 221 -7.55 16.08 31.30
C VAL H 221 -8.67 15.77 30.33
N SER H 222 -8.40 15.96 29.04
CA SER H 222 -9.36 15.65 27.99
C SER H 222 -8.65 14.85 26.91
N THR H 223 -9.43 14.13 26.11
CA THR H 223 -8.90 13.29 25.04
C THR H 223 -9.23 13.92 23.69
N VAL H 224 -8.21 14.07 22.85
CA VAL H 224 -8.34 14.60 21.51
C VAL H 224 -7.65 13.63 20.57
N GLN H 225 -8.00 13.74 19.28
CA GLN H 225 -7.32 12.97 18.25
C GLN H 225 -6.19 13.76 17.61
N CYS H 226 -6.34 15.08 17.54
CA CYS H 226 -5.37 15.97 16.91
C CYS H 226 -5.03 17.11 17.85
N THR H 227 -3.80 17.62 17.73
CA THR H 227 -3.37 18.79 18.48
C THR H 227 -3.95 20.06 17.84
N HIS H 228 -3.78 21.19 18.53
CA HIS H 228 -4.21 22.46 17.97
C HIS H 228 -3.28 22.83 16.82
N GLY H 229 -3.59 23.92 16.13
CA GLY H 229 -2.72 24.27 15.02
C GLY H 229 -1.46 24.90 15.55
N ILE H 230 -0.32 24.30 15.19
CA ILE H 230 1.00 24.73 15.61
C ILE H 230 1.75 25.19 14.37
N ARG H 231 2.34 26.38 14.43
CA ARG H 231 3.10 26.89 13.31
C ARG H 231 4.58 26.56 13.52
N PRO H 232 5.25 25.87 12.58
CA PRO H 232 6.69 25.55 12.79
C PRO H 232 7.58 26.75 12.51
N VAL H 233 7.45 27.76 13.36
CA VAL H 233 8.21 28.99 13.22
C VAL H 233 9.60 28.77 13.80
N VAL H 234 10.62 29.18 13.05
CA VAL H 234 12.01 29.03 13.46
C VAL H 234 12.54 30.35 13.97
N SER H 235 13.03 30.34 15.22
CA SER H 235 13.59 31.52 15.85
C SER H 235 14.55 31.06 16.94
N THR H 236 15.43 31.98 17.38
CA THR H 236 16.43 31.65 18.41
C THR H 236 16.22 32.27 19.78
N GLN H 237 15.46 33.37 19.92
CA GLN H 237 15.32 34.02 21.22
C GLN H 237 13.87 34.30 21.58
N LEU H 238 13.11 34.84 20.65
CA LEU H 238 11.70 35.16 20.84
C LEU H 238 10.86 34.16 20.06
N LEU H 239 9.77 33.73 20.67
CA LEU H 239 8.85 32.78 20.03
C LEU H 239 7.78 33.60 19.34
N LEU H 240 7.66 33.43 18.03
CA LEU H 240 6.74 34.21 17.22
C LEU H 240 5.56 33.35 16.76
N ASN H 241 4.41 34.01 16.62
CA ASN H 241 3.20 33.41 16.05
C ASN H 241 2.80 32.10 16.75
N GLY H 242 2.98 32.04 18.06
CA GLY H 242 2.60 30.89 18.85
C GLY H 242 1.29 31.15 19.57
N SER H 243 1.01 30.29 20.56
CA SER H 243 -0.22 30.45 21.34
C SER H 243 0.09 31.29 22.57
N LEU H 244 -0.90 32.05 23.02
CA LEU H 244 -0.79 32.83 24.24
C LEU H 244 -1.44 32.12 25.42
N ALA H 245 -0.94 32.44 26.61
CA ALA H 245 -1.57 31.97 27.83
C ALA H 245 -2.90 32.69 27.99
N GLU H 246 -3.87 32.05 28.63
CA GLU H 246 -5.17 32.71 28.78
C GLU H 246 -5.33 33.47 30.10
N GLU H 247 -4.66 33.07 31.18
CA GLU H 247 -4.85 33.74 32.47
C GLU H 247 -3.65 34.55 32.93
N GLU H 248 -2.43 34.11 32.68
CA GLU H 248 -1.25 34.79 33.20
C GLU H 248 -0.04 34.37 32.39
N ILE H 249 1.07 35.08 32.58
CA ILE H 249 2.32 34.64 31.97
C ILE H 249 2.75 33.40 32.72
N VAL H 250 3.06 32.32 32.01
CA VAL H 250 3.49 31.08 32.66
C VAL H 250 4.94 30.85 32.31
N ILE H 251 5.78 30.71 33.33
CA ILE H 251 7.21 30.51 33.17
C ILE H 251 7.46 29.04 33.51
N ARG H 252 8.02 28.30 32.56
CA ARG H 252 8.23 26.86 32.71
C ARG H 252 9.71 26.54 32.60
N SER H 253 10.18 25.69 33.51
CA SER H 253 11.56 25.24 33.48
C SER H 253 11.62 23.84 34.07
N GLU H 254 12.51 23.02 33.53
CA GLU H 254 12.68 21.67 34.06
C GLU H 254 13.14 21.72 35.51
N ASN H 255 13.98 22.70 35.85
CA ASN H 255 14.50 22.83 37.20
C ASN H 255 14.97 24.28 37.37
N PHE H 256 14.18 25.07 38.10
CA PHE H 256 14.45 26.49 38.24
C PHE H 256 15.69 26.79 39.08
N THR H 257 16.24 25.79 39.78
CA THR H 257 17.42 25.98 40.61
C THR H 257 18.66 25.33 40.00
N ASP H 258 18.54 24.78 38.79
CA ASP H 258 19.67 24.15 38.11
C ASP H 258 20.53 25.20 37.42
N ASN H 259 19.88 26.14 36.74
CA ASN H 259 20.45 27.23 35.97
C ASN H 259 21.20 26.76 34.73
N GLY H 260 21.08 25.49 34.36
CA GLY H 260 21.57 24.98 33.09
C GLY H 260 20.44 24.63 32.14
N LYS H 261 19.20 24.98 32.48
CA LYS H 261 18.01 24.63 31.74
C LYS H 261 17.42 25.87 31.08
N THR H 262 16.74 25.66 29.95
CA THR H 262 16.07 26.76 29.29
C THR H 262 14.77 27.06 30.02
N ILE H 263 14.52 28.34 30.20
CA ILE H 263 13.27 28.84 30.79
C ILE H 263 12.40 29.33 29.65
N ILE H 264 11.21 28.74 29.51
CA ILE H 264 10.27 29.10 28.45
C ILE H 264 9.19 29.97 29.08
N VAL H 265 9.06 31.19 28.59
CA VAL H 265 8.10 32.17 29.12
C VAL H 265 6.97 32.26 28.11
N GLN H 266 5.76 31.87 28.51
CA GLN H 266 4.59 31.93 27.65
C GLN H 266 3.77 33.15 28.06
N LEU H 267 3.62 34.09 27.12
CA LEU H 267 2.94 35.34 27.42
C LEU H 267 1.43 35.16 27.34
N ASN H 268 0.69 36.01 28.08
CA ASN H 268 -0.75 36.02 28.00
C ASN H 268 -1.27 37.12 27.09
N GLU H 269 -0.38 37.91 26.51
CA GLU H 269 -0.69 39.01 25.62
C GLU H 269 0.48 39.09 24.66
N SER H 270 0.21 39.21 23.37
CA SER H 270 1.31 39.26 22.42
C SER H 270 1.86 40.68 22.31
N VAL H 271 3.09 40.77 21.79
CA VAL H 271 3.73 42.04 21.45
C VAL H 271 3.98 42.04 19.95
N GLU H 272 3.53 43.07 19.25
CA GLU H 272 3.69 43.09 17.81
C GLU H 272 5.10 43.56 17.47
N ILE H 273 5.74 42.83 16.55
CA ILE H 273 7.08 43.16 16.04
C ILE H 273 6.97 43.32 14.54
N ASN H 274 7.18 44.55 14.05
CA ASN H 274 7.04 44.88 12.64
C ASN H 274 8.43 45.01 12.02
N CYS H 275 8.79 44.05 11.18
CA CYS H 275 10.13 43.95 10.61
C CYS H 275 10.10 44.28 9.13
N THR H 276 11.16 44.93 8.64
CA THR H 276 11.25 45.26 7.23
C THR H 276 12.68 45.28 6.72
N ARG H 277 12.79 45.04 5.41
CA ARG H 277 14.01 45.15 4.63
C ARG H 277 13.67 46.21 3.58
N PRO H 278 14.02 47.48 3.84
CA PRO H 278 13.61 48.59 2.96
C PRO H 278 14.28 48.60 1.58
N ASN H 279 15.38 47.88 1.38
CA ASN H 279 16.03 47.93 0.07
C ASN H 279 15.16 47.32 -1.01
N ASN H 280 15.00 48.08 -2.09
CA ASN H 280 14.22 47.67 -3.26
C ASN H 280 15.15 46.96 -4.24
N ASN H 281 15.12 45.63 -4.21
CA ASN H 281 16.00 44.78 -4.99
C ASN H 281 15.33 44.32 -6.27
N THR H 282 16.14 44.08 -7.30
CA THR H 282 15.66 43.44 -8.53
C THR H 282 16.48 42.18 -8.76
N ARG H 283 15.78 41.04 -8.79
CA ARG H 283 16.41 39.73 -8.91
C ARG H 283 17.03 39.52 -10.28
N LYS H 284 18.22 38.90 -10.28
CA LYS H 284 18.94 38.54 -11.48
C LYS H 284 19.25 37.05 -11.40
N SER H 285 19.26 36.39 -12.55
CA SER H 285 19.53 34.96 -12.65
C SER H 285 20.82 34.71 -13.43
N ILE H 286 21.76 34.03 -12.78
CA ILE H 286 23.06 33.69 -13.37
C ILE H 286 22.99 32.20 -13.69
N HIS H 287 23.22 31.84 -14.95
CA HIS H 287 23.13 30.45 -15.37
C HIS H 287 24.49 29.79 -15.19
N ILE H 288 24.53 28.77 -14.32
CA ILE H 288 25.75 28.08 -13.95
C ILE H 288 25.80 26.66 -14.48
N GLY H 289 24.75 26.20 -15.17
CA GLY H 289 24.73 24.89 -15.76
C GLY H 289 23.56 24.71 -16.69
N PRO H 290 23.42 23.51 -17.24
CA PRO H 290 22.38 23.26 -18.26
C PRO H 290 21.00 23.26 -17.63
N GLY H 291 20.44 24.46 -17.46
CA GLY H 291 19.16 24.63 -16.80
C GLY H 291 19.29 24.75 -15.30
N ARG H 292 20.51 25.02 -14.83
CA ARG H 292 20.87 25.14 -13.43
C ARG H 292 21.28 26.60 -13.24
N ALA H 293 20.42 27.39 -12.58
CA ALA H 293 20.67 28.82 -12.44
C ALA H 293 20.79 29.25 -10.99
N PHE H 294 21.73 30.18 -10.78
CA PHE H 294 21.98 30.84 -9.51
C PHE H 294 21.25 32.18 -9.50
N TYR H 295 20.50 32.44 -8.44
CA TYR H 295 19.74 33.68 -8.32
C TYR H 295 20.45 34.62 -7.36
N THR H 296 20.58 35.88 -7.76
CA THR H 296 21.20 36.92 -6.97
C THR H 296 20.42 38.21 -7.20
N THR H 297 20.95 39.31 -6.68
CA THR H 297 20.34 40.63 -6.84
C THR H 297 21.07 41.36 -7.95
N GLY H 298 20.34 41.77 -8.98
CA GLY H 298 20.98 42.46 -10.09
C GLY H 298 21.38 43.87 -9.70
N GLN H 299 20.48 44.59 -9.04
CA GLN H 299 20.77 45.93 -8.57
C GLN H 299 19.75 46.31 -7.49
N ILE H 300 20.09 47.37 -6.77
CA ILE H 300 19.24 47.96 -5.76
C ILE H 300 18.81 49.33 -6.28
N ILE H 301 17.50 49.56 -6.29
CA ILE H 301 16.93 50.81 -6.80
C ILE H 301 16.76 51.75 -5.62
N GLY H 302 17.31 52.95 -5.74
CA GLY H 302 17.23 53.90 -4.65
C GLY H 302 18.39 53.76 -3.71
N ASN H 303 18.21 54.14 -2.45
CA ASN H 303 19.27 54.16 -1.47
C ASN H 303 19.35 52.81 -0.76
N ILE H 304 20.52 52.52 -0.22
CA ILE H 304 20.72 51.34 0.61
C ILE H 304 20.43 51.74 2.05
N ARG H 305 19.51 51.02 2.68
CA ARG H 305 19.04 51.30 4.02
C ARG H 305 19.09 50.03 4.86
N GLN H 306 19.25 50.20 6.16
CA GLN H 306 19.35 49.09 7.09
C GLN H 306 18.01 48.45 7.40
N ALA H 307 17.98 47.12 7.39
CA ALA H 307 16.80 46.37 7.78
C ALA H 307 16.59 46.52 9.27
N HIS H 308 15.33 46.55 9.72
CA HIS H 308 15.11 46.74 11.14
C HIS H 308 13.75 46.22 11.56
N CYS H 309 13.58 46.05 12.87
CA CYS H 309 12.31 45.66 13.48
C CYS H 309 11.88 46.68 14.53
N ASN H 310 10.58 47.02 14.52
CA ASN H 310 10.01 47.98 15.45
C ASN H 310 9.08 47.27 16.43
N ILE H 311 9.40 47.40 17.72
CA ILE H 311 8.64 46.85 18.84
C ILE H 311 8.16 48.03 19.66
N SER H 312 6.87 48.06 20.01
CA SER H 312 6.38 49.19 20.80
C SER H 312 7.09 49.21 22.15
N ARG H 313 7.53 50.39 22.56
CA ARG H 313 8.27 50.50 23.82
C ARG H 313 7.37 50.26 25.03
N ALA H 314 6.15 50.81 25.01
CA ALA H 314 5.27 50.64 26.17
C ALA H 314 4.82 49.20 26.33
N LYS H 315 4.54 48.51 25.22
CA LYS H 315 4.08 47.13 25.34
C LYS H 315 5.20 46.24 25.83
N TRP H 316 6.41 46.46 25.32
CA TRP H 316 7.54 45.65 25.76
C TRP H 316 7.83 45.91 27.23
N ASN H 317 7.82 47.17 27.65
CA ASN H 317 8.13 47.50 29.04
C ASN H 317 7.11 46.89 29.99
N ASN H 318 5.83 46.88 29.60
CA ASN H 318 4.81 46.26 30.46
C ASN H 318 4.93 44.76 30.44
N THR H 319 5.25 44.17 29.29
CA THR H 319 5.41 42.73 29.20
C THR H 319 6.58 42.30 30.06
N LEU H 320 7.69 43.03 29.99
CA LEU H 320 8.88 42.67 30.71
C LEU H 320 8.63 42.82 32.22
N HIS H 321 7.87 43.84 32.61
CA HIS H 321 7.55 43.99 34.03
C HIS H 321 6.75 42.78 34.52
N LYS H 322 5.74 42.38 33.75
CA LYS H 322 4.93 41.22 34.15
C LYS H 322 5.80 39.95 34.22
N ILE H 323 6.76 39.83 33.29
CA ILE H 323 7.66 38.69 33.30
C ILE H 323 8.46 38.70 34.58
N VAL H 324 8.96 39.87 34.98
CA VAL H 324 9.72 39.96 36.22
C VAL H 324 8.83 39.57 37.40
N LYS H 325 7.59 40.05 37.41
CA LYS H 325 6.68 39.69 38.49
C LYS H 325 6.55 38.18 38.64
N LYS H 326 6.49 37.47 37.51
CA LYS H 326 6.42 36.00 37.60
C LYS H 326 7.78 35.38 37.94
N LEU H 327 8.88 35.94 37.43
CA LEU H 327 10.20 35.40 37.73
C LEU H 327 10.52 35.51 39.22
N ARG H 328 10.04 36.57 39.87
CA ARG H 328 10.30 36.75 41.29
C ARG H 328 9.58 35.72 42.16
N GLU H 329 8.66 34.93 41.59
CA GLU H 329 8.00 33.89 42.37
C GLU H 329 8.92 32.69 42.53
N GLN H 330 9.80 32.43 41.57
CA GLN H 330 10.73 31.31 41.63
C GLN H 330 12.05 31.72 42.26
N PHE H 331 12.41 33.00 42.12
CA PHE H 331 13.65 33.59 42.63
C PHE H 331 13.21 34.73 43.54
N ARG H 332 12.80 34.38 44.75
CA ARG H 332 12.16 35.34 45.66
C ARG H 332 13.17 36.28 46.30
N ASN H 333 12.74 37.54 46.44
CA ASN H 333 13.54 38.61 47.06
C ASN H 333 14.88 38.81 46.37
N LYS H 334 14.88 38.75 45.04
CA LYS H 334 16.08 38.96 44.23
C LYS H 334 15.84 40.05 43.19
N THR H 335 16.93 40.70 42.80
CA THR H 335 16.89 41.68 41.72
C THR H 335 16.93 40.92 40.39
N ILE H 336 16.09 41.32 39.44
CA ILE H 336 16.03 40.65 38.14
C ILE H 336 16.67 41.57 37.11
N VAL H 337 17.72 41.09 36.45
CA VAL H 337 18.46 41.87 35.47
C VAL H 337 18.46 41.13 34.16
N PHE H 338 18.12 41.84 33.08
CA PHE H 338 18.15 41.29 31.73
C PHE H 338 19.35 41.88 31.01
N LYS H 339 20.18 41.00 30.46
CA LYS H 339 21.37 41.34 29.71
C LYS H 339 21.35 40.63 28.37
N GLN H 340 22.18 41.10 27.45
CA GLN H 340 22.34 40.46 26.17
C GLN H 340 23.21 39.21 26.33
N SER H 341 23.09 38.29 25.39
CA SER H 341 23.85 37.05 25.45
C SER H 341 25.36 37.33 25.41
N SER H 342 26.12 36.28 25.76
CA SER H 342 27.56 36.40 26.01
C SER H 342 28.40 36.83 24.80
N GLY H 343 27.92 36.69 23.59
CA GLY H 343 28.70 37.09 22.43
C GLY H 343 29.13 35.89 21.61
N GLY H 344 29.21 36.09 20.31
CA GLY H 344 29.53 35.02 19.39
C GLY H 344 28.83 35.21 18.05
N ASP H 345 28.81 34.13 17.28
CA ASP H 345 28.22 34.16 15.95
C ASP H 345 26.74 34.57 16.02
N PRO H 346 26.26 35.42 15.09
CA PRO H 346 24.83 35.82 15.08
C PRO H 346 23.82 34.68 15.19
N GLU H 347 24.18 33.47 14.76
CA GLU H 347 23.24 32.35 14.84
C GLU H 347 22.81 32.06 16.27
N ILE H 348 23.69 32.31 17.25
CA ILE H 348 23.40 32.02 18.64
C ILE H 348 23.16 33.24 19.54
N VAL H 349 23.61 34.45 19.17
CA VAL H 349 23.43 35.63 20.02
C VAL H 349 22.47 36.67 19.49
N MET H 350 21.96 36.53 18.26
CA MET H 350 21.00 37.48 17.72
C MET H 350 19.65 36.81 17.56
N HIS H 351 18.62 37.63 17.38
CA HIS H 351 17.27 37.14 17.15
C HIS H 351 17.16 36.78 15.68
N SER H 352 17.15 35.49 15.38
CA SER H 352 17.10 35.01 14.01
C SER H 352 15.67 34.65 13.65
N PHE H 353 15.24 35.03 12.46
CA PHE H 353 13.92 34.61 11.99
C PHE H 353 13.81 34.79 10.50
N ASN H 354 12.85 34.08 9.90
CA ASN H 354 12.50 34.25 8.50
C ASN H 354 11.31 35.22 8.40
N CYS H 355 11.52 36.39 7.81
CA CYS H 355 10.50 37.42 7.72
C CYS H 355 9.59 37.22 6.51
N GLY H 356 10.17 37.33 5.31
CA GLY H 356 9.45 37.21 4.06
C GLY H 356 10.24 36.42 3.05
N GLY H 357 10.96 35.40 3.53
CA GLY H 357 11.85 34.59 2.75
C GLY H 357 13.31 34.92 2.98
N GLU H 358 13.59 36.06 3.60
CA GLU H 358 14.92 36.49 3.99
C GLU H 358 15.09 36.17 5.45
N PHE H 359 16.32 35.85 5.85
CA PHE H 359 16.63 35.52 7.23
C PHE H 359 17.27 36.73 7.89
N PHE H 360 16.58 37.27 8.89
CA PHE H 360 16.97 38.45 9.62
C PHE H 360 17.68 37.99 10.88
N TYR H 361 18.73 38.72 11.25
CA TYR H 361 19.48 38.51 12.48
C TYR H 361 19.50 39.87 13.18
N CYS H 362 18.56 40.05 14.10
CA CYS H 362 18.31 41.34 14.74
C CYS H 362 18.98 41.42 16.10
N ASN H 363 19.50 42.61 16.41
CA ASN H 363 20.18 42.85 17.68
C ASN H 363 19.14 43.20 18.74
N SER H 364 18.91 42.27 19.65
CA SER H 364 17.87 42.35 20.67
C SER H 364 18.38 42.99 21.97
N THR H 365 19.58 43.55 21.96
CA THR H 365 20.16 44.15 23.16
C THR H 365 19.23 45.19 23.78
N GLN H 366 18.54 45.97 22.95
CA GLN H 366 17.67 47.01 23.49
C GLN H 366 16.47 46.42 24.24
N LEU H 367 16.18 45.14 24.06
CA LEU H 367 15.07 44.48 24.74
C LEU H 367 15.47 43.84 26.05
N PHE H 368 16.73 43.41 26.15
CA PHE H 368 17.24 42.71 27.33
C PHE H 368 18.40 43.48 27.93
N ASN H 369 18.14 44.74 28.32
CA ASN H 369 19.12 45.64 28.92
C ASN H 369 18.38 46.44 30.00
N SER H 370 18.13 45.79 31.15
CA SER H 370 17.36 46.47 32.19
C SER H 370 17.58 45.81 33.55
N THR H 371 17.33 46.59 34.61
CA THR H 371 17.35 46.12 35.98
C THR H 371 16.00 46.42 36.63
N TRP H 372 15.40 45.39 37.24
CA TRP H 372 14.12 45.45 37.90
C TRP H 372 14.26 45.03 39.36
N TYR H 373 13.46 45.67 40.21
CA TYR H 373 13.44 45.38 41.64
C TYR H 373 12.03 45.05 42.10
N ASN H 386 8.94 53.86 20.21
CA ASN H 386 9.37 52.71 19.44
C ASN H 386 10.79 52.27 19.81
N ILE H 387 10.97 50.96 19.84
CA ILE H 387 12.28 50.33 20.00
C ILE H 387 12.61 49.76 18.63
N THR H 388 13.68 50.26 18.01
CA THR H 388 14.09 49.83 16.69
C THR H 388 15.32 48.96 16.84
N LEU H 389 15.22 47.71 16.39
CA LEU H 389 16.29 46.75 16.47
C LEU H 389 17.00 46.70 15.13
N PRO H 390 18.30 46.98 15.03
CA PRO H 390 18.97 46.84 13.73
C PRO H 390 19.05 45.37 13.38
N CYS H 391 18.95 45.07 12.10
CA CYS H 391 19.02 43.69 11.65
C CYS H 391 19.98 43.55 10.48
N ARG H 392 20.62 42.39 10.42
CA ARG H 392 21.47 41.98 9.31
C ARG H 392 20.73 40.90 8.53
N ILE H 393 21.06 40.78 7.25
CA ILE H 393 20.49 39.75 6.39
C ILE H 393 21.61 38.82 5.99
N LYS H 394 21.36 37.51 6.09
CA LYS H 394 22.33 36.49 5.76
C LYS H 394 21.66 35.53 4.79
N GLN H 395 22.27 35.31 3.63
CA GLN H 395 21.69 34.44 2.62
C GLN H 395 22.14 32.99 2.75
N ILE H 396 23.34 32.74 3.27
CA ILE H 396 23.88 31.40 3.43
C ILE H 396 23.74 31.04 4.90
N ILE H 397 22.89 30.06 5.21
CA ILE H 397 22.57 29.69 6.58
C ILE H 397 22.76 28.18 6.72
N ASN H 398 22.90 27.74 7.97
CA ASN H 398 23.03 26.32 8.29
C ASN H 398 22.13 26.03 9.50
N LEU H 399 20.87 25.70 9.23
CA LEU H 399 19.92 25.46 10.30
C LEU H 399 20.20 24.07 10.88
N TRP H 400 20.04 23.93 12.21
CA TRP H 400 20.24 22.67 12.91
C TRP H 400 21.69 22.21 12.91
N GLN H 401 22.62 23.10 12.52
CA GLN H 401 24.07 22.88 12.63
C GLN H 401 24.52 21.56 12.03
N GLU H 402 24.10 21.31 10.79
CA GLU H 402 24.47 20.09 10.11
C GLU H 402 25.92 20.20 9.67
N VAL H 403 26.63 19.07 9.69
CA VAL H 403 28.03 19.06 9.28
C VAL H 403 28.11 18.82 7.78
N GLY H 404 28.78 19.74 7.09
CA GLY H 404 28.99 19.63 5.65
C GLY H 404 27.86 20.11 4.78
N LYS H 405 26.84 20.76 5.34
CA LYS H 405 25.69 21.23 4.56
C LYS H 405 25.33 22.67 4.93
N ALA H 406 24.83 23.40 3.94
CA ALA H 406 24.32 24.74 4.14
C ALA H 406 23.31 25.03 3.05
N MET H 407 22.44 26.02 3.30
CA MET H 407 21.45 26.45 2.34
C MET H 407 21.66 27.91 1.99
N TYR H 408 21.46 28.23 0.72
CA TYR H 408 21.49 29.59 0.21
C TYR H 408 20.05 30.04 -0.05
N ALA H 409 19.66 31.15 0.56
CA ALA H 409 18.32 31.70 0.36
C ALA H 409 18.41 32.74 -0.74
N PRO H 410 17.78 32.53 -1.92
CA PRO H 410 17.95 33.50 -3.00
C PRO H 410 17.29 34.82 -2.63
N PRO H 411 17.79 35.95 -3.13
CA PRO H 411 17.16 37.22 -2.77
C PRO H 411 15.79 37.36 -3.43
N ILE H 412 14.93 38.11 -2.74
CA ILE H 412 13.59 38.42 -3.19
C ILE H 412 13.57 39.89 -3.61
N GLY H 413 13.09 40.15 -4.82
CA GLY H 413 13.07 41.52 -5.32
C GLY H 413 12.00 42.33 -4.62
N GLY H 414 12.10 43.65 -4.78
CA GLY H 414 11.15 44.51 -4.08
C GLY H 414 11.62 44.71 -2.65
N GLN H 415 10.68 45.08 -1.80
CA GLN H 415 10.95 45.35 -0.39
C GLN H 415 10.22 44.28 0.41
N ILE H 416 10.71 44.01 1.63
CA ILE H 416 10.06 43.02 2.49
C ILE H 416 9.53 43.67 3.76
N ARG H 417 8.30 43.34 4.11
CA ARG H 417 7.69 43.76 5.36
C ARG H 417 7.00 42.53 5.93
N CYS H 418 7.04 42.40 7.25
CA CYS H 418 6.28 41.35 7.92
C CYS H 418 5.92 41.88 9.30
N SER H 419 4.91 41.27 9.89
CA SER H 419 4.45 41.63 11.24
C SER H 419 4.17 40.34 11.98
N SER H 420 4.90 40.11 13.06
CA SER H 420 4.76 38.87 13.82
C SER H 420 4.32 39.21 15.23
N ASN H 421 3.74 38.21 15.89
CA ASN H 421 3.30 38.32 17.27
C ASN H 421 4.34 37.65 18.15
N ILE H 422 4.88 38.38 19.11
CA ILE H 422 5.79 37.80 20.09
C ILE H 422 4.89 37.21 21.17
N THR H 423 4.92 35.87 21.28
CA THR H 423 4.07 35.12 22.19
C THR H 423 4.85 34.51 23.35
N GLY H 424 6.17 34.47 23.27
CA GLY H 424 6.95 33.94 24.37
C GLY H 424 8.42 34.24 24.19
N LEU H 425 9.17 33.90 25.23
CA LEU H 425 10.61 34.13 25.31
C LEU H 425 11.34 32.88 25.76
N LEU H 426 12.59 32.74 25.32
CA LEU H 426 13.51 31.75 25.87
C LEU H 426 14.58 32.50 26.65
N LEU H 427 14.66 32.24 27.95
CA LEU H 427 15.65 32.87 28.81
C LEU H 427 16.55 31.80 29.42
N THR H 428 17.80 32.18 29.67
CA THR H 428 18.75 31.35 30.39
C THR H 428 19.25 32.17 31.58
N ARG H 429 19.25 31.56 32.76
CA ARG H 429 19.76 32.21 33.95
C ARG H 429 21.25 31.94 34.04
N ASP H 430 22.03 32.99 34.32
CA ASP H 430 23.47 32.86 34.45
C ASP H 430 23.81 31.83 35.54
N THR H 437 22.92 39.05 45.33
CA THR H 437 21.52 38.65 45.36
C THR H 437 20.79 39.20 44.14
N THR H 438 21.43 39.05 42.97
CA THR H 438 20.88 39.50 41.70
C THR H 438 20.86 38.32 40.74
N GLU H 439 19.72 38.12 40.08
CA GLU H 439 19.55 37.06 39.09
C GLU H 439 19.80 37.67 37.71
N ILE H 440 20.70 37.05 36.94
CA ILE H 440 21.03 37.53 35.61
C ILE H 440 20.39 36.61 34.59
N PHE H 441 19.52 37.17 33.76
CA PHE H 441 18.82 36.44 32.72
C PHE H 441 19.29 36.97 31.37
N ARG H 442 19.51 36.06 30.42
CA ARG H 442 19.93 36.41 29.07
C ARG H 442 19.00 35.74 28.07
N PRO H 443 18.76 36.35 26.91
CA PRO H 443 17.91 35.70 25.91
C PRO H 443 18.61 34.49 25.32
N GLY H 444 17.81 33.52 24.91
CA GLY H 444 18.31 32.33 24.25
C GLY H 444 18.15 31.11 25.13
N GLY H 445 17.89 29.98 24.49
CA GLY H 445 17.66 28.71 25.14
C GLY H 445 18.61 27.66 24.58
N GLY H 446 18.07 26.50 24.28
CA GLY H 446 18.80 25.37 23.74
C GLY H 446 18.55 25.27 22.25
N ASP H 447 18.38 24.05 21.77
CA ASP H 447 18.20 23.86 20.33
C ASP H 447 16.73 24.12 19.97
N MET H 448 16.37 23.83 18.73
CA MET H 448 15.04 24.12 18.22
C MET H 448 13.92 23.42 18.97
N ARG H 449 14.21 22.37 19.75
CA ARG H 449 13.14 21.69 20.47
C ARG H 449 12.45 22.63 21.44
N ASP H 450 13.17 23.60 21.98
CA ASP H 450 12.58 24.53 22.94
C ASP H 450 11.50 25.38 22.29
N ASN H 451 11.51 25.54 20.97
CA ASN H 451 10.49 26.37 20.33
C ASN H 451 9.21 25.59 20.07
N TRP H 452 9.26 24.27 20.25
CA TRP H 452 8.12 23.39 20.01
C TRP H 452 7.56 22.81 21.29
N ARG H 453 8.39 22.69 22.33
CA ARG H 453 7.90 22.25 23.62
C ARG H 453 6.85 23.23 24.12
N SER H 454 7.06 24.52 23.81
CA SER H 454 6.17 25.60 24.23
C SER H 454 4.78 25.44 23.68
N GLU H 455 4.60 24.62 22.64
CA GLU H 455 3.31 24.35 22.05
C GLU H 455 2.82 22.96 22.40
N LEU H 456 3.72 21.99 22.48
CA LEU H 456 3.37 20.60 22.74
C LEU H 456 3.38 20.26 24.23
N TYR H 457 3.71 21.21 25.10
CA TYR H 457 3.80 20.95 26.53
C TYR H 457 2.51 20.38 27.14
N LYS H 458 1.36 20.65 26.54
CA LYS H 458 0.09 20.21 27.12
C LYS H 458 -0.40 18.88 26.56
N TYR H 459 0.34 18.23 25.68
CA TYR H 459 -0.10 16.99 25.05
C TYR H 459 0.82 15.83 25.37
N LYS H 460 0.22 14.64 25.46
CA LYS H 460 0.97 13.40 25.53
C LYS H 460 0.22 12.35 24.70
N VAL H 461 0.96 11.41 24.12
CA VAL H 461 0.38 10.34 23.32
C VAL H 461 0.28 9.09 24.19
N VAL H 462 -0.89 8.46 24.19
CA VAL H 462 -1.11 7.22 24.93
C VAL H 462 -1.69 6.17 24.00
N LYS H 463 -1.43 4.91 24.33
CA LYS H 463 -1.98 3.76 23.62
C LYS H 463 -3.19 3.26 24.39
N ILE H 464 -4.24 2.94 23.64
CA ILE H 464 -5.49 2.46 24.21
C ILE H 464 -5.42 0.95 24.39
N GLU H 465 -5.80 0.47 25.56
CA GLU H 465 -5.74 -0.95 25.92
C GLU H 465 -7.16 -1.39 26.29
N PRO H 466 -8.02 -1.65 25.31
CA PRO H 466 -9.45 -1.87 25.59
C PRO H 466 -9.74 -3.21 26.27
N LEU H 467 -8.78 -4.11 26.33
CA LEU H 467 -8.96 -5.47 26.86
C LEU H 467 -8.44 -5.57 28.29
N GLY H 468 -9.28 -6.09 29.19
CA GLY H 468 -8.90 -6.29 30.58
C GLY H 468 -9.79 -7.33 31.20
N VAL H 469 -9.47 -7.72 32.44
CA VAL H 469 -10.18 -8.78 33.15
C VAL H 469 -10.59 -8.32 34.53
N ALA H 470 -11.59 -9.00 35.10
CA ALA H 470 -12.03 -8.71 36.46
C ALA H 470 -12.79 -9.92 36.99
N PRO H 471 -12.83 -10.09 38.32
CA PRO H 471 -13.65 -11.17 38.90
C PRO H 471 -15.14 -10.84 38.87
N THR H 472 -15.97 -11.87 38.76
CA THR H 472 -17.40 -11.72 39.00
C THR H 472 -17.96 -13.05 39.50
N LYS H 473 -19.29 -13.08 39.69
CA LYS H 473 -19.95 -14.29 40.19
C LYS H 473 -20.22 -15.33 39.12
N CYS H 474 -20.35 -14.93 37.85
CA CYS H 474 -20.68 -15.85 36.78
C CYS H 474 -19.46 -16.51 36.15
N LYS H 475 -19.62 -17.79 35.81
CA LYS H 475 -18.63 -18.61 35.12
C LYS H 475 -19.04 -18.77 33.66
N ARG H 476 -18.25 -19.53 32.89
CA ARG H 476 -18.52 -19.71 31.47
C ARG H 476 -19.90 -20.34 31.24
N ARG H 477 -20.32 -21.24 32.12
CA ARG H 477 -21.63 -21.90 32.03
C ARG H 477 -21.82 -22.58 30.68
N VAL H 478 -20.83 -23.39 30.30
CA VAL H 478 -20.83 -24.11 29.03
C VAL H 478 -22.11 -24.95 28.92
#